data_3QD6
#
_entry.id   3QD6
#
_cell.length_a   133.212
_cell.length_b   133.212
_cell.length_c   211.151
_cell.angle_alpha   90.000
_cell.angle_beta   90.000
_cell.angle_gamma   120.000
#
_symmetry.space_group_name_H-M   'P 65'
#
loop_
_entity.id
_entity.type
_entity.pdbx_description
1 polymer 'CD40 ligand'
2 polymer 'Tumor necrosis factor receptor superfamily member 5'
3 non-polymer 2-acetamido-2-deoxy-beta-D-glucopyranose
#
loop_
_entity_poly.entity_id
_entity_poly.type
_entity_poly.pdbx_seq_one_letter_code
_entity_poly.pdbx_strand_id
1 'polypeptide(L)'
;ADPGDQNPQIAAHVISEASSKTTSVLQWAEKGYYTMSNNLVTLENGKQLTVKRQGLYYIYAQVTFCSNREASSQAPFIAS
LCLKSPGRFERILLRAANTHSSAKPCGQQSIHLGGVFELQPGASVFVNVTDPSQVSHGTGFTSFGLLKL
;
A,B,C,D,E,F
2 'polypeptide(L)'
;EPPTACREKQYLINSQCCSLCQPGQKLVSDCTEFTETECLPCGESEFLDTWNRETHCHQHKYCDPNLGLRVQQKGTSETD
TICTCEEGWHCTSEACESCVLHRSCSPGFGVKQIATGVSDTICEPCPVGFFSNVSSAFEKCHPWTSCETKDLVVQQAGTN
KTDVVCGPQDSGRLVPR
;
R,S,T,U
#
loop_
_chem_comp.id
_chem_comp.type
_chem_comp.name
_chem_comp.formula
NAG D-saccharide, beta linking 2-acetamido-2-deoxy-beta-D-glucopyranose 'C8 H15 N O6'
#
# COMPACT_ATOMS: atom_id res chain seq x y z
N ASN A 7 -21.49 20.75 7.75
CA ASN A 7 -20.53 19.81 8.40
C ASN A 7 -20.59 19.88 9.92
N PRO A 8 -20.41 18.75 10.60
CA PRO A 8 -20.42 18.56 12.06
C PRO A 8 -19.14 18.93 12.83
N GLN A 9 -17.99 18.74 12.19
CA GLN A 9 -16.70 19.01 12.83
C GLN A 9 -16.28 20.48 12.78
N ILE A 10 -15.83 20.97 13.94
CA ILE A 10 -15.39 22.36 14.09
C ILE A 10 -13.89 22.41 13.95
N ALA A 11 -13.40 22.96 12.85
CA ALA A 11 -11.97 23.05 12.62
C ALA A 11 -11.67 24.32 11.84
N ALA A 12 -10.45 24.83 11.97
CA ALA A 12 -10.08 26.04 11.25
C ALA A 12 -8.58 26.18 11.02
N HIS A 13 -8.20 26.59 9.82
CA HIS A 13 -6.79 26.78 9.49
C HIS A 13 -6.70 28.06 8.67
N VAL A 14 -6.07 29.10 9.19
CA VAL A 14 -6.00 30.36 8.49
C VAL A 14 -4.62 30.70 7.98
N ILE A 15 -4.53 31.57 6.99
CA ILE A 15 -3.25 31.97 6.43
C ILE A 15 -2.79 33.34 6.93
N SER A 16 -1.49 33.48 7.21
CA SER A 16 -0.99 34.76 7.69
C SER A 16 -1.10 35.75 6.55
N GLU A 17 -1.19 37.02 6.91
CA GLU A 17 -1.30 38.07 5.92
C GLU A 17 -0.48 39.30 6.26
N ALA A 18 0.01 39.95 5.19
CA ALA A 18 0.80 41.19 5.26
C ALA A 18 0.09 42.19 6.18
N SER A 19 0.50 42.21 7.45
CA SER A 19 -0.10 43.05 8.49
C SER A 19 -0.02 44.55 8.25
N SER A 20 -1.18 45.12 7.92
CA SER A 20 -1.34 46.53 7.64
C SER A 20 -0.18 47.39 8.14
N LYS A 21 0.18 47.18 9.41
CA LYS A 21 1.27 47.88 10.08
C LYS A 21 0.87 48.18 11.52
N THR A 22 1.83 47.98 12.43
CA THR A 22 1.67 48.21 13.87
C THR A 22 0.63 47.31 14.56
N THR A 23 1.00 46.05 14.76
CA THR A 23 0.14 45.06 15.41
C THR A 23 1.02 43.91 15.92
N SER A 24 1.34 43.95 17.21
CA SER A 24 2.16 42.92 17.83
C SER A 24 1.43 41.58 17.70
N VAL A 25 0.14 41.65 17.47
CA VAL A 25 -0.69 40.47 17.29
C VAL A 25 -0.85 40.24 15.78
N LEU A 26 -0.46 39.05 15.32
CA LEU A 26 -0.51 38.72 13.91
C LEU A 26 -1.88 38.79 13.26
N GLN A 27 -1.85 39.04 11.94
CA GLN A 27 -3.03 39.15 11.09
C GLN A 27 -3.21 37.83 10.35
N TRP A 28 -4.45 37.40 10.17
CA TRP A 28 -4.70 36.16 9.45
C TRP A 28 -5.81 36.39 8.45
N ALA A 29 -5.72 35.76 7.29
CA ALA A 29 -6.76 35.93 6.30
C ALA A 29 -7.26 34.61 5.78
N GLU A 30 -8.57 34.53 5.54
CA GLU A 30 -9.20 33.32 5.01
C GLU A 30 -8.93 33.11 3.53
N LYS A 31 -7.68 33.29 3.11
CA LYS A 31 -7.35 33.11 1.70
C LYS A 31 -6.52 31.84 1.56
N GLY A 32 -5.92 31.65 0.39
CA GLY A 32 -5.11 30.48 0.15
C GLY A 32 -5.81 29.16 0.50
N TYR A 33 -5.00 28.16 0.82
CA TYR A 33 -5.53 26.85 1.16
C TYR A 33 -5.97 26.86 2.65
N TYR A 34 -6.95 27.70 2.95
CA TYR A 34 -7.46 27.84 4.32
C TYR A 34 -8.60 26.88 4.58
N THR A 35 -9.09 26.85 5.82
CA THR A 35 -10.21 25.99 6.20
C THR A 35 -10.96 26.60 7.36
N MET A 36 -12.28 26.70 7.21
CA MET A 36 -13.13 27.25 8.25
C MET A 36 -14.43 26.43 8.25
N SER A 37 -14.33 25.25 8.86
CA SER A 37 -15.41 24.27 8.93
C SER A 37 -16.85 24.78 8.97
N ASN A 38 -17.13 25.83 9.75
CA ASN A 38 -18.50 26.35 9.78
C ASN A 38 -18.64 27.56 10.68
N ASN A 39 -19.89 28.03 10.84
CA ASN A 39 -20.15 29.20 11.67
C ASN A 39 -19.93 28.93 13.14
N LEU A 40 -19.15 27.89 13.47
CA LEU A 40 -18.85 27.56 14.87
C LEU A 40 -17.42 27.98 15.22
N VAL A 41 -16.75 28.59 14.24
CA VAL A 41 -15.40 29.12 14.36
C VAL A 41 -15.28 30.24 13.35
N THR A 42 -15.10 31.46 13.85
CA THR A 42 -15.01 32.63 12.99
C THR A 42 -13.67 33.35 13.16
N LEU A 43 -13.32 34.21 12.22
CA LEU A 43 -12.08 34.92 12.35
C LEU A 43 -12.39 36.35 12.72
N GLU A 44 -12.69 36.58 14.00
CA GLU A 44 -13.02 37.91 14.49
C GLU A 44 -11.97 38.97 14.22
N ASN A 45 -12.36 40.01 13.49
CA ASN A 45 -11.45 41.12 13.25
C ASN A 45 -10.15 40.70 12.57
N GLY A 46 -10.18 39.58 11.86
CA GLY A 46 -8.98 39.11 11.19
C GLY A 46 -7.74 39.03 12.07
N LYS A 47 -7.93 39.04 13.39
CA LYS A 47 -6.79 38.96 14.29
C LYS A 47 -6.88 37.74 15.18
N GLN A 48 -8.09 37.17 15.32
CA GLN A 48 -8.24 36.00 16.18
C GLN A 48 -9.36 35.04 15.81
N LEU A 49 -9.24 33.80 16.27
CA LEU A 49 -10.23 32.76 16.02
C LEU A 49 -11.08 32.71 17.26
N THR A 50 -12.39 32.62 17.07
CA THR A 50 -13.32 32.57 18.19
C THR A 50 -14.31 31.42 18.08
N VAL A 51 -14.15 30.40 18.92
CA VAL A 51 -15.01 29.24 18.90
C VAL A 51 -16.34 29.54 19.59
N LYS A 52 -17.41 28.91 19.12
CA LYS A 52 -18.72 29.16 19.70
C LYS A 52 -19.16 28.09 20.69
N ARG A 53 -18.89 26.84 20.36
CA ARG A 53 -19.28 25.76 21.25
C ARG A 53 -18.14 25.37 22.18
N GLN A 54 -18.39 25.51 23.48
CA GLN A 54 -17.41 25.19 24.51
C GLN A 54 -16.92 23.77 24.34
N GLY A 55 -15.64 23.55 24.56
CA GLY A 55 -15.12 22.21 24.42
C GLY A 55 -13.63 22.06 24.60
N LEU A 56 -13.11 20.93 24.15
CA LEU A 56 -11.70 20.67 24.26
C LEU A 56 -11.20 20.72 22.83
N TYR A 57 -10.39 21.72 22.51
CA TYR A 57 -9.85 21.88 21.17
C TYR A 57 -8.37 21.68 21.16
N TYR A 58 -7.80 21.46 19.98
CA TYR A 58 -6.36 21.32 19.85
C TYR A 58 -6.00 22.51 19.00
N ILE A 59 -5.35 23.51 19.58
CA ILE A 59 -5.01 24.67 18.77
C ILE A 59 -3.52 24.69 18.44
N TYR A 60 -3.16 25.32 17.33
CA TYR A 60 -1.77 25.35 16.92
C TYR A 60 -1.48 26.59 16.09
N ALA A 61 -0.20 26.81 15.81
CA ALA A 61 0.19 27.96 15.00
C ALA A 61 1.68 27.87 14.72
N GLN A 62 2.06 28.22 13.50
CA GLN A 62 3.47 28.19 13.12
C GLN A 62 3.84 29.57 12.65
N VAL A 63 4.91 30.13 13.20
CA VAL A 63 5.34 31.46 12.78
C VAL A 63 6.76 31.41 12.27
N THR A 64 6.96 31.88 11.05
CA THR A 64 8.27 31.90 10.43
C THR A 64 8.74 33.35 10.38
N PHE A 65 9.96 33.61 10.81
CA PHE A 65 10.48 34.97 10.79
C PHE A 65 11.94 34.87 10.37
N CYS A 66 12.58 36.00 10.11
CA CYS A 66 14.01 35.97 9.78
C CYS A 66 14.66 37.23 10.37
N SER A 67 15.89 37.06 10.83
CA SER A 67 16.67 38.14 11.44
C SER A 67 18.00 37.58 11.89
N PRO A 76 15.56 37.73 21.26
CA PRO A 76 15.14 36.33 21.26
C PRO A 76 13.67 36.25 20.87
N PHE A 77 13.40 36.25 19.55
CA PHE A 77 12.04 36.22 18.99
C PHE A 77 11.08 35.21 19.66
N ILE A 78 9.94 35.70 20.15
CA ILE A 78 8.98 34.84 20.85
C ILE A 78 7.55 34.94 20.36
N ALA A 79 7.04 33.80 19.86
CA ALA A 79 5.66 33.71 19.38
C ALA A 79 4.84 33.19 20.55
N SER A 80 3.95 34.02 21.08
CA SER A 80 3.12 33.60 22.20
C SER A 80 1.71 33.36 21.69
N LEU A 81 1.00 32.40 22.27
CA LEU A 81 -0.37 32.11 21.88
C LEU A 81 -1.32 32.58 22.97
N CYS A 82 -1.31 33.88 23.30
CA CYS A 82 -2.17 34.44 24.36
C CYS A 82 -3.70 34.06 23.99
N LEU A 83 -4.50 33.67 25.01
CA LEU A 83 -5.93 33.29 24.85
C LEU A 83 -6.82 34.25 25.61
N LYS A 84 -7.91 34.65 24.98
CA LYS A 84 -8.87 35.56 25.59
C LYS A 84 -10.27 34.97 25.68
N SER A 85 -10.71 34.69 26.91
CA SER A 85 -12.03 34.14 27.15
C SER A 85 -12.95 35.21 27.74
N PRO A 86 -14.27 35.07 27.54
CA PRO A 86 -15.22 36.05 28.06
C PRO A 86 -15.26 36.08 29.60
N GLY A 87 -15.09 37.28 30.15
CA GLY A 87 -15.10 37.44 31.59
C GLY A 87 -13.81 37.09 32.29
N ARG A 88 -12.73 36.92 31.53
CA ARG A 88 -11.43 36.58 32.11
C ARG A 88 -10.32 37.36 31.41
N PHE A 89 -9.34 37.84 32.16
CA PHE A 89 -8.23 38.57 31.56
C PHE A 89 -7.55 37.59 30.62
N GLU A 90 -7.08 38.09 29.48
CA GLU A 90 -6.44 37.21 28.52
C GLU A 90 -5.19 36.64 29.17
N ARG A 91 -4.75 35.47 28.73
CA ARG A 91 -3.56 34.88 29.32
C ARG A 91 -2.48 34.40 28.36
N ILE A 92 -1.98 33.19 28.62
CA ILE A 92 -0.92 32.55 27.83
C ILE A 92 -1.09 31.04 27.70
N LEU A 93 -1.47 30.56 26.53
CA LEU A 93 -1.60 29.14 26.40
C LEU A 93 -0.19 28.57 26.22
N LEU A 94 0.50 28.98 25.16
CA LEU A 94 1.87 28.54 24.85
C LEU A 94 2.72 29.70 24.40
N ARG A 95 4.03 29.49 24.45
CA ARG A 95 4.98 30.49 24.00
C ARG A 95 6.20 29.74 23.55
N ALA A 96 6.61 30.00 22.32
CA ALA A 96 7.77 29.34 21.74
C ALA A 96 8.80 30.40 21.45
N ALA A 97 10.03 30.16 21.92
CA ALA A 97 11.11 31.11 21.74
C ALA A 97 12.05 30.66 20.64
N ASN A 98 12.75 31.61 20.04
CA ASN A 98 13.71 31.27 19.03
C ASN A 98 14.83 32.24 18.94
N THR A 99 16.02 31.68 18.86
CA THR A 99 17.25 32.41 18.82
C THR A 99 17.49 33.07 17.47
N HIS A 100 17.85 34.35 17.51
CA HIS A 100 18.11 35.07 16.28
C HIS A 100 19.27 34.36 15.58
N SER A 101 19.09 34.07 14.31
CA SER A 101 20.12 33.39 13.54
C SER A 101 20.96 34.44 12.84
N SER A 102 22.25 34.46 13.11
CA SER A 102 23.10 35.44 12.44
C SER A 102 23.45 34.89 11.06
N ALA A 103 22.62 35.25 10.07
CA ALA A 103 22.80 34.82 8.70
C ALA A 103 23.15 36.03 7.86
N LYS A 104 23.53 35.79 6.61
CA LYS A 104 23.88 36.89 5.71
C LYS A 104 22.74 37.92 5.79
N PRO A 105 21.69 37.82 4.93
CA PRO A 105 20.69 38.86 5.14
C PRO A 105 20.01 38.72 6.52
N CYS A 106 19.62 37.50 6.92
CA CYS A 106 18.95 37.31 8.21
C CYS A 106 18.70 35.84 8.60
N GLY A 107 18.41 35.00 7.61
CA GLY A 107 18.15 33.60 7.93
C GLY A 107 16.76 33.32 8.46
N GLN A 108 15.97 32.61 7.67
CA GLN A 108 14.61 32.25 8.02
C GLN A 108 14.55 31.16 9.09
N GLN A 109 13.61 31.29 10.01
CA GLN A 109 13.43 30.35 11.11
C GLN A 109 11.95 30.16 11.34
N SER A 110 11.54 28.93 11.62
CA SER A 110 10.13 28.65 11.88
C SER A 110 9.90 28.23 13.32
N ILE A 111 8.70 28.48 13.82
CA ILE A 111 8.37 28.11 15.20
C ILE A 111 6.99 27.48 15.22
N HIS A 112 6.82 26.36 15.93
CA HIS A 112 5.53 25.69 15.95
C HIS A 112 4.96 25.53 17.36
N LEU A 113 3.68 25.88 17.52
CA LEU A 113 3.01 25.75 18.82
C LEU A 113 1.80 24.85 18.65
N GLY A 114 1.51 24.08 19.69
CA GLY A 114 0.35 23.21 19.65
C GLY A 114 0.04 22.55 20.98
N GLY A 115 -1.22 22.56 21.37
CA GLY A 115 -1.60 21.93 22.61
C GLY A 115 -3.08 21.70 22.71
N VAL A 116 -3.51 20.95 23.72
CA VAL A 116 -4.93 20.69 23.93
C VAL A 116 -5.43 21.60 25.03
N PHE A 117 -6.43 22.43 24.74
CA PHE A 117 -6.97 23.36 25.73
C PHE A 117 -8.49 23.41 25.84
N GLU A 118 -8.99 23.77 27.02
CA GLU A 118 -10.42 23.84 27.25
C GLU A 118 -10.92 25.23 26.89
N LEU A 119 -11.70 25.32 25.83
CA LEU A 119 -12.25 26.60 25.41
C LEU A 119 -13.75 26.71 25.67
N GLN A 120 -14.16 27.81 26.29
CA GLN A 120 -15.57 28.04 26.58
C GLN A 120 -16.08 28.93 25.43
N PRO A 121 -17.40 28.94 25.18
CA PRO A 121 -18.03 29.72 24.12
C PRO A 121 -17.64 31.18 24.12
N GLY A 122 -17.39 31.71 22.94
CA GLY A 122 -17.02 33.11 22.83
C GLY A 122 -15.55 33.41 23.11
N ALA A 123 -14.80 32.37 23.46
CA ALA A 123 -13.38 32.52 23.74
C ALA A 123 -12.64 32.66 22.42
N SER A 124 -11.58 33.45 22.44
CA SER A 124 -10.77 33.71 21.27
C SER A 124 -9.33 33.33 21.50
N VAL A 125 -8.64 32.92 20.45
CA VAL A 125 -7.23 32.60 20.58
C VAL A 125 -6.48 33.45 19.57
N PHE A 126 -5.23 33.79 19.87
CA PHE A 126 -4.46 34.59 18.94
C PHE A 126 -2.97 34.49 19.20
N VAL A 127 -2.21 34.69 18.11
CA VAL A 127 -0.76 34.61 18.14
C VAL A 127 -0.23 36.01 18.26
N ASN A 128 0.67 36.21 19.20
CA ASN A 128 1.28 37.50 19.47
C ASN A 128 2.79 37.35 19.47
N VAL A 129 3.47 37.99 18.51
CA VAL A 129 4.92 37.88 18.43
C VAL A 129 5.64 39.14 18.88
N THR A 130 6.92 39.01 19.15
CA THR A 130 7.71 40.14 19.61
C THR A 130 8.15 41.10 18.51
N ASP A 131 8.40 40.58 17.31
CA ASP A 131 8.85 41.36 16.14
C ASP A 131 7.91 41.12 14.96
N PRO A 132 6.69 41.67 14.99
CA PRO A 132 5.83 41.41 13.85
C PRO A 132 6.35 41.85 12.49
N SER A 133 7.40 42.65 12.47
CA SER A 133 7.92 43.10 11.18
C SER A 133 8.93 42.12 10.61
N GLN A 134 9.04 40.94 11.20
CA GLN A 134 9.97 39.92 10.73
C GLN A 134 9.27 38.67 10.23
N VAL A 135 8.11 38.37 10.82
CA VAL A 135 7.36 37.21 10.39
C VAL A 135 7.24 37.21 8.86
N SER A 136 7.75 36.17 8.23
CA SER A 136 7.71 36.06 6.79
C SER A 136 6.32 35.54 6.40
N HIS A 137 5.70 36.16 5.39
CA HIS A 137 4.36 35.78 4.94
C HIS A 137 4.30 34.93 3.69
N GLY A 138 5.46 34.48 3.21
CA GLY A 138 5.48 33.67 2.00
C GLY A 138 4.50 32.52 2.08
N THR A 139 3.96 32.11 0.93
CA THR A 139 2.99 31.01 0.93
C THR A 139 3.38 29.81 1.76
N GLY A 140 2.55 29.52 2.76
CA GLY A 140 2.77 28.37 3.61
C GLY A 140 3.78 28.46 4.73
N PHE A 141 4.31 29.66 4.96
CA PHE A 141 5.30 29.86 6.03
C PHE A 141 4.65 30.10 7.39
N THR A 142 3.61 30.92 7.42
CA THR A 142 2.96 31.23 8.68
C THR A 142 1.48 30.98 8.73
N SER A 143 1.08 30.00 9.52
CA SER A 143 -0.33 29.68 9.62
C SER A 143 -0.85 29.66 11.06
N PHE A 144 -2.13 29.39 11.20
CA PHE A 144 -2.75 29.38 12.51
C PHE A 144 -4.05 28.58 12.39
N GLY A 145 -4.31 27.71 13.36
CA GLY A 145 -5.51 26.91 13.29
C GLY A 145 -5.85 26.14 14.55
N LEU A 146 -7.03 25.54 14.57
CA LEU A 146 -7.51 24.76 15.69
C LEU A 146 -8.49 23.72 15.19
N LEU A 147 -8.80 22.76 16.04
CA LEU A 147 -9.73 21.69 15.70
C LEU A 147 -10.32 21.19 17.00
N LYS A 148 -11.60 20.84 17.01
CA LYS A 148 -12.23 20.38 18.25
C LYS A 148 -12.18 18.88 18.47
N LEU A 149 -11.65 18.48 19.62
CA LEU A 149 -11.57 17.05 19.97
C LEU A 149 -12.98 16.60 20.35
N ASN B 7 -10.80 -1.26 10.75
CA ASN B 7 -10.84 -0.09 11.68
C ASN B 7 -11.62 1.09 11.09
N PRO B 8 -12.23 1.90 11.96
CA PRO B 8 -13.00 3.06 11.49
C PRO B 8 -12.21 4.37 11.28
N GLN B 9 -11.20 4.61 12.11
CA GLN B 9 -10.42 5.84 12.03
C GLN B 9 -9.28 5.75 11.04
N ILE B 10 -9.14 6.77 10.22
CA ILE B 10 -8.09 6.85 9.19
C ILE B 10 -6.95 7.68 9.71
N ALA B 11 -5.78 7.08 9.91
CA ALA B 11 -4.62 7.79 10.42
C ALA B 11 -3.36 7.10 9.90
N ALA B 12 -2.23 7.80 9.92
CA ALA B 12 -0.98 7.19 9.43
C ALA B 12 0.28 7.91 9.89
N HIS B 13 1.28 7.15 10.30
CA HIS B 13 2.54 7.72 10.75
C HIS B 13 3.65 6.87 10.14
N VAL B 14 4.45 7.46 9.25
CA VAL B 14 5.50 6.69 8.60
C VAL B 14 6.91 7.16 8.97
N ILE B 15 7.86 6.24 8.92
CA ILE B 15 9.25 6.52 9.27
C ILE B 15 10.08 6.93 8.07
N SER B 16 10.97 7.90 8.27
CA SER B 16 11.85 8.35 7.19
C SER B 16 12.83 7.25 6.90
N GLU B 17 13.34 7.23 5.68
CA GLU B 17 14.32 6.23 5.29
C GLU B 17 15.28 6.86 4.31
N ALA B 18 16.53 6.46 4.34
CA ALA B 18 17.49 7.02 3.40
C ALA B 18 16.94 6.78 2.01
N SER B 19 17.59 7.33 1.00
CA SER B 19 17.13 7.15 -0.37
C SER B 19 18.30 6.88 -1.30
N SER B 20 18.10 6.00 -2.27
CA SER B 20 19.17 5.72 -3.22
C SER B 20 19.12 6.70 -4.37
N LYS B 21 17.93 7.15 -4.72
CA LYS B 21 17.76 8.14 -5.78
C LYS B 21 18.28 9.46 -5.20
N THR B 22 18.26 10.52 -5.99
CA THR B 22 18.75 11.83 -5.56
C THR B 22 17.69 12.90 -5.24
N THR B 23 16.42 12.62 -5.59
CA THR B 23 15.34 13.56 -5.39
C THR B 23 15.32 14.24 -4.03
N SER B 24 14.69 15.42 -3.99
CA SER B 24 14.57 16.19 -2.78
C SER B 24 13.27 15.79 -2.06
N VAL B 25 12.56 14.86 -2.66
CA VAL B 25 11.33 14.35 -2.08
C VAL B 25 11.70 13.23 -1.12
N LEU B 26 11.47 13.44 0.16
CA LEU B 26 11.81 12.45 1.16
C LEU B 26 11.12 11.10 1.03
N GLN B 27 11.86 10.04 1.39
CA GLN B 27 11.38 8.65 1.35
C GLN B 27 10.85 8.23 2.70
N TRP B 28 9.78 7.44 2.70
CA TRP B 28 9.19 6.96 3.95
C TRP B 28 8.91 5.47 3.87
N ALA B 29 9.21 4.76 4.95
CA ALA B 29 8.97 3.34 4.98
C ALA B 29 8.09 2.95 6.15
N GLU B 30 7.23 1.95 5.93
CA GLU B 30 6.33 1.45 6.95
C GLU B 30 7.00 0.56 7.99
N LYS B 31 8.24 0.88 8.34
CA LYS B 31 8.98 0.10 9.35
C LYS B 31 8.91 0.76 10.73
N GLY B 32 9.70 0.25 11.66
CA GLY B 32 9.69 0.79 13.01
C GLY B 32 8.32 0.89 13.66
N TYR B 33 8.17 1.87 14.54
CA TYR B 33 6.90 2.11 15.24
C TYR B 33 6.01 2.95 14.33
N TYR B 34 5.66 2.40 13.18
CA TYR B 34 4.83 3.10 12.22
C TYR B 34 3.35 2.86 12.48
N THR B 35 2.50 3.45 11.66
CA THR B 35 1.06 3.28 11.81
C THR B 35 0.40 3.55 10.49
N MET B 36 -0.52 2.68 10.13
CA MET B 36 -1.27 2.79 8.88
C MET B 36 -2.62 2.16 9.19
N SER B 37 -3.53 2.94 9.75
CA SER B 37 -4.85 2.48 10.16
C SER B 37 -5.62 1.53 9.25
N ASN B 38 -5.55 1.73 7.94
CA ASN B 38 -6.27 0.82 7.03
C ASN B 38 -6.10 1.15 5.56
N ASN B 39 -6.78 0.39 4.71
CA ASN B 39 -6.71 0.59 3.28
C ASN B 39 -7.34 1.88 2.79
N LEU B 40 -7.39 2.88 3.67
CA LEU B 40 -7.94 4.17 3.30
C LEU B 40 -6.82 5.22 3.26
N VAL B 41 -5.61 4.78 3.60
CA VAL B 41 -4.41 5.62 3.57
C VAL B 41 -3.26 4.68 3.23
N THR B 42 -2.69 4.85 2.05
CA THR B 42 -1.59 3.99 1.63
C THR B 42 -0.32 4.78 1.45
N LEU B 43 0.81 4.11 1.30
CA LEU B 43 2.06 4.83 1.12
C LEU B 43 2.52 4.63 -0.32
N GLU B 44 1.86 5.32 -1.26
CA GLU B 44 2.17 5.22 -2.68
C GLU B 44 3.66 5.37 -3.01
N ASN B 45 4.20 4.38 -3.70
CA ASN B 45 5.58 4.44 -4.17
C ASN B 45 6.57 4.82 -3.06
N GLY B 46 6.16 4.68 -1.81
CA GLY B 46 7.05 5.01 -0.71
C GLY B 46 7.55 6.46 -0.69
N LYS B 47 6.82 7.34 -1.36
CA LYS B 47 7.19 8.74 -1.42
C LYS B 47 6.10 9.69 -0.92
N GLN B 48 4.86 9.20 -0.80
CA GLN B 48 3.79 10.05 -0.34
C GLN B 48 2.63 9.25 0.20
N LEU B 49 1.81 9.91 1.01
CA LEU B 49 0.63 9.30 1.61
C LEU B 49 -0.57 9.68 0.78
N THR B 50 -1.45 8.74 0.49
CA THR B 50 -2.62 9.02 -0.31
C THR B 50 -3.91 8.55 0.35
N VAL B 51 -4.77 9.49 0.72
CA VAL B 51 -6.01 9.15 1.37
C VAL B 51 -7.04 8.81 0.30
N LYS B 52 -8.02 7.99 0.64
CA LYS B 52 -9.05 7.60 -0.31
C LYS B 52 -10.38 8.29 -0.09
N ARG B 53 -10.74 8.47 1.18
CA ARG B 53 -12.00 9.13 1.52
C ARG B 53 -11.77 10.61 1.75
N GLN B 54 -12.55 11.41 1.04
CA GLN B 54 -12.46 12.85 1.09
C GLN B 54 -12.83 13.31 2.47
N GLY B 55 -12.12 14.32 2.97
CA GLY B 55 -12.42 14.82 4.29
C GLY B 55 -11.55 15.95 4.79
N LEU B 56 -11.51 16.11 6.09
CA LEU B 56 -10.73 17.14 6.70
C LEU B 56 -9.71 16.42 7.57
N TYR B 57 -8.45 16.39 7.13
CA TYR B 57 -7.39 15.73 7.89
C TYR B 57 -6.46 16.69 8.59
N TYR B 58 -5.65 16.17 9.50
CA TYR B 58 -4.65 16.99 10.16
C TYR B 58 -3.39 16.29 9.69
N ILE B 59 -2.56 16.96 8.91
CA ILE B 59 -1.33 16.31 8.46
C ILE B 59 -0.12 16.97 9.10
N TYR B 60 0.96 16.21 9.26
CA TYR B 60 2.14 16.71 9.93
C TYR B 60 3.38 16.00 9.45
N ALA B 61 4.55 16.51 9.84
CA ALA B 61 5.80 15.87 9.44
C ALA B 61 6.92 16.63 10.10
N GLN B 62 7.89 15.87 10.62
CA GLN B 62 9.06 16.44 11.30
C GLN B 62 10.29 16.03 10.56
N VAL B 63 11.14 16.99 10.24
CA VAL B 63 12.35 16.68 9.51
C VAL B 63 13.54 17.16 10.29
N THR B 64 14.48 16.26 10.56
CA THR B 64 15.69 16.59 11.30
C THR B 64 16.87 16.48 10.36
N PHE B 65 17.63 17.55 10.20
CA PHE B 65 18.79 17.53 9.30
C PHE B 65 20.03 17.97 10.06
N CYS B 66 21.20 17.60 9.58
CA CYS B 66 22.46 17.98 10.26
C CYS B 66 23.39 18.78 9.32
N SER B 67 23.31 20.10 9.42
CA SER B 67 24.11 20.98 8.59
C SER B 67 25.60 20.79 8.81
N PRO B 76 19.76 27.64 3.36
CA PRO B 76 18.61 27.97 4.20
C PRO B 76 17.54 26.86 4.27
N PHE B 77 17.94 25.66 4.67
CA PHE B 77 17.11 24.46 4.76
C PHE B 77 15.61 24.65 4.89
N ILE B 78 14.85 24.17 3.90
CA ILE B 78 13.39 24.31 3.90
C ILE B 78 12.58 23.04 3.59
N ALA B 79 11.85 22.55 4.59
CA ALA B 79 11.00 21.38 4.44
C ALA B 79 9.62 21.86 4.04
N SER B 80 9.21 21.54 2.82
CA SER B 80 7.91 21.95 2.33
C SER B 80 6.98 20.74 2.32
N LEU B 81 5.68 20.99 2.43
CA LEU B 81 4.70 19.90 2.43
C LEU B 81 3.78 20.05 1.22
N CYS B 82 4.38 20.17 0.02
CA CYS B 82 3.62 20.37 -1.24
C CYS B 82 2.51 19.21 -1.26
N LEU B 83 1.26 19.54 -1.68
CA LEU B 83 0.14 18.56 -1.79
C LEU B 83 -0.31 18.33 -3.24
N LYS B 84 -0.49 17.07 -3.60
CA LYS B 84 -0.90 16.75 -4.95
C LYS B 84 -2.28 16.13 -4.99
N SER B 85 -3.23 16.87 -5.55
CA SER B 85 -4.61 16.41 -5.69
C SER B 85 -4.95 16.03 -7.14
N PRO B 86 -5.91 15.13 -7.33
CA PRO B 86 -6.28 14.72 -8.68
C PRO B 86 -6.91 15.83 -9.46
N GLY B 87 -6.32 16.10 -10.62
CA GLY B 87 -6.84 17.14 -11.47
C GLY B 87 -6.44 18.56 -11.11
N ARG B 88 -5.45 18.69 -10.23
CA ARG B 88 -4.99 20.02 -9.85
C ARG B 88 -3.49 19.97 -9.72
N PHE B 89 -2.82 21.06 -10.13
CA PHE B 89 -1.37 21.14 -10.05
C PHE B 89 -0.99 21.05 -8.57
N GLU B 90 0.01 20.25 -8.26
CA GLU B 90 0.41 20.13 -6.87
C GLU B 90 0.68 21.53 -6.36
N ARG B 91 0.61 21.74 -5.05
CA ARG B 91 0.87 23.06 -4.50
C ARG B 91 1.78 23.12 -3.27
N ILE B 92 1.30 23.83 -2.25
CA ILE B 92 2.05 24.02 -1.00
C ILE B 92 1.14 24.12 0.19
N LEU B 93 1.17 23.12 1.06
CA LEU B 93 0.34 23.21 2.26
C LEU B 93 1.12 24.02 3.28
N LEU B 94 2.33 23.60 3.61
CA LEU B 94 3.18 24.32 4.56
C LEU B 94 4.62 24.25 4.13
N ARG B 95 5.43 25.10 4.74
CA ARG B 95 6.86 25.14 4.50
C ARG B 95 7.46 25.72 5.76
N ALA B 96 8.50 25.07 6.27
CA ALA B 96 9.16 25.51 7.47
C ALA B 96 10.62 25.71 7.12
N ALA B 97 11.16 26.85 7.50
CA ALA B 97 12.55 27.16 7.20
C ALA B 97 13.45 26.96 8.41
N ASN B 98 14.75 27.00 8.19
CA ASN B 98 15.72 26.86 9.25
C ASN B 98 17.09 27.32 8.74
N THR B 99 17.83 28.00 9.60
CA THR B 99 19.13 28.49 9.22
C THR B 99 20.26 27.59 9.73
N HIS B 100 21.17 27.26 8.80
CA HIS B 100 22.34 26.39 9.04
C HIS B 100 23.30 26.93 10.08
N SER B 101 23.35 26.27 11.23
CA SER B 101 24.23 26.67 12.32
C SER B 101 25.43 25.75 12.39
N SER B 102 26.57 26.28 12.83
CA SER B 102 27.79 25.48 12.92
C SER B 102 27.82 24.61 14.18
N ALA B 103 28.59 23.52 14.10
CA ALA B 103 28.75 22.57 15.20
C ALA B 103 29.83 21.57 14.82
N LYS B 104 30.32 20.81 15.81
CA LYS B 104 31.37 19.81 15.62
C LYS B 104 31.21 19.17 14.23
N PRO B 105 30.52 18.00 14.11
CA PRO B 105 30.45 17.52 12.73
C PRO B 105 29.52 18.34 11.82
N CYS B 106 28.26 18.50 12.24
CA CYS B 106 27.29 19.23 11.43
C CYS B 106 26.15 19.86 12.22
N GLY B 107 26.02 19.51 13.49
CA GLY B 107 24.93 20.06 14.29
C GLY B 107 23.55 19.66 13.81
N GLN B 108 22.73 19.13 14.71
CA GLN B 108 21.39 18.70 14.34
C GLN B 108 20.31 19.74 14.55
N GLN B 109 19.26 19.67 13.73
CA GLN B 109 18.15 20.59 13.82
C GLN B 109 16.88 19.88 13.36
N SER B 110 15.78 20.10 14.07
CA SER B 110 14.52 19.47 13.73
C SER B 110 13.54 20.54 13.29
N ILE B 111 12.59 20.16 12.46
CA ILE B 111 11.59 21.08 11.97
C ILE B 111 10.25 20.34 12.04
N HIS B 112 9.20 21.01 12.52
CA HIS B 112 7.92 20.35 12.62
C HIS B 112 6.84 21.09 11.84
N LEU B 113 6.05 20.34 11.07
CA LEU B 113 4.96 20.89 10.27
C LEU B 113 3.67 20.21 10.63
N GLY B 114 2.58 20.97 10.58
CA GLY B 114 1.29 20.41 10.88
C GLY B 114 0.17 21.41 10.70
N GLY B 115 -0.94 20.96 10.13
CA GLY B 115 -2.08 21.83 9.93
C GLY B 115 -3.31 21.06 9.49
N VAL B 116 -4.48 21.70 9.56
CA VAL B 116 -5.71 21.04 9.15
C VAL B 116 -6.03 21.38 7.69
N PHE B 117 -6.17 20.36 6.83
CA PHE B 117 -6.46 20.60 5.42
C PHE B 117 -7.57 19.73 4.81
N GLU B 118 -8.25 20.25 3.79
CA GLU B 118 -9.32 19.50 3.19
C GLU B 118 -8.70 18.68 2.07
N LEU B 119 -8.80 17.36 2.18
CA LEU B 119 -8.26 16.45 1.18
C LEU B 119 -9.40 15.76 0.46
N GLN B 120 -9.31 15.66 -0.85
CA GLN B 120 -10.34 14.99 -1.64
C GLN B 120 -9.73 13.62 -1.98
N PRO B 121 -10.57 12.63 -2.28
CA PRO B 121 -10.12 11.27 -2.62
C PRO B 121 -9.00 11.22 -3.61
N GLY B 122 -8.07 10.29 -3.41
CA GLY B 122 -6.96 10.15 -4.34
C GLY B 122 -5.90 11.21 -4.22
N ALA B 123 -6.07 12.12 -3.27
CA ALA B 123 -5.11 13.19 -3.06
C ALA B 123 -3.91 12.64 -2.27
N SER B 124 -2.72 13.15 -2.56
CA SER B 124 -1.51 12.68 -1.90
C SER B 124 -0.76 13.85 -1.32
N VAL B 125 -0.02 13.61 -0.25
CA VAL B 125 0.75 14.66 0.38
C VAL B 125 2.18 14.16 0.46
N PHE B 126 3.13 15.07 0.49
CA PHE B 126 4.52 14.67 0.60
C PHE B 126 5.40 15.80 1.08
N VAL B 127 6.49 15.43 1.73
CA VAL B 127 7.44 16.39 2.24
C VAL B 127 8.50 16.51 1.17
N ASN B 128 9.01 17.73 0.98
CA ASN B 128 10.03 17.99 -0.03
C ASN B 128 11.03 18.96 0.57
N VAL B 129 12.23 18.48 0.82
CA VAL B 129 13.26 19.33 1.40
C VAL B 129 14.26 19.86 0.38
N THR B 130 15.08 20.81 0.80
CA THR B 130 16.05 21.42 -0.08
C THR B 130 17.36 20.66 -0.17
N ASP B 131 17.74 20.01 0.92
CA ASP B 131 18.99 19.24 0.96
C ASP B 131 18.70 17.82 1.42
N PRO B 132 18.04 16.99 0.59
CA PRO B 132 17.77 15.65 1.09
C PRO B 132 18.98 14.87 1.58
N SER B 133 20.18 15.33 1.23
CA SER B 133 21.36 14.61 1.68
C SER B 133 21.83 14.97 3.09
N GLN B 134 21.00 15.67 3.86
CA GLN B 134 21.34 16.08 5.24
C GLN B 134 20.33 15.55 6.25
N VAL B 135 19.12 15.26 5.78
CA VAL B 135 18.09 14.74 6.66
C VAL B 135 18.61 13.50 7.40
N SER B 136 18.71 13.63 8.72
CA SER B 136 19.17 12.55 9.58
C SER B 136 18.06 11.54 9.72
N HIS B 137 18.37 10.28 9.45
CA HIS B 137 17.37 9.21 9.51
C HIS B 137 17.39 8.39 10.79
N GLY B 138 18.18 8.83 11.76
CA GLY B 138 18.25 8.10 13.02
C GLY B 138 16.87 7.81 13.59
N THR B 139 16.75 6.68 14.30
CA THR B 139 15.47 6.28 14.88
C THR B 139 14.69 7.39 15.55
N GLY B 140 13.52 7.69 14.98
CA GLY B 140 12.65 8.69 15.57
C GLY B 140 12.94 10.15 15.33
N PHE B 141 13.89 10.44 14.46
CA PHE B 141 14.22 11.81 14.17
C PHE B 141 13.30 12.40 13.13
N THR B 142 13.09 11.67 12.04
CA THR B 142 12.25 12.15 10.95
C THR B 142 11.05 11.28 10.62
N SER B 143 9.85 11.82 10.83
CA SER B 143 8.62 11.10 10.56
C SER B 143 7.65 11.88 9.69
N PHE B 144 6.53 11.26 9.34
CA PHE B 144 5.55 11.91 8.47
C PHE B 144 4.21 11.20 8.66
N GLY B 145 3.13 11.97 8.79
CA GLY B 145 1.85 11.33 9.01
C GLY B 145 0.66 12.24 8.93
N LEU B 146 -0.53 11.67 9.09
CA LEU B 146 -1.79 12.40 9.01
C LEU B 146 -2.88 11.64 9.76
N LEU B 147 -3.97 12.32 10.10
CA LEU B 147 -5.06 11.66 10.78
C LEU B 147 -6.34 12.33 10.33
N LYS B 148 -7.43 11.59 10.18
CA LYS B 148 -8.66 12.21 9.73
C LYS B 148 -9.56 12.71 10.84
N LEU B 149 -9.93 13.99 10.80
CA LEU B 149 -10.85 14.53 11.80
C LEU B 149 -12.16 13.87 11.42
N ASN C 7 -15.57 13.25 30.92
CA ASN C 7 -16.00 13.46 29.54
C ASN C 7 -15.52 12.29 28.68
N PRO C 8 -16.36 11.84 27.73
CA PRO C 8 -16.07 10.71 26.83
C PRO C 8 -14.69 10.72 26.16
N GLN C 9 -14.19 11.93 25.86
CA GLN C 9 -12.90 12.09 25.20
C GLN C 9 -11.73 12.07 26.15
N ILE C 10 -10.75 11.27 25.80
CA ILE C 10 -9.54 11.12 26.59
C ILE C 10 -8.50 12.07 26.01
N ALA C 11 -8.10 13.06 26.80
CA ALA C 11 -7.11 14.01 26.36
C ALA C 11 -6.36 14.52 27.58
N ALA C 12 -5.14 15.02 27.38
CA ALA C 12 -4.36 15.54 28.49
C ALA C 12 -3.28 16.49 28.06
N HIS C 13 -3.13 17.59 28.80
CA HIS C 13 -2.10 18.58 28.54
C HIS C 13 -1.54 18.98 29.90
N VAL C 14 -0.25 18.73 30.11
CA VAL C 14 0.37 19.05 31.39
C VAL C 14 1.47 20.12 31.26
N ILE C 15 1.73 20.83 32.35
CA ILE C 15 2.74 21.87 32.36
C ILE C 15 4.05 21.39 32.98
N SER C 16 5.17 21.80 32.40
CA SER C 16 6.47 21.39 32.91
C SER C 16 6.66 22.01 34.25
N GLU C 17 7.53 21.41 35.05
CA GLU C 17 7.82 21.90 36.38
C GLU C 17 9.31 21.71 36.64
N ALA C 18 9.93 22.70 37.28
CA ALA C 18 11.36 22.63 37.56
C ALA C 18 11.68 21.39 38.39
N SER C 19 12.30 20.39 37.78
CA SER C 19 12.64 19.16 38.50
C SER C 19 13.42 19.46 39.76
N SER C 20 13.52 18.46 40.64
CA SER C 20 14.26 18.58 41.89
C SER C 20 15.39 17.55 41.81
N LYS C 21 15.06 16.37 41.30
CA LYS C 21 16.03 15.29 41.15
C LYS C 21 16.98 15.61 39.98
N THR C 22 16.81 16.79 39.38
CA THR C 22 17.62 17.20 38.23
C THR C 22 17.92 15.89 37.50
N THR C 23 16.86 15.31 36.92
CA THR C 23 16.96 14.04 36.18
C THR C 23 16.71 14.20 34.68
N SER C 24 17.18 13.21 33.92
CA SER C 24 17.01 13.22 32.48
C SER C 24 15.53 13.35 32.08
N VAL C 25 14.67 12.56 32.75
CA VAL C 25 13.25 12.61 32.47
C VAL C 25 12.66 13.90 33.02
N LEU C 26 11.85 14.57 32.21
CA LEU C 26 11.24 15.83 32.64
C LEU C 26 10.07 15.64 33.60
N GLN C 27 9.87 16.65 34.45
CA GLN C 27 8.78 16.64 35.41
C GLN C 27 7.58 17.41 34.89
N TRP C 28 6.37 16.94 35.17
CA TRP C 28 5.17 17.65 34.74
C TRP C 28 4.14 17.77 35.85
N ALA C 29 3.59 18.96 36.01
CA ALA C 29 2.60 19.16 37.05
C ALA C 29 1.24 19.58 36.51
N GLU C 30 0.17 19.08 37.11
CA GLU C 30 -1.16 19.41 36.64
C GLU C 30 -1.59 20.80 37.03
N LYS C 31 -0.67 21.76 36.97
CA LYS C 31 -1.00 23.15 37.33
C LYS C 31 -1.31 24.03 36.14
N GLY C 32 -1.45 25.33 36.38
CA GLY C 32 -1.73 26.25 35.30
C GLY C 32 -2.89 25.89 34.41
N TYR C 33 -2.79 26.20 33.11
CA TYR C 33 -3.86 25.90 32.18
C TYR C 33 -3.69 24.50 31.65
N TYR C 34 -3.74 23.53 32.55
CA TYR C 34 -3.58 22.13 32.21
C TYR C 34 -4.91 21.49 31.81
N THR C 35 -4.84 20.22 31.43
CA THR C 35 -6.05 19.50 31.03
C THR C 35 -5.88 18.00 31.23
N MET C 36 -6.83 17.41 31.94
CA MET C 36 -6.81 15.99 32.22
C MET C 36 -8.25 15.49 32.13
N SER C 37 -8.67 15.20 30.90
CA SER C 37 -10.02 14.77 30.58
C SER C 37 -10.70 13.83 31.58
N ASN C 38 -9.98 12.87 32.14
CA ASN C 38 -10.62 11.95 33.08
C ASN C 38 -9.69 10.87 33.60
N ASN C 39 -10.27 9.95 34.37
CA ASN C 39 -9.50 8.85 34.94
C ASN C 39 -9.02 7.82 33.92
N LEU C 40 -8.89 8.25 32.67
CA LEU C 40 -8.43 7.35 31.62
C LEU C 40 -7.06 7.78 31.17
N VAL C 41 -6.57 8.87 31.77
CA VAL C 41 -5.23 9.41 31.53
C VAL C 41 -4.78 10.06 32.84
N THR C 42 -3.75 9.49 33.43
CA THR C 42 -3.25 9.97 34.70
C THR C 42 -1.80 10.41 34.59
N LEU C 43 -1.32 11.14 35.59
CA LEU C 43 0.07 11.60 35.57
C LEU C 43 0.89 10.84 36.63
N GLU C 44 1.14 9.56 36.34
CA GLU C 44 1.90 8.68 37.20
C GLU C 44 3.21 9.27 37.69
N ASN C 45 3.37 9.40 38.99
CA ASN C 45 4.64 9.85 39.51
C ASN C 45 5.08 11.21 38.94
N GLY C 46 4.13 12.00 38.45
CA GLY C 46 4.49 13.30 37.91
C GLY C 46 5.64 13.29 36.90
N LYS C 47 5.90 12.13 36.32
CA LYS C 47 6.96 11.99 35.34
C LYS C 47 6.44 11.50 33.99
N GLN C 48 5.24 10.94 33.98
CA GLN C 48 4.73 10.42 32.73
C GLN C 48 3.21 10.33 32.65
N LEU C 49 2.70 10.29 31.43
CA LEU C 49 1.26 10.17 31.20
C LEU C 49 0.96 8.72 30.90
N THR C 50 -0.08 8.20 31.53
CA THR C 50 -0.46 6.82 31.32
C THR C 50 -1.93 6.66 30.97
N VAL C 51 -2.18 6.17 29.76
CA VAL C 51 -3.53 5.95 29.27
C VAL C 51 -4.03 4.59 29.70
N LYS C 52 -5.32 4.49 29.95
CA LYS C 52 -5.91 3.22 30.38
C LYS C 52 -6.53 2.42 29.24
N ARG C 53 -7.26 3.10 28.36
CA ARG C 53 -7.90 2.40 27.26
C ARG C 53 -7.01 2.38 26.01
N GLN C 54 -6.78 1.17 25.51
CA GLN C 54 -5.95 0.97 24.33
C GLN C 54 -6.51 1.65 23.12
N GLY C 55 -5.63 2.23 22.30
CA GLY C 55 -6.09 2.91 21.11
C GLY C 55 -5.01 3.58 20.28
N LEU C 56 -5.45 4.54 19.48
CA LEU C 56 -4.58 5.31 18.61
C LEU C 56 -4.66 6.73 19.12
N TYR C 57 -3.59 7.20 19.75
CA TYR C 57 -3.55 8.54 20.29
C TYR C 57 -2.62 9.41 19.48
N TYR C 58 -2.71 10.72 19.70
CA TYR C 58 -1.83 11.68 19.06
C TYR C 58 -1.09 12.24 20.24
N ILE C 59 0.20 11.97 20.36
CA ILE C 59 0.94 12.53 21.49
C ILE C 59 1.93 13.60 21.03
N TYR C 60 2.13 14.62 21.87
CA TYR C 60 3.00 15.75 21.54
C TYR C 60 3.64 16.34 22.78
N ALA C 61 4.65 17.17 22.57
CA ALA C 61 5.35 17.80 23.69
C ALA C 61 6.30 18.83 23.12
N GLN C 62 6.39 19.97 23.79
CA GLN C 62 7.29 21.03 23.35
C GLN C 62 8.27 21.27 24.46
N VAL C 63 9.55 21.37 24.13
CA VAL C 63 10.55 21.63 25.16
C VAL C 63 11.41 22.85 24.78
N THR C 64 11.40 23.87 25.64
CA THR C 64 12.16 25.11 25.45
C THR C 64 13.35 25.09 26.43
N PHE C 65 14.57 25.20 25.90
CA PHE C 65 15.78 25.20 26.71
C PHE C 65 16.65 26.35 26.26
N CYS C 66 17.87 26.47 26.78
CA CYS C 66 18.73 27.56 26.31
C CYS C 66 20.18 27.53 26.81
N SER C 67 21.13 27.85 25.92
CA SER C 67 22.55 27.90 26.25
C SER C 67 23.44 28.24 25.05
N PRO C 76 24.52 19.37 21.75
CA PRO C 76 23.48 18.87 20.82
C PRO C 76 22.22 18.46 21.59
N PHE C 77 21.50 19.47 22.13
CA PHE C 77 20.28 19.25 22.92
C PHE C 77 19.23 18.38 22.24
N ILE C 78 18.87 17.27 22.86
CA ILE C 78 17.89 16.38 22.24
C ILE C 78 16.71 15.98 23.11
N ALA C 79 15.51 16.40 22.73
CA ALA C 79 14.31 16.02 23.50
C ALA C 79 13.76 14.74 22.84
N SER C 80 13.71 13.68 23.63
CA SER C 80 13.22 12.42 23.10
C SER C 80 11.86 12.15 23.72
N LEU C 81 11.06 11.29 23.10
CA LEU C 81 9.76 10.94 23.65
C LEU C 81 9.73 9.43 23.86
N CYS C 82 10.68 8.88 24.64
CA CYS C 82 10.76 7.41 24.89
C CYS C 82 9.33 6.94 25.40
N LEU C 83 8.86 5.76 24.96
CA LEU C 83 7.56 5.17 25.38
C LEU C 83 7.74 3.86 26.14
N LYS C 84 7.05 3.74 27.27
CA LYS C 84 7.14 2.53 28.07
C LYS C 84 5.78 1.81 28.15
N SER C 85 5.70 0.66 27.53
CA SER C 85 4.47 -0.14 27.52
C SER C 85 4.64 -1.31 28.51
N PRO C 86 3.52 -1.85 29.02
CA PRO C 86 3.63 -2.98 29.95
C PRO C 86 4.11 -4.26 29.27
N GLY C 87 5.24 -4.78 29.72
CA GLY C 87 5.79 -6.01 29.17
C GLY C 87 6.72 -5.83 27.98
N ARG C 88 7.12 -4.59 27.73
CA ARG C 88 8.00 -4.31 26.60
C ARG C 88 9.04 -3.29 27.04
N PHE C 89 10.29 -3.51 26.66
CA PHE C 89 11.34 -2.58 27.04
C PHE C 89 10.89 -1.25 26.49
N GLU C 90 11.14 -0.16 27.21
CA GLU C 90 10.72 1.15 26.72
C GLU C 90 11.51 1.44 25.46
N ARG C 91 10.96 2.26 24.57
CA ARG C 91 11.68 2.56 23.34
C ARG C 91 11.83 4.05 23.00
N ILE C 92 11.52 4.41 21.74
CA ILE C 92 11.61 5.78 21.20
C ILE C 92 10.51 6.12 20.21
N LEU C 93 9.59 6.99 20.58
CA LEU C 93 8.55 7.32 19.63
C LEU C 93 9.12 8.34 18.67
N LEU C 94 9.59 9.46 19.23
CA LEU C 94 10.19 10.54 18.44
C LEU C 94 11.38 11.11 19.21
N ARG C 95 12.16 11.92 18.51
CA ARG C 95 13.32 12.60 19.09
C ARG C 95 13.57 13.81 18.22
N ALA C 96 13.75 14.96 18.86
CA ALA C 96 13.98 16.16 18.10
C ALA C 96 15.28 16.72 18.60
N ALA C 97 16.15 17.12 17.68
CA ALA C 97 17.45 17.66 18.05
C ALA C 97 17.53 19.17 17.93
N ASN C 98 18.66 19.72 18.35
CA ASN C 98 18.86 21.16 18.26
C ASN C 98 20.21 21.60 18.82
N THR C 99 20.63 22.81 18.45
CA THR C 99 21.92 23.33 18.86
C THR C 99 21.89 24.48 19.88
N HIS C 100 23.09 24.88 20.32
CA HIS C 100 23.28 25.94 21.30
C HIS C 100 23.74 27.25 20.64
N SER C 101 22.87 28.25 20.58
CA SER C 101 23.22 29.53 19.96
C SER C 101 23.67 30.53 21.01
N SER C 102 24.97 30.57 21.26
CA SER C 102 25.52 31.48 22.25
C SER C 102 25.03 32.90 21.98
N ALA C 103 24.08 33.35 22.80
CA ALA C 103 23.55 34.70 22.69
C ALA C 103 24.27 35.46 23.80
N LYS C 104 23.54 35.87 24.83
CA LYS C 104 24.18 36.59 25.92
C LYS C 104 24.25 35.70 27.16
N PRO C 105 23.11 35.46 27.86
CA PRO C 105 23.23 34.59 29.03
C PRO C 105 23.15 33.12 28.61
N CYS C 106 22.13 32.79 27.82
CA CYS C 106 21.91 31.43 27.33
C CYS C 106 21.27 31.37 25.93
N GLY C 107 20.22 32.16 25.72
CA GLY C 107 19.56 32.16 24.42
C GLY C 107 18.62 30.99 24.20
N GLN C 108 17.36 31.17 24.58
CA GLN C 108 16.31 30.14 24.45
C GLN C 108 16.12 29.52 23.07
N GLN C 109 15.39 28.41 23.03
CA GLN C 109 15.08 27.64 21.82
C GLN C 109 13.95 26.67 22.16
N SER C 110 12.99 26.52 21.25
CA SER C 110 11.88 25.62 21.49
C SER C 110 11.93 24.46 20.54
N ILE C 111 11.44 23.31 20.99
CA ILE C 111 11.41 22.09 20.21
C ILE C 111 10.02 21.48 20.33
N HIS C 112 9.44 21.05 19.21
CA HIS C 112 8.10 20.46 19.25
C HIS C 112 8.06 19.02 18.69
N LEU C 113 7.37 18.13 19.39
CA LEU C 113 7.23 16.74 18.98
C LEU C 113 5.77 16.41 18.92
N GLY C 114 5.39 15.56 17.96
CA GLY C 114 3.99 15.18 17.83
C GLY C 114 3.84 14.06 16.83
N GLY C 115 3.01 13.08 17.15
CA GLY C 115 2.81 11.96 16.24
C GLY C 115 1.64 11.08 16.63
N VAL C 116 1.21 10.22 15.72
CA VAL C 116 0.11 9.30 15.98
C VAL C 116 0.66 7.91 16.30
N PHE C 117 0.43 7.47 17.54
CA PHE C 117 0.94 6.17 17.99
C PHE C 117 -0.09 5.25 18.60
N GLU C 118 0.15 3.95 18.48
CA GLU C 118 -0.75 2.95 19.02
C GLU C 118 -0.37 2.60 20.44
N LEU C 119 -1.18 3.03 21.39
CA LEU C 119 -0.91 2.76 22.80
C LEU C 119 -1.84 1.71 23.37
N GLN C 120 -1.28 0.73 24.07
CA GLN C 120 -2.06 -0.32 24.71
C GLN C 120 -2.25 0.12 26.17
N PRO C 121 -3.28 -0.41 26.85
CA PRO C 121 -3.57 -0.06 28.24
C PRO C 121 -2.39 -0.15 29.19
N GLY C 122 -2.30 0.82 30.10
CA GLY C 122 -1.22 0.81 31.06
C GLY C 122 0.08 1.33 30.49
N ALA C 123 0.03 1.76 29.24
CA ALA C 123 1.21 2.30 28.56
C ALA C 123 1.43 3.74 29.02
N SER C 124 2.69 4.12 29.16
CA SER C 124 3.04 5.46 29.61
C SER C 124 3.98 6.12 28.62
N VAL C 125 3.85 7.43 28.49
CA VAL C 125 4.73 8.16 27.60
C VAL C 125 5.48 9.21 28.42
N PHE C 126 6.70 9.54 28.00
CA PHE C 126 7.47 10.55 28.71
C PHE C 126 8.58 11.19 27.87
N VAL C 127 8.86 12.45 28.20
CA VAL C 127 9.89 13.24 27.52
C VAL C 127 11.16 13.08 28.31
N ASN C 128 12.25 12.80 27.61
CA ASN C 128 13.53 12.63 28.24
C ASN C 128 14.56 13.45 27.49
N VAL C 129 15.10 14.48 28.15
CA VAL C 129 16.06 15.37 27.51
C VAL C 129 17.49 15.11 27.91
N THR C 130 18.42 15.71 27.19
CA THR C 130 19.84 15.54 27.45
C THR C 130 20.39 16.46 28.53
N ASP C 131 19.84 17.67 28.63
CA ASP C 131 20.27 18.67 29.63
C ASP C 131 19.07 19.16 30.43
N PRO C 132 18.49 18.33 31.32
CA PRO C 132 17.34 18.84 32.06
C PRO C 132 17.56 20.16 32.80
N SER C 133 18.82 20.53 33.02
CA SER C 133 19.10 21.76 33.74
C SER C 133 19.04 23.00 32.85
N GLN C 134 18.53 22.85 31.63
CA GLN C 134 18.44 23.97 30.70
C GLN C 134 17.01 24.26 30.29
N VAL C 135 16.18 23.23 30.31
CA VAL C 135 14.78 23.40 29.94
C VAL C 135 14.17 24.54 30.75
N SER C 136 13.70 25.55 30.03
CA SER C 136 13.08 26.73 30.65
C SER C 136 11.64 26.40 31.04
N HIS C 137 11.27 26.75 32.28
CA HIS C 137 9.95 26.44 32.82
C HIS C 137 9.03 27.64 32.90
N GLY C 138 9.39 28.71 32.19
CA GLY C 138 8.54 29.88 32.18
C GLY C 138 7.16 29.55 31.62
N THR C 139 6.14 30.18 32.20
CA THR C 139 4.76 29.96 31.80
C THR C 139 4.53 29.77 30.31
N GLY C 140 4.10 28.56 29.96
CA GLY C 140 3.78 28.27 28.58
C GLY C 140 4.93 27.89 27.67
N PHE C 141 6.10 27.67 28.26
CA PHE C 141 7.25 27.33 27.45
C PHE C 141 7.38 25.85 27.18
N THR C 142 7.22 25.04 28.22
CA THR C 142 7.36 23.61 28.04
C THR C 142 6.14 22.82 28.50
N SER C 143 5.48 22.16 27.56
CA SER C 143 4.30 21.39 27.89
C SER C 143 4.43 19.98 27.38
N PHE C 144 3.42 19.17 27.67
CA PHE C 144 3.42 17.77 27.26
C PHE C 144 1.97 17.29 27.23
N GLY C 145 1.61 16.49 26.24
CA GLY C 145 0.24 16.05 26.19
C GLY C 145 -0.09 15.01 25.13
N LEU C 146 -1.36 14.64 25.11
CA LEU C 146 -1.84 13.66 24.16
C LEU C 146 -3.34 13.78 24.01
N LEU C 147 -3.91 13.05 23.06
CA LEU C 147 -5.34 13.07 22.84
C LEU C 147 -5.64 11.80 22.06
N LYS C 148 -6.75 11.13 22.39
CA LYS C 148 -7.09 9.88 21.71
C LYS C 148 -7.90 10.10 20.46
N LEU C 149 -7.42 9.54 19.36
CA LEU C 149 -8.16 9.65 18.10
C LEU C 149 -9.38 8.74 18.24
N ASN D 7 -29.91 -11.83 -9.84
CA ASN D 7 -28.75 -12.58 -10.33
C ASN D 7 -28.57 -13.80 -9.40
N PRO D 8 -29.46 -14.79 -9.53
CA PRO D 8 -29.50 -16.05 -8.76
C PRO D 8 -28.13 -16.72 -8.64
N GLN D 9 -27.27 -16.48 -9.62
CA GLN D 9 -25.94 -17.06 -9.65
C GLN D 9 -24.97 -16.27 -8.82
N ILE D 10 -24.15 -16.98 -8.05
CA ILE D 10 -23.16 -16.37 -7.18
C ILE D 10 -21.81 -16.43 -7.86
N ALA D 11 -21.26 -15.27 -8.19
CA ALA D 11 -19.97 -15.19 -8.86
C ALA D 11 -19.30 -13.86 -8.55
N ALA D 12 -17.98 -13.82 -8.59
CA ALA D 12 -17.27 -12.56 -8.31
C ALA D 12 -15.90 -12.49 -8.97
N HIS D 13 -15.54 -11.32 -9.49
CA HIS D 13 -14.24 -11.13 -10.13
C HIS D 13 -13.75 -9.77 -9.69
N VAL D 14 -12.67 -9.75 -8.91
CA VAL D 14 -12.16 -8.49 -8.41
C VAL D 14 -10.82 -8.09 -8.98
N ILE D 15 -10.56 -6.78 -9.04
CA ILE D 15 -9.32 -6.26 -9.59
C ILE D 15 -8.29 -5.94 -8.53
N SER D 16 -7.02 -6.21 -8.84
CA SER D 16 -5.94 -5.98 -7.90
C SER D 16 -5.77 -4.50 -7.72
N GLU D 17 -5.22 -4.14 -6.57
CA GLU D 17 -4.96 -2.73 -6.22
C GLU D 17 -3.70 -2.63 -5.37
N ALA D 18 -3.03 -1.48 -5.38
CA ALA D 18 -1.81 -1.27 -4.62
C ALA D 18 -1.88 -1.80 -3.18
N SER D 19 -0.88 -2.61 -2.86
CA SER D 19 -0.76 -3.26 -1.55
C SER D 19 0.41 -2.65 -0.78
N SER D 20 0.56 -3.09 0.46
CA SER D 20 1.62 -2.64 1.35
C SER D 20 2.42 -3.89 1.74
N LYS D 21 3.75 -3.83 1.58
CA LYS D 21 4.65 -4.95 1.89
C LYS D 21 4.41 -5.50 3.30
N THR D 22 3.92 -4.64 4.19
CA THR D 22 3.59 -5.00 5.57
C THR D 22 3.05 -6.41 5.67
N THR D 23 2.10 -6.74 4.79
CA THR D 23 1.52 -8.08 4.72
C THR D 23 1.55 -8.56 3.29
N SER D 24 1.75 -9.85 3.12
CA SER D 24 1.81 -10.39 1.79
C SER D 24 0.45 -10.69 1.22
N VAL D 25 -0.60 -10.39 1.95
CA VAL D 25 -1.94 -10.66 1.43
C VAL D 25 -2.32 -9.56 0.42
N LEU D 26 -2.62 -9.97 -0.82
CA LEU D 26 -2.95 -9.04 -1.89
C LEU D 26 -4.26 -8.33 -1.69
N GLN D 27 -4.31 -7.06 -2.14
CA GLN D 27 -5.46 -6.17 -2.03
C GLN D 27 -6.31 -6.23 -3.30
N TRP D 28 -7.63 -6.18 -3.15
CA TRP D 28 -8.49 -6.19 -4.32
C TRP D 28 -9.57 -5.12 -4.17
N ALA D 29 -9.86 -4.42 -5.27
CA ALA D 29 -10.87 -3.39 -5.23
C ALA D 29 -11.94 -3.60 -6.29
N GLU D 30 -13.20 -3.37 -5.92
CA GLU D 30 -14.32 -3.54 -6.83
C GLU D 30 -14.40 -2.51 -7.93
N LYS D 31 -13.25 -2.10 -8.46
CA LYS D 31 -13.24 -1.13 -9.54
C LYS D 31 -13.10 -1.81 -10.90
N GLY D 32 -12.80 -1.04 -11.94
CA GLY D 32 -12.65 -1.62 -13.27
C GLY D 32 -13.76 -2.55 -13.74
N TYR D 33 -13.42 -3.48 -14.63
CA TYR D 33 -14.41 -4.41 -15.14
C TYR D 33 -14.63 -5.55 -14.16
N TYR D 34 -14.97 -5.20 -12.93
CA TYR D 34 -15.17 -6.18 -11.89
C TYR D 34 -16.53 -6.81 -11.98
N THR D 35 -16.82 -7.71 -11.04
CA THR D 35 -18.12 -8.40 -11.00
C THR D 35 -18.39 -8.89 -9.61
N MET D 36 -19.59 -8.63 -9.12
CA MET D 36 -19.96 -9.07 -7.79
C MET D 36 -21.45 -9.38 -7.85
N SER D 37 -21.77 -10.55 -8.40
CA SER D 37 -23.15 -11.00 -8.57
C SER D 37 -24.20 -10.62 -7.51
N ASN D 38 -23.84 -10.61 -6.23
CA ASN D 38 -24.81 -10.23 -5.20
C ASN D 38 -24.31 -10.27 -3.74
N ASN D 39 -25.23 -10.00 -2.82
CA ASN D 39 -24.89 -10.00 -1.41
C ASN D 39 -24.60 -11.40 -0.89
N LEU D 40 -24.23 -12.30 -1.80
CA LEU D 40 -23.91 -13.68 -1.41
C LEU D 40 -22.40 -13.95 -1.54
N VAL D 41 -21.68 -12.90 -1.93
CA VAL D 41 -20.23 -12.89 -2.09
C VAL D 41 -19.82 -11.46 -1.89
N THR D 42 -19.07 -11.22 -0.82
CA THR D 42 -18.64 -9.87 -0.52
C THR D 42 -17.11 -9.74 -0.55
N LEU D 43 -16.60 -8.51 -0.53
CA LEU D 43 -15.15 -8.30 -0.52
C LEU D 43 -14.70 -7.76 0.85
N GLU D 44 -14.78 -8.62 1.86
CA GLU D 44 -14.42 -8.28 3.23
C GLU D 44 -13.06 -7.60 3.35
N ASN D 45 -13.04 -6.43 3.96
CA ASN D 45 -11.77 -5.79 4.20
C ASN D 45 -10.92 -5.61 2.93
N GLY D 46 -11.54 -5.71 1.77
CA GLY D 46 -10.81 -5.54 0.52
C GLY D 46 -9.57 -6.42 0.37
N LYS D 47 -9.52 -7.47 1.18
CA LYS D 47 -8.40 -8.39 1.14
C LYS D 47 -8.88 -9.78 0.77
N GLN D 48 -10.16 -10.07 1.00
CA GLN D 48 -10.66 -11.40 0.71
C GLN D 48 -12.13 -11.48 0.31
N LEU D 49 -12.46 -12.53 -0.44
CA LEU D 49 -13.81 -12.79 -0.90
C LEU D 49 -14.48 -13.74 0.06
N THR D 50 -15.69 -13.44 0.49
CA THR D 50 -16.35 -14.32 1.42
C THR D 50 -17.72 -14.73 0.91
N VAL D 51 -17.90 -16.02 0.71
CA VAL D 51 -19.20 -16.54 0.24
C VAL D 51 -20.13 -16.80 1.43
N LYS D 52 -21.42 -16.61 1.19
CA LYS D 52 -22.40 -16.81 2.26
C LYS D 52 -23.08 -18.16 2.20
N ARG D 53 -23.46 -18.61 1.02
CA ARG D 53 -24.11 -19.89 0.95
C ARG D 53 -23.10 -20.97 0.67
N GLN D 54 -23.16 -22.02 1.49
CA GLN D 54 -22.28 -23.17 1.38
C GLN D 54 -22.44 -23.87 0.01
N GLY D 55 -21.34 -24.38 -0.51
CA GLY D 55 -21.44 -25.05 -1.79
C GLY D 55 -20.11 -25.44 -2.39
N LEU D 56 -20.15 -25.70 -3.69
CA LEU D 56 -19.00 -26.10 -4.46
C LEU D 56 -18.71 -24.98 -5.44
N TYR D 57 -17.68 -24.19 -5.16
CA TYR D 57 -17.33 -23.07 -6.04
C TYR D 57 -16.07 -23.35 -6.84
N TYR D 58 -15.89 -22.63 -7.94
CA TYR D 58 -14.68 -22.77 -8.73
C TYR D 58 -13.99 -21.46 -8.42
N ILE D 59 -12.85 -21.48 -7.72
CA ILE D 59 -12.17 -20.22 -7.43
C ILE D 59 -10.88 -20.14 -8.22
N TYR D 60 -10.50 -18.92 -8.59
CA TYR D 60 -9.32 -18.67 -9.42
C TYR D 60 -8.66 -17.37 -9.12
N ALA D 61 -7.42 -17.20 -9.57
CA ALA D 61 -6.71 -15.94 -9.36
C ALA D 61 -5.47 -15.93 -10.21
N GLN D 62 -5.18 -14.78 -10.82
CA GLN D 62 -3.98 -14.64 -11.67
C GLN D 62 -3.13 -13.56 -11.07
N VAL D 63 -1.83 -13.79 -10.96
CA VAL D 63 -0.98 -12.77 -10.39
C VAL D 63 0.20 -12.51 -11.27
N THR D 64 0.32 -11.27 -11.74
CA THR D 64 1.40 -10.87 -12.61
C THR D 64 2.42 -10.05 -11.82
N PHE D 65 3.68 -10.48 -11.83
CA PHE D 65 4.73 -9.79 -11.11
C PHE D 65 5.92 -9.51 -11.99
N CYS D 66 6.80 -8.61 -11.55
CA CYS D 66 7.99 -8.25 -12.31
C CYS D 66 9.25 -8.43 -11.46
N SER D 67 9.99 -9.50 -11.70
CA SER D 67 11.22 -9.79 -10.96
C SER D 67 12.03 -8.55 -10.66
N PRO D 76 11.74 -17.56 -5.63
CA PRO D 76 10.83 -18.42 -6.39
C PRO D 76 9.38 -17.97 -6.32
N PHE D 77 9.15 -16.67 -6.46
CA PHE D 77 7.82 -16.06 -6.40
C PHE D 77 6.67 -17.05 -6.35
N ILE D 78 5.97 -17.07 -5.22
CA ILE D 78 4.87 -18.02 -5.03
C ILE D 78 3.53 -17.43 -4.60
N ALA D 79 2.55 -17.50 -5.51
CA ALA D 79 1.19 -17.01 -5.24
C ALA D 79 0.44 -18.18 -4.66
N SER D 80 0.04 -18.07 -3.40
CA SER D 80 -0.71 -19.13 -2.75
C SER D 80 -2.14 -18.64 -2.59
N LEU D 81 -3.09 -19.57 -2.56
CA LEU D 81 -4.49 -19.23 -2.41
C LEU D 81 -5.00 -19.72 -1.05
N CYS D 82 -4.26 -19.45 0.04
CA CYS D 82 -4.62 -19.92 1.39
C CYS D 82 -6.19 -19.65 1.60
N LEU D 83 -6.91 -20.61 2.20
CA LEU D 83 -8.38 -20.49 2.49
C LEU D 83 -8.71 -20.44 4.01
N LYS D 84 -9.56 -19.51 4.40
CA LYS D 84 -9.94 -19.37 5.80
C LYS D 84 -11.42 -19.59 6.09
N SER D 85 -11.74 -20.76 6.63
CA SER D 85 -13.12 -21.12 6.97
C SER D 85 -13.41 -20.89 8.46
N PRO D 86 -14.67 -20.57 8.79
CA PRO D 86 -14.99 -20.34 10.20
C PRO D 86 -14.76 -21.55 11.07
N GLY D 87 -13.98 -21.34 12.11
CA GLY D 87 -13.68 -22.39 13.07
C GLY D 87 -12.57 -23.33 12.67
N ARG D 88 -11.90 -23.02 11.57
CA ARG D 88 -10.82 -23.87 11.10
C ARG D 88 -9.59 -23.02 10.77
N PHE D 89 -8.42 -23.49 11.18
CA PHE D 89 -7.20 -22.76 10.89
C PHE D 89 -7.19 -22.61 9.38
N GLU D 90 -6.73 -21.47 8.87
CA GLU D 90 -6.69 -21.27 7.43
C GLU D 90 -5.74 -22.30 6.83
N ARG D 91 -5.90 -22.59 5.56
CA ARG D 91 -5.02 -23.55 4.94
C ARG D 91 -4.44 -23.16 3.58
N ILE D 92 -4.45 -24.10 2.64
CA ILE D 92 -3.89 -23.89 1.31
C ILE D 92 -4.71 -24.59 0.26
N LEU D 93 -5.37 -23.84 -0.61
CA LEU D 93 -6.14 -24.48 -1.67
C LEU D 93 -5.17 -24.77 -2.78
N LEU D 94 -4.51 -23.74 -3.28
CA LEU D 94 -3.52 -23.89 -4.35
C LEU D 94 -2.32 -23.00 -4.13
N ARG D 95 -1.27 -23.29 -4.89
CA ARG D 95 -0.05 -22.53 -4.84
C ARG D 95 0.60 -22.74 -6.18
N ALA D 96 1.05 -21.64 -6.78
CA ALA D 96 1.71 -21.69 -8.06
C ALA D 96 3.05 -20.97 -7.90
N ALA D 97 4.13 -21.61 -8.32
CA ALA D 97 5.45 -21.00 -8.20
C ALA D 97 5.91 -20.44 -9.53
N ASN D 98 6.99 -19.68 -9.48
CA ASN D 98 7.56 -19.15 -10.71
C ASN D 98 8.91 -18.49 -10.42
N THR D 99 9.92 -18.84 -11.22
CA THR D 99 11.25 -18.28 -11.04
C THR D 99 11.39 -16.93 -11.69
N HIS D 100 12.11 -16.04 -11.01
CA HIS D 100 12.34 -14.68 -11.49
C HIS D 100 13.14 -14.70 -12.79
N SER D 101 12.89 -13.72 -13.64
CA SER D 101 13.58 -13.61 -14.92
C SER D 101 14.44 -12.37 -14.90
N SER D 102 15.69 -12.48 -15.39
CA SER D 102 16.59 -11.32 -15.41
C SER D 102 16.38 -10.58 -16.72
N ALA D 103 15.33 -9.77 -16.77
CA ALA D 103 14.98 -9.02 -17.96
C ALA D 103 15.38 -7.55 -17.86
N LYS D 104 15.16 -6.80 -18.94
CA LYS D 104 15.50 -5.39 -19.01
C LYS D 104 15.18 -4.68 -17.69
N PRO D 105 13.94 -4.17 -17.51
CA PRO D 105 13.74 -3.53 -16.20
C PRO D 105 13.48 -4.61 -15.14
N CYS D 106 12.78 -5.67 -15.54
CA CYS D 106 12.47 -6.77 -14.64
C CYS D 106 11.64 -7.90 -15.26
N GLY D 107 11.28 -7.75 -16.54
CA GLY D 107 10.50 -8.78 -17.23
C GLY D 107 9.36 -9.41 -16.44
N GLN D 108 8.14 -9.08 -16.83
CA GLN D 108 6.94 -9.57 -16.17
C GLN D 108 6.82 -11.08 -16.17
N GLN D 109 5.70 -11.55 -15.66
CA GLN D 109 5.41 -12.97 -15.58
C GLN D 109 4.04 -13.09 -14.94
N SER D 110 3.20 -13.94 -15.50
CA SER D 110 1.87 -14.12 -14.95
C SER D 110 1.71 -15.53 -14.42
N ILE D 111 0.87 -15.68 -13.40
CA ILE D 111 0.63 -16.97 -12.79
C ILE D 111 -0.85 -17.11 -12.64
N HIS D 112 -1.39 -18.30 -12.93
CA HIS D 112 -2.82 -18.50 -12.86
C HIS D 112 -3.21 -19.65 -11.95
N LEU D 113 -4.18 -19.42 -11.07
CA LEU D 113 -4.65 -20.46 -10.17
C LEU D 113 -6.16 -20.65 -10.33
N GLY D 114 -6.61 -21.90 -10.22
CA GLY D 114 -8.02 -22.19 -10.32
C GLY D 114 -8.34 -23.62 -9.95
N GLY D 115 -9.39 -23.81 -9.17
CA GLY D 115 -9.75 -25.17 -8.77
C GLY D 115 -11.15 -25.22 -8.19
N VAL D 116 -11.72 -26.43 -8.11
CA VAL D 116 -13.05 -26.58 -7.56
C VAL D 116 -12.97 -26.97 -6.10
N PHE D 117 -13.54 -26.17 -5.24
CA PHE D 117 -13.48 -26.43 -3.81
C PHE D 117 -14.81 -26.32 -3.07
N GLU D 118 -14.89 -27.01 -1.94
CA GLU D 118 -16.11 -27.00 -1.15
C GLU D 118 -16.00 -25.88 -0.11
N LEU D 119 -16.82 -24.84 -0.26
CA LEU D 119 -16.80 -23.72 0.68
C LEU D 119 -18.03 -23.78 1.54
N GLN D 120 -17.84 -23.54 2.84
CA GLN D 120 -18.95 -23.54 3.80
C GLN D 120 -19.21 -22.06 4.10
N PRO D 121 -20.43 -21.73 4.54
CA PRO D 121 -20.84 -20.36 4.85
C PRO D 121 -19.88 -19.58 5.71
N GLY D 122 -19.64 -18.34 5.31
CA GLY D 122 -18.74 -17.50 6.08
C GLY D 122 -17.27 -17.74 5.80
N ALA D 123 -17.00 -18.65 4.87
CA ALA D 123 -15.64 -18.98 4.50
C ALA D 123 -15.09 -17.89 3.58
N SER D 124 -13.80 -17.60 3.69
CA SER D 124 -13.16 -16.57 2.87
C SER D 124 -11.96 -17.13 2.15
N VAL D 125 -11.66 -16.56 0.99
CA VAL D 125 -10.52 -16.99 0.21
C VAL D 125 -9.63 -15.77 -0.05
N PHE D 126 -8.33 -15.99 -0.18
CA PHE D 126 -7.44 -14.89 -0.46
C PHE D 126 -6.12 -15.35 -1.10
N VAL D 127 -5.50 -14.46 -1.85
CA VAL D 127 -4.24 -14.74 -2.52
C VAL D 127 -3.19 -14.14 -1.61
N ASN D 128 -2.10 -14.88 -1.41
CA ASN D 128 -1.01 -14.43 -0.57
C ASN D 128 0.27 -14.71 -1.30
N VAL D 129 0.98 -13.67 -1.69
CA VAL D 129 2.22 -13.83 -2.44
C VAL D 129 3.46 -13.57 -1.60
N THR D 130 4.60 -14.00 -2.12
CA THR D 130 5.87 -13.85 -1.42
C THR D 130 6.51 -12.48 -1.55
N ASP D 131 6.28 -11.79 -2.65
CA ASP D 131 6.85 -10.46 -2.87
C ASP D 131 5.75 -9.49 -3.28
N PRO D 132 4.85 -9.14 -2.36
CA PRO D 132 3.78 -8.22 -2.77
C PRO D 132 4.24 -6.92 -3.42
N SER D 133 5.52 -6.61 -3.31
CA SER D 133 6.02 -5.38 -3.89
C SER D 133 6.41 -5.52 -5.36
N GLN D 134 6.07 -6.65 -5.95
CA GLN D 134 6.41 -6.90 -7.35
C GLN D 134 5.18 -7.11 -8.20
N VAL D 135 4.09 -7.53 -7.58
CA VAL D 135 2.87 -7.77 -8.33
C VAL D 135 2.48 -6.53 -9.13
N SER D 136 2.46 -6.68 -10.44
CA SER D 136 2.11 -5.56 -11.32
C SER D 136 0.61 -5.38 -11.35
N HIS D 137 0.16 -4.15 -11.09
CA HIS D 137 -1.27 -3.84 -11.03
C HIS D 137 -1.82 -3.20 -12.30
N GLY D 138 -1.05 -3.21 -13.38
CA GLY D 138 -1.53 -2.64 -14.63
C GLY D 138 -2.86 -3.25 -15.08
N THR D 139 -3.76 -2.41 -15.57
CA THR D 139 -5.08 -2.88 -16.00
C THR D 139 -5.14 -4.25 -16.63
N GLY D 140 -5.81 -5.17 -15.93
CA GLY D 140 -6.01 -6.53 -16.42
C GLY D 140 -4.92 -7.55 -16.16
N PHE D 141 -3.86 -7.14 -15.47
CA PHE D 141 -2.78 -8.07 -15.21
C PHE D 141 -3.07 -8.99 -14.04
N THR D 142 -3.56 -8.42 -12.92
CA THR D 142 -3.85 -9.20 -11.72
C THR D 142 -5.29 -9.10 -11.22
N SER D 143 -5.97 -10.24 -11.21
CA SER D 143 -7.36 -10.32 -10.77
C SER D 143 -7.57 -11.48 -9.83
N PHE D 144 -8.79 -11.63 -9.34
CA PHE D 144 -9.12 -12.68 -8.39
C PHE D 144 -10.62 -12.88 -8.43
N GLY D 145 -11.07 -14.13 -8.50
CA GLY D 145 -12.51 -14.36 -8.57
C GLY D 145 -12.96 -15.78 -8.28
N LEU D 146 -14.27 -15.96 -8.23
CA LEU D 146 -14.86 -17.25 -7.96
C LEU D 146 -16.28 -17.30 -8.54
N LEU D 147 -16.83 -18.50 -8.69
CA LEU D 147 -18.19 -18.63 -9.19
C LEU D 147 -18.72 -19.91 -8.57
N LYS D 148 -20.02 -19.95 -8.30
CA LYS D 148 -20.60 -21.14 -7.69
C LYS D 148 -21.19 -22.11 -8.69
N LEU D 149 -20.70 -23.35 -8.66
CA LEU D 149 -21.20 -24.38 -9.55
C LEU D 149 -22.69 -24.54 -9.26
N ASN E 7 -28.38 -26.56 -27.78
CA ASN E 7 -28.32 -27.08 -26.42
C ASN E 7 -28.67 -25.97 -25.42
N PRO E 8 -29.20 -26.33 -24.23
CA PRO E 8 -29.53 -25.24 -23.32
C PRO E 8 -28.31 -24.46 -22.83
N GLN E 9 -27.17 -25.12 -22.71
CA GLN E 9 -25.94 -24.47 -22.24
C GLN E 9 -25.12 -23.84 -23.36
N ILE E 10 -24.70 -22.60 -23.14
CA ILE E 10 -23.91 -21.86 -24.10
C ILE E 10 -22.45 -21.98 -23.71
N ALA E 11 -21.67 -22.64 -24.55
CA ALA E 11 -20.25 -22.82 -24.30
C ALA E 11 -19.49 -22.86 -25.62
N ALA E 12 -18.20 -22.58 -25.59
CA ALA E 12 -17.42 -22.61 -26.81
C ALA E 12 -15.92 -22.71 -26.57
N HIS E 13 -15.27 -23.63 -27.29
CA HIS E 13 -13.83 -23.83 -27.18
C HIS E 13 -13.33 -23.92 -28.62
N VAL E 14 -12.46 -23.02 -29.03
CA VAL E 14 -11.98 -23.05 -30.39
C VAL E 14 -10.49 -23.26 -30.45
N ILE E 15 -10.00 -23.73 -31.58
CA ILE E 15 -8.58 -24.02 -31.77
C ILE E 15 -7.85 -22.96 -32.56
N SER E 16 -6.64 -22.63 -32.13
CA SER E 16 -5.87 -21.61 -32.83
C SER E 16 -5.56 -22.12 -34.23
N GLU E 17 -5.26 -21.19 -35.11
CA GLU E 17 -4.92 -21.51 -36.50
C GLU E 17 -3.91 -20.49 -36.98
N ALA E 18 -2.90 -20.93 -37.74
CA ALA E 18 -1.88 -20.01 -38.23
C ALA E 18 -2.49 -18.93 -39.10
N SER E 19 -1.75 -17.87 -39.39
CA SER E 19 -2.30 -16.84 -40.25
C SER E 19 -1.23 -16.02 -40.95
N SER E 20 -1.14 -16.24 -42.25
CA SER E 20 -0.17 -15.57 -43.13
C SER E 20 -0.55 -14.11 -43.35
N LYS E 21 -1.46 -13.61 -42.50
CA LYS E 21 -1.90 -12.22 -42.56
C LYS E 21 -1.58 -11.54 -41.23
N THR E 22 -1.21 -10.28 -41.29
CA THR E 22 -0.88 -9.53 -40.09
C THR E 22 -2.15 -8.85 -39.57
N THR E 23 -2.50 -9.16 -38.32
CA THR E 23 -3.70 -8.62 -37.65
C THR E 23 -3.40 -8.35 -36.17
N SER E 24 -2.52 -9.16 -35.61
CA SER E 24 -2.14 -9.09 -34.20
C SER E 24 -3.26 -9.68 -33.34
N VAL E 25 -4.44 -9.89 -33.92
CA VAL E 25 -5.55 -10.52 -33.22
C VAL E 25 -5.53 -11.97 -33.69
N LEU E 26 -5.30 -12.91 -32.78
CA LEU E 26 -5.22 -14.32 -33.14
C LEU E 26 -6.39 -14.88 -33.92
N GLN E 27 -6.09 -15.89 -34.74
CA GLN E 27 -7.08 -16.59 -35.57
C GLN E 27 -7.53 -17.89 -34.91
N TRP E 28 -8.83 -18.17 -34.93
CA TRP E 28 -9.32 -19.41 -34.34
C TRP E 28 -10.22 -20.15 -35.31
N ALA E 29 -9.98 -21.45 -35.46
CA ALA E 29 -10.79 -22.22 -36.36
C ALA E 29 -11.57 -23.29 -35.60
N GLU E 30 -12.80 -23.55 -36.04
CA GLU E 30 -13.67 -24.56 -35.44
C GLU E 30 -13.28 -26.01 -35.81
N LYS E 31 -12.00 -26.31 -35.89
CA LYS E 31 -11.56 -27.65 -36.24
C LYS E 31 -11.18 -28.44 -34.99
N GLY E 32 -10.38 -29.47 -35.16
CA GLY E 32 -9.95 -30.26 -34.02
C GLY E 32 -11.05 -30.59 -33.02
N TYR E 33 -10.66 -30.79 -31.76
CA TYR E 33 -11.59 -31.14 -30.69
C TYR E 33 -12.18 -29.87 -30.12
N TYR E 34 -12.85 -29.13 -31.00
CA TYR E 34 -13.49 -27.88 -30.67
C TYR E 34 -14.87 -28.10 -30.07
N THR E 35 -15.53 -27.00 -29.71
CA THR E 35 -16.86 -27.05 -29.12
C THR E 35 -17.59 -25.75 -29.33
N MET E 36 -18.81 -25.85 -29.82
CA MET E 36 -19.65 -24.69 -30.07
C MET E 36 -21.08 -25.13 -29.76
N SER E 37 -21.41 -25.09 -28.48
CA SER E 37 -22.72 -25.47 -27.96
C SER E 37 -23.96 -25.13 -28.81
N ASN E 38 -23.97 -24.00 -29.49
CA ASN E 38 -25.12 -23.64 -30.32
C ASN E 38 -25.05 -22.26 -30.99
N ASN E 39 -26.15 -21.90 -31.64
CA ASN E 39 -26.26 -20.62 -32.34
C ASN E 39 -26.32 -19.43 -31.42
N LEU E 40 -25.88 -19.62 -30.18
CA LEU E 40 -25.87 -18.54 -29.21
C LEU E 40 -24.43 -18.07 -28.97
N VAL E 41 -23.48 -18.71 -29.65
CA VAL E 41 -22.06 -18.38 -29.60
C VAL E 41 -21.50 -18.74 -30.96
N THR E 42 -21.09 -17.74 -31.70
CA THR E 42 -20.55 -17.95 -33.02
C THR E 42 -19.12 -17.46 -33.11
N LEU E 43 -18.41 -17.87 -34.16
CA LEU E 43 -17.03 -17.43 -34.36
C LEU E 43 -16.96 -16.39 -35.49
N GLU E 44 -17.46 -15.17 -35.23
CA GLU E 44 -17.45 -14.08 -36.18
C GLU E 44 -16.12 -13.84 -36.84
N ASN E 45 -16.07 -13.91 -38.16
CA ASN E 45 -14.84 -13.60 -38.87
C ASN E 45 -13.62 -14.44 -38.43
N GLY E 46 -13.88 -15.57 -37.80
CA GLY E 46 -12.79 -16.43 -37.36
C GLY E 46 -11.72 -15.70 -36.55
N LYS E 47 -12.09 -14.57 -35.96
CA LYS E 47 -11.17 -13.79 -35.15
C LYS E 47 -11.71 -13.59 -33.75
N GLN E 48 -12.98 -13.85 -33.53
CA GLN E 48 -13.54 -13.63 -32.21
C GLN E 48 -14.81 -14.38 -31.92
N LEU E 49 -15.11 -14.54 -30.64
CA LEU E 49 -16.32 -15.23 -30.25
C LEU E 49 -17.35 -14.16 -29.93
N THR E 50 -18.61 -14.38 -30.33
CA THR E 50 -19.66 -13.42 -30.05
C THR E 50 -20.90 -14.06 -29.44
N VAL E 51 -21.15 -13.76 -28.18
CA VAL E 51 -22.30 -14.33 -27.48
C VAL E 51 -23.54 -13.56 -27.87
N LYS E 52 -24.68 -14.24 -27.88
CA LYS E 52 -25.94 -13.61 -28.24
C LYS E 52 -26.78 -13.21 -27.04
N ARG E 53 -26.87 -14.10 -26.06
CA ARG E 53 -27.65 -13.79 -24.87
C ARG E 53 -26.76 -13.18 -23.80
N GLN E 54 -27.19 -12.02 -23.31
CA GLN E 54 -26.46 -11.30 -22.28
C GLN E 54 -26.41 -12.11 -21.00
N GLY E 55 -25.31 -11.97 -20.27
CA GLY E 55 -25.16 -12.71 -19.03
C GLY E 55 -23.78 -12.66 -18.42
N LEU E 56 -23.55 -13.60 -17.51
CA LEU E 56 -22.28 -13.73 -16.81
C LEU E 56 -21.54 -14.98 -17.30
N TYR E 57 -20.52 -14.77 -18.13
CA TYR E 57 -19.77 -15.89 -18.68
C TYR E 57 -18.43 -16.04 -18.01
N TYR E 58 -17.78 -17.15 -18.27
CA TYR E 58 -16.44 -17.39 -17.77
C TYR E 58 -15.68 -17.54 -19.07
N ILE E 59 -14.86 -16.57 -19.44
CA ILE E 59 -14.09 -16.72 -20.68
C ILE E 59 -12.62 -17.05 -20.39
N TYR E 60 -11.96 -17.76 -21.31
CA TYR E 60 -10.57 -18.14 -21.10
C TYR E 60 -9.82 -18.30 -22.41
N ALA E 61 -8.49 -18.34 -22.34
CA ALA E 61 -7.70 -18.50 -23.54
C ALA E 61 -6.30 -18.84 -23.13
N GLN E 62 -5.66 -19.75 -23.86
CA GLN E 62 -4.30 -20.15 -23.58
C GLN E 62 -3.50 -19.88 -24.83
N VAL E 63 -2.40 -19.14 -24.69
CA VAL E 63 -1.57 -18.84 -25.84
C VAL E 63 -0.14 -19.34 -25.61
N THR E 64 0.30 -20.23 -26.48
CA THR E 64 1.65 -20.76 -26.39
C THR E 64 2.54 -20.14 -27.49
N PHE E 65 3.64 -19.50 -27.11
CA PHE E 65 4.55 -18.92 -28.11
C PHE E 65 5.96 -19.46 -27.95
N CYS E 66 6.77 -19.27 -28.99
CA CYS E 66 8.15 -19.76 -28.98
C CYS E 66 9.16 -18.65 -29.27
N SER E 67 9.97 -18.32 -28.26
CA SER E 67 10.96 -17.27 -28.40
C SER E 67 12.32 -17.66 -27.86
N PRO E 76 9.21 -8.85 -23.93
CA PRO E 76 8.09 -9.23 -23.07
C PRO E 76 6.80 -9.50 -23.86
N PHE E 77 6.52 -10.78 -24.12
CA PHE E 77 5.34 -11.23 -24.87
C PHE E 77 4.05 -11.06 -24.05
N ILE E 78 3.04 -10.41 -24.61
CA ILE E 78 1.82 -10.22 -23.84
C ILE E 78 0.49 -10.61 -24.50
N ALA E 79 -0.17 -11.60 -23.92
CA ALA E 79 -1.46 -12.05 -24.46
C ALA E 79 -2.57 -11.26 -23.77
N SER E 80 -3.24 -10.38 -24.50
CA SER E 80 -4.30 -9.59 -23.91
C SER E 80 -5.64 -10.19 -24.33
N LEU E 81 -6.71 -9.92 -23.60
CA LEU E 81 -8.02 -10.44 -23.97
C LEU E 81 -9.01 -9.29 -24.18
N CYS E 82 -8.62 -8.29 -24.99
CA CYS E 82 -9.47 -7.11 -25.26
C CYS E 82 -10.93 -7.61 -25.57
N LEU E 83 -11.95 -6.90 -25.10
CA LEU E 83 -13.38 -7.25 -25.34
C LEU E 83 -14.08 -6.13 -26.12
N LYS E 84 -14.90 -6.51 -27.10
CA LYS E 84 -15.63 -5.52 -27.87
C LYS E 84 -17.15 -5.66 -27.76
N SER E 85 -17.77 -4.73 -27.06
CA SER E 85 -19.22 -4.75 -26.90
C SER E 85 -19.89 -3.73 -27.83
N PRO E 86 -21.17 -3.97 -28.17
CA PRO E 86 -21.87 -3.04 -29.06
C PRO E 86 -22.06 -1.66 -28.44
N GLY E 87 -21.63 -0.64 -29.16
CA GLY E 87 -21.76 0.75 -28.72
C GLY E 87 -20.77 1.23 -27.69
N ARG E 88 -19.73 0.43 -27.44
CA ARG E 88 -18.70 0.76 -26.46
C ARG E 88 -17.33 0.50 -27.06
N PHE E 89 -16.38 1.41 -26.82
CA PHE E 89 -15.05 1.19 -27.36
C PHE E 89 -14.53 -0.09 -26.73
N GLU E 90 -13.89 -0.92 -27.54
CA GLU E 90 -13.37 -2.17 -27.03
C GLU E 90 -12.43 -1.83 -25.90
N ARG E 91 -12.18 -2.79 -25.00
CA ARG E 91 -11.29 -2.52 -23.90
C ARG E 91 -10.27 -3.63 -23.61
N ILE E 92 -10.15 -3.96 -22.32
CA ILE E 92 -9.23 -4.98 -21.80
C ILE E 92 -9.84 -5.80 -20.67
N LEU E 93 -10.11 -7.08 -20.90
CA LEU E 93 -10.64 -7.88 -19.82
C LEU E 93 -9.45 -8.36 -19.00
N LEU E 94 -8.52 -9.06 -19.65
CA LEU E 94 -7.33 -9.56 -18.98
C LEU E 94 -6.10 -9.45 -19.86
N ARG E 95 -4.95 -9.54 -19.24
CA ARG E 95 -3.67 -9.50 -19.94
C ARG E 95 -2.69 -10.33 -19.13
N ALA E 96 -1.94 -11.19 -19.81
CA ALA E 96 -0.95 -12.02 -19.15
C ALA E 96 0.38 -11.82 -19.86
N ALA E 97 1.42 -11.50 -19.10
CA ALA E 97 2.75 -11.27 -19.66
C ALA E 97 3.66 -12.48 -19.52
N ASN E 98 4.88 -12.39 -20.06
CA ASN E 98 5.81 -13.49 -19.94
C ASN E 98 7.14 -13.19 -20.65
N THR E 99 8.21 -13.10 -19.88
CA THR E 99 9.54 -12.82 -20.41
C THR E 99 9.96 -13.95 -21.34
N HIS E 100 10.66 -13.58 -22.42
CA HIS E 100 11.12 -14.56 -23.39
C HIS E 100 12.14 -15.52 -22.81
N SER E 101 12.14 -16.76 -23.32
CA SER E 101 13.06 -17.81 -22.87
C SER E 101 14.24 -17.95 -23.82
N SER E 102 15.35 -18.46 -23.30
CA SER E 102 16.52 -18.63 -24.13
C SER E 102 16.87 -20.09 -24.31
N ALA E 103 16.09 -20.76 -25.16
CA ALA E 103 16.33 -22.17 -25.43
C ALA E 103 16.91 -22.25 -26.84
N LYS E 104 17.27 -23.46 -27.27
CA LYS E 104 17.86 -23.69 -28.58
C LYS E 104 17.15 -22.91 -29.71
N PRO E 105 16.18 -23.53 -30.44
CA PRO E 105 15.58 -22.67 -31.47
C PRO E 105 14.88 -21.47 -30.83
N CYS E 106 14.00 -21.75 -29.87
CA CYS E 106 13.28 -20.69 -29.17
C CYS E 106 12.73 -21.05 -27.78
N GLY E 107 12.34 -22.30 -27.56
CA GLY E 107 11.82 -22.68 -26.25
C GLY E 107 10.44 -22.11 -25.98
N GLN E 108 9.43 -22.96 -26.08
CA GLN E 108 8.04 -22.57 -25.89
C GLN E 108 7.61 -22.19 -24.49
N GLN E 109 6.56 -21.40 -24.43
CA GLN E 109 6.02 -20.91 -23.18
C GLN E 109 4.51 -20.80 -23.36
N SER E 110 3.73 -21.20 -22.36
CA SER E 110 2.29 -21.11 -22.45
C SER E 110 1.79 -20.10 -21.47
N ILE E 111 0.70 -19.44 -21.83
CA ILE E 111 0.10 -18.40 -21.00
C ILE E 111 -1.37 -18.66 -20.86
N HIS E 112 -1.89 -18.64 -19.65
CA HIS E 112 -3.32 -18.91 -19.45
C HIS E 112 -4.12 -17.71 -18.90
N LEU E 113 -5.27 -17.44 -19.51
CA LEU E 113 -6.16 -16.35 -19.08
C LEU E 113 -7.54 -16.90 -18.82
N GLY E 114 -8.22 -16.34 -17.84
CA GLY E 114 -9.57 -16.80 -17.53
C GLY E 114 -10.21 -15.96 -16.44
N GLY E 115 -11.49 -15.64 -16.59
CA GLY E 115 -12.15 -14.84 -15.58
C GLY E 115 -13.63 -14.71 -15.85
N VAL E 116 -14.39 -14.27 -14.84
CA VAL E 116 -15.84 -14.11 -15.00
C VAL E 116 -16.20 -12.69 -15.41
N PHE E 117 -16.89 -12.55 -16.53
CA PHE E 117 -17.28 -11.23 -17.01
C PHE E 117 -18.73 -11.15 -17.44
N GLU E 118 -19.27 -9.93 -17.38
CA GLU E 118 -20.65 -9.69 -17.78
C GLU E 118 -20.67 -9.31 -19.25
N LEU E 119 -21.28 -10.15 -20.06
CA LEU E 119 -21.37 -9.87 -21.48
C LEU E 119 -22.81 -9.56 -21.87
N GLN E 120 -22.98 -8.47 -22.62
CA GLN E 120 -24.28 -8.06 -23.12
C GLN E 120 -24.35 -8.63 -24.55
N PRO E 121 -25.57 -8.85 -25.09
CA PRO E 121 -25.77 -9.40 -26.44
C PRO E 121 -25.00 -8.70 -27.54
N GLY E 122 -24.47 -9.49 -28.47
CA GLY E 122 -23.73 -8.91 -29.57
C GLY E 122 -22.32 -8.47 -29.21
N ALA E 123 -21.88 -8.78 -27.99
CA ALA E 123 -20.53 -8.44 -27.53
C ALA E 123 -19.59 -9.55 -28.01
N SER E 124 -18.36 -9.18 -28.36
CA SER E 124 -17.38 -10.14 -28.86
C SER E 124 -16.10 -10.11 -28.04
N VAL E 125 -15.44 -11.25 -27.89
CA VAL E 125 -14.21 -11.31 -27.13
C VAL E 125 -13.12 -11.80 -28.08
N PHE E 126 -11.88 -11.40 -27.84
CA PHE E 126 -10.80 -11.86 -28.70
C PHE E 126 -9.43 -11.73 -28.07
N VAL E 127 -8.55 -12.64 -28.46
CA VAL E 127 -7.20 -12.63 -27.94
C VAL E 127 -6.33 -11.80 -28.88
N ASN E 128 -5.53 -10.91 -28.30
CA ASN E 128 -4.63 -10.07 -29.05
C ASN E 128 -3.23 -10.14 -28.45
N VAL E 129 -2.27 -10.65 -29.21
CA VAL E 129 -0.89 -10.77 -28.74
C VAL E 129 0.07 -9.75 -29.37
N THR E 130 1.28 -9.67 -28.83
CA THR E 130 2.30 -8.74 -29.31
C THR E 130 3.13 -9.29 -30.49
N ASP E 131 3.32 -10.59 -30.53
CA ASP E 131 4.11 -11.23 -31.59
C ASP E 131 3.31 -12.36 -32.23
N PRO E 132 2.25 -12.03 -32.97
CA PRO E 132 1.52 -13.15 -33.54
C PRO E 132 2.33 -14.15 -34.36
N SER E 133 3.57 -13.81 -34.71
CA SER E 133 4.39 -14.72 -35.50
C SER E 133 5.17 -15.70 -34.64
N GLN E 134 4.81 -15.80 -33.37
CA GLN E 134 5.49 -16.69 -32.44
C GLN E 134 4.55 -17.73 -31.82
N VAL E 135 3.29 -17.35 -31.69
CA VAL E 135 2.31 -18.26 -31.12
C VAL E 135 2.43 -19.60 -31.82
N SER E 136 2.74 -20.64 -31.07
CA SER E 136 2.85 -21.98 -31.62
C SER E 136 1.43 -22.54 -31.79
N HIS E 137 1.15 -23.12 -32.95
CA HIS E 137 -0.18 -23.66 -33.25
C HIS E 137 -0.27 -25.18 -33.20
N GLY E 138 0.77 -25.83 -32.65
CA GLY E 138 0.76 -27.28 -32.54
C GLY E 138 -0.47 -27.78 -31.80
N THR E 139 -0.96 -28.96 -32.16
CA THR E 139 -2.18 -29.52 -31.55
C THR E 139 -2.27 -29.40 -30.04
N GLY E 140 -3.32 -28.71 -29.57
CA GLY E 140 -3.52 -28.52 -28.14
C GLY E 140 -2.71 -27.46 -27.41
N PHE E 141 -1.95 -26.64 -28.14
CA PHE E 141 -1.12 -25.62 -27.54
C PHE E 141 -1.86 -24.31 -27.35
N THR E 142 -2.61 -23.87 -28.35
CA THR E 142 -3.31 -22.61 -28.22
C THR E 142 -4.80 -22.67 -28.49
N SER E 143 -5.59 -22.48 -27.45
CA SER E 143 -7.03 -22.53 -27.58
C SER E 143 -7.68 -21.24 -27.14
N PHE E 144 -9.00 -21.22 -27.13
CA PHE E 144 -9.75 -20.03 -26.73
C PHE E 144 -11.19 -20.45 -26.50
N GLY E 145 -11.83 -19.90 -25.47
CA GLY E 145 -13.19 -20.32 -25.23
C GLY E 145 -13.91 -19.61 -24.10
N LEU E 146 -15.16 -19.99 -23.90
CA LEU E 146 -15.95 -19.38 -22.87
C LEU E 146 -17.10 -20.32 -22.53
N LEU E 147 -17.85 -19.97 -21.50
CA LEU E 147 -18.98 -20.78 -21.08
C LEU E 147 -19.87 -19.86 -20.25
N LYS E 148 -21.18 -20.01 -20.36
CA LYS E 148 -22.04 -19.12 -19.60
C LYS E 148 -22.42 -19.69 -18.23
N LEU E 149 -21.99 -18.99 -17.18
CA LEU E 149 -22.29 -19.41 -15.81
C LEU E 149 -23.79 -19.60 -15.60
N ASN F 7 -25.95 -35.84 -4.57
CA ASN F 7 -25.35 -34.69 -5.23
C ASN F 7 -25.68 -34.61 -6.73
N PRO F 8 -26.42 -33.55 -7.14
CA PRO F 8 -26.78 -33.41 -8.55
C PRO F 8 -25.64 -32.95 -9.48
N GLN F 9 -24.75 -32.10 -8.96
CA GLN F 9 -23.64 -31.60 -9.74
C GLN F 9 -22.43 -32.53 -9.75
N ILE F 10 -21.90 -32.78 -10.95
CA ILE F 10 -20.75 -33.64 -11.13
C ILE F 10 -19.51 -32.74 -11.21
N ALA F 11 -18.63 -32.87 -10.23
CA ALA F 11 -17.40 -32.09 -10.20
C ALA F 11 -16.33 -32.94 -9.57
N ALA F 12 -15.06 -32.59 -9.78
CA ALA F 12 -13.95 -33.34 -9.22
C ALA F 12 -12.62 -32.60 -9.22
N HIS F 13 -11.96 -32.64 -8.06
CA HIS F 13 -10.65 -32.00 -7.89
C HIS F 13 -9.78 -32.98 -7.13
N VAL F 14 -8.69 -33.43 -7.76
CA VAL F 14 -7.82 -34.38 -7.10
C VAL F 14 -6.42 -33.81 -6.87
N ILE F 15 -5.76 -34.31 -5.84
CA ILE F 15 -4.44 -33.86 -5.47
C ILE F 15 -3.38 -34.77 -6.08
N SER F 16 -2.24 -34.19 -6.46
CA SER F 16 -1.16 -34.98 -7.05
C SER F 16 -0.52 -35.79 -5.95
N GLU F 17 0.12 -36.89 -6.34
CA GLU F 17 0.74 -37.74 -5.35
C GLU F 17 2.07 -38.33 -5.75
N ALA F 18 2.93 -38.45 -4.75
CA ALA F 18 4.27 -39.01 -4.88
C ALA F 18 4.25 -40.14 -5.90
N SER F 19 4.47 -39.78 -7.16
CA SER F 19 4.44 -40.71 -8.28
C SER F 19 5.64 -41.64 -8.44
N SER F 20 6.19 -41.65 -9.65
CA SER F 20 7.33 -42.46 -10.02
C SER F 20 7.61 -42.17 -11.49
N LYS F 21 8.75 -42.65 -11.97
CA LYS F 21 9.14 -42.43 -13.36
C LYS F 21 8.69 -43.57 -14.27
N THR F 22 8.40 -44.74 -13.68
CA THR F 22 7.94 -45.89 -14.46
C THR F 22 6.91 -45.46 -15.52
N THR F 23 6.12 -44.44 -15.18
CA THR F 23 5.11 -43.93 -16.09
C THR F 23 5.17 -42.40 -16.20
N SER F 24 4.84 -41.91 -17.40
CA SER F 24 4.84 -40.49 -17.72
C SER F 24 3.51 -39.81 -17.39
N VAL F 25 2.52 -40.60 -17.02
CA VAL F 25 1.23 -40.07 -16.64
C VAL F 25 1.28 -39.77 -15.15
N LEU F 26 0.65 -38.69 -14.72
CA LEU F 26 0.69 -38.32 -13.32
C LEU F 26 -0.27 -39.09 -12.43
N GLN F 27 0.14 -39.28 -11.19
CA GLN F 27 -0.67 -39.98 -10.20
C GLN F 27 -1.48 -38.98 -9.40
N TRP F 28 -2.69 -39.36 -9.02
CA TRP F 28 -3.50 -38.45 -8.24
C TRP F 28 -4.14 -39.24 -7.14
N ALA F 29 -4.36 -38.60 -6.00
CA ALA F 29 -4.97 -39.26 -4.85
C ALA F 29 -6.07 -38.40 -4.28
N GLU F 30 -7.16 -39.04 -3.86
CA GLU F 30 -8.29 -38.33 -3.27
C GLU F 30 -8.04 -37.88 -1.85
N LYS F 31 -6.83 -37.39 -1.57
CA LYS F 31 -6.51 -36.93 -0.23
C LYS F 31 -6.56 -35.40 -0.14
N GLY F 32 -6.17 -34.86 1.00
CA GLY F 32 -6.17 -33.43 1.18
C GLY F 32 -7.52 -32.77 0.90
N TYR F 33 -7.47 -31.50 0.49
CA TYR F 33 -8.68 -30.73 0.18
C TYR F 33 -9.20 -31.09 -1.20
N TYR F 34 -9.53 -32.37 -1.39
CA TYR F 34 -10.03 -32.88 -2.66
C TYR F 34 -11.55 -32.72 -2.77
N THR F 35 -12.09 -33.14 -3.90
CA THR F 35 -13.52 -33.06 -4.17
C THR F 35 -13.94 -34.07 -5.23
N MET F 36 -14.90 -34.93 -4.89
CA MET F 36 -15.41 -35.94 -5.80
C MET F 36 -16.92 -36.00 -5.62
N SER F 37 -17.59 -35.02 -6.22
CA SER F 37 -19.05 -34.86 -6.14
C SER F 37 -19.91 -36.11 -6.00
N ASN F 38 -19.55 -37.19 -6.68
CA ASN F 38 -20.36 -38.41 -6.56
C ASN F 38 -19.89 -39.53 -7.46
N ASN F 39 -20.64 -40.64 -7.46
CA ASN F 39 -20.33 -41.81 -8.27
C ASN F 39 -20.49 -41.59 -9.77
N LEU F 40 -20.45 -40.32 -10.19
CA LEU F 40 -20.56 -39.99 -11.61
C LEU F 40 -19.21 -39.52 -12.16
N VAL F 41 -18.20 -39.52 -11.30
CA VAL F 41 -16.80 -39.17 -11.63
C VAL F 41 -15.93 -39.92 -10.65
N THR F 42 -15.18 -40.88 -11.17
CA THR F 42 -14.34 -41.69 -10.32
C THR F 42 -12.88 -41.51 -10.66
N LEU F 43 -11.98 -41.99 -9.80
CA LEU F 43 -10.58 -41.88 -10.07
C LEU F 43 -10.01 -43.24 -10.43
N GLU F 44 -10.33 -43.70 -11.62
CA GLU F 44 -9.87 -44.99 -12.11
C GLU F 44 -8.37 -45.25 -11.98
N ASN F 45 -8.00 -46.30 -11.25
CA ASN F 45 -6.60 -46.66 -11.15
C ASN F 45 -5.72 -45.49 -10.67
N GLY F 46 -6.32 -44.55 -9.95
CA GLY F 46 -5.55 -43.42 -9.46
C GLY F 46 -4.68 -42.71 -10.49
N LYS F 47 -5.00 -42.89 -11.76
CA LYS F 47 -4.22 -42.23 -12.79
C LYS F 47 -5.11 -41.34 -13.64
N GLN F 48 -6.42 -41.55 -13.63
CA GLN F 48 -7.27 -40.72 -14.46
C GLN F 48 -8.68 -40.54 -13.92
N LEU F 49 -9.36 -39.53 -14.43
CA LEU F 49 -10.73 -39.25 -14.03
C LEU F 49 -11.61 -39.83 -15.11
N THR F 50 -12.73 -40.43 -14.74
CA THR F 50 -13.63 -41.02 -15.72
C THR F 50 -15.05 -40.65 -15.41
N VAL F 51 -15.66 -39.87 -16.32
CA VAL F 51 -17.03 -39.42 -16.15
C VAL F 51 -17.99 -40.49 -16.66
N LYS F 52 -19.16 -40.60 -16.04
CA LYS F 52 -20.15 -41.59 -16.44
C LYS F 52 -21.25 -41.03 -17.33
N ARG F 53 -21.73 -39.84 -17.00
CA ARG F 53 -22.77 -39.25 -17.82
C ARG F 53 -22.15 -38.33 -18.88
N GLN F 54 -22.48 -38.60 -20.14
CA GLN F 54 -21.99 -37.84 -21.27
C GLN F 54 -22.45 -36.40 -21.20
N GLY F 55 -21.54 -35.49 -21.54
CA GLY F 55 -21.88 -34.08 -21.53
C GLY F 55 -20.76 -33.13 -21.92
N LEU F 56 -20.93 -31.87 -21.52
CA LEU F 56 -19.96 -30.84 -21.81
C LEU F 56 -19.33 -30.48 -20.45
N TYR F 57 -18.07 -30.86 -20.24
CA TYR F 57 -17.38 -30.58 -18.99
C TYR F 57 -16.26 -29.60 -19.19
N TYR F 58 -15.83 -28.97 -18.10
CA TYR F 58 -14.73 -28.02 -18.14
C TYR F 58 -13.65 -28.72 -17.35
N ILE F 59 -12.62 -29.21 -18.03
CA ILE F 59 -11.61 -29.89 -17.27
C ILE F 59 -10.38 -29.01 -17.17
N TYR F 60 -9.60 -29.18 -16.10
CA TYR F 60 -8.41 -28.36 -15.89
C TYR F 60 -7.34 -29.14 -15.14
N ALA F 61 -6.18 -28.54 -15.00
CA ALA F 61 -5.11 -29.21 -14.30
C ALA F 61 -3.95 -28.25 -14.21
N GLN F 62 -3.25 -28.27 -13.08
CA GLN F 62 -2.08 -27.43 -12.87
C GLN F 62 -0.90 -28.32 -12.52
N VAL F 63 0.22 -28.15 -13.21
CA VAL F 63 1.38 -28.97 -12.91
C VAL F 63 2.57 -28.07 -12.60
N THR F 64 3.17 -28.28 -11.42
CA THR F 64 4.32 -27.52 -10.98
C THR F 64 5.53 -28.43 -11.01
N PHE F 65 6.60 -28.02 -11.68
CA PHE F 65 7.80 -28.84 -11.76
C PHE F 65 8.97 -27.93 -11.56
N CYS F 66 10.18 -28.47 -11.64
CA CYS F 66 11.37 -27.61 -11.50
C CYS F 66 12.61 -28.11 -12.26
N SER F 67 12.95 -27.38 -13.33
CA SER F 67 14.08 -27.66 -14.22
C SER F 67 15.12 -28.63 -13.63
N PRO F 76 12.46 -28.80 -23.01
CA PRO F 76 11.15 -28.28 -22.60
C PRO F 76 10.39 -29.24 -21.69
N PHE F 77 9.58 -28.68 -20.81
CA PHE F 77 8.73 -29.49 -19.95
C PHE F 77 7.31 -29.28 -20.48
N ILE F 78 6.62 -30.36 -20.80
CA ILE F 78 5.29 -30.23 -21.38
C ILE F 78 4.23 -31.06 -20.70
N ALA F 79 3.21 -30.39 -20.17
CA ALA F 79 2.09 -31.09 -19.53
C ALA F 79 0.94 -31.18 -20.51
N SER F 80 0.71 -32.39 -21.02
CA SER F 80 -0.34 -32.59 -21.99
C SER F 80 -1.54 -33.12 -21.23
N LEU F 81 -2.73 -33.03 -21.82
CA LEU F 81 -3.94 -33.52 -21.16
C LEU F 81 -4.61 -34.58 -22.03
N CYS F 82 -3.84 -35.56 -22.49
CA CYS F 82 -4.36 -36.63 -23.36
C CYS F 82 -5.73 -37.15 -22.78
N LEU F 83 -6.73 -37.31 -23.67
CA LEU F 83 -8.09 -37.82 -23.33
C LEU F 83 -8.32 -39.20 -23.97
N LYS F 84 -8.87 -40.13 -23.20
CA LYS F 84 -9.17 -41.46 -23.71
C LYS F 84 -10.67 -41.77 -23.59
N SER F 85 -11.31 -41.94 -24.74
CA SER F 85 -12.73 -42.25 -24.78
C SER F 85 -12.94 -43.71 -25.24
N PRO F 86 -14.06 -44.34 -24.84
CA PRO F 86 -14.32 -45.71 -25.24
C PRO F 86 -14.48 -45.86 -26.74
N GLY F 87 -13.73 -46.79 -27.31
CA GLY F 87 -13.80 -47.04 -28.73
C GLY F 87 -13.08 -46.03 -29.60
N ARG F 88 -12.23 -45.21 -29.00
CA ARG F 88 -11.48 -44.22 -29.77
C ARG F 88 -10.05 -44.11 -29.25
N PHE F 89 -9.08 -44.02 -30.16
CA PHE F 89 -7.69 -43.90 -29.73
C PHE F 89 -7.60 -42.64 -28.89
N GLU F 90 -6.86 -42.71 -27.79
CA GLU F 90 -6.72 -41.55 -26.92
C GLU F 90 -6.11 -40.44 -27.76
N ARG F 91 -6.31 -39.19 -27.36
CA ARG F 91 -5.74 -38.09 -28.11
C ARG F 91 -5.05 -36.99 -27.31
N ILE F 92 -5.46 -35.76 -27.57
CA ILE F 92 -4.90 -34.57 -26.93
C ILE F 92 -5.94 -33.46 -26.80
N LEU F 93 -6.29 -33.12 -25.57
CA LEU F 93 -7.23 -32.02 -25.39
C LEU F 93 -6.41 -30.74 -25.39
N LEU F 94 -5.44 -30.64 -24.47
CA LEU F 94 -4.53 -29.49 -24.35
C LEU F 94 -3.09 -29.91 -24.03
N ARG F 95 -2.17 -28.98 -24.26
CA ARG F 95 -0.76 -29.18 -23.96
C ARG F 95 -0.18 -27.81 -23.68
N ALA F 96 0.44 -27.67 -22.52
CA ALA F 96 1.05 -26.42 -22.13
C ALA F 96 2.52 -26.67 -21.96
N ALA F 97 3.33 -25.86 -22.65
CA ALA F 97 4.77 -25.97 -22.60
C ALA F 97 5.31 -24.93 -21.64
N ASN F 98 6.61 -24.97 -21.43
CA ASN F 98 7.25 -24.03 -20.54
C ASN F 98 8.67 -24.51 -20.50
N THR F 99 9.50 -23.99 -21.40
CA THR F 99 10.86 -24.44 -21.44
C THR F 99 11.61 -23.91 -20.25
N HIS F 100 12.35 -24.83 -19.64
CA HIS F 100 13.17 -24.61 -18.46
C HIS F 100 13.87 -23.26 -18.41
N SER F 101 14.45 -22.97 -17.25
CA SER F 101 15.18 -21.72 -17.05
C SER F 101 16.28 -22.06 -16.06
N SER F 102 17.32 -21.23 -16.05
CA SER F 102 18.46 -21.41 -15.16
C SER F 102 18.07 -21.18 -13.70
N ALA F 103 18.54 -22.05 -12.83
CA ALA F 103 18.22 -21.93 -11.42
C ALA F 103 19.21 -22.76 -10.63
N LYS F 104 19.88 -22.13 -9.68
CA LYS F 104 20.88 -22.80 -8.86
C LYS F 104 20.45 -24.26 -8.70
N PRO F 105 19.35 -24.51 -7.97
CA PRO F 105 18.97 -25.92 -7.86
C PRO F 105 18.22 -26.37 -9.13
N CYS F 106 17.03 -25.78 -9.36
CA CYS F 106 16.21 -26.14 -10.51
C CYS F 106 15.11 -25.14 -10.85
N GLY F 107 14.86 -24.17 -9.97
CA GLY F 107 13.84 -23.17 -10.24
C GLY F 107 12.46 -23.69 -10.61
N GLN F 108 11.53 -23.56 -9.67
CA GLN F 108 10.16 -24.03 -9.85
C GLN F 108 9.36 -23.30 -10.93
N GLN F 109 8.25 -23.89 -11.31
CA GLN F 109 7.41 -23.32 -12.35
C GLN F 109 6.09 -24.05 -12.38
N SER F 110 5.02 -23.32 -12.62
CA SER F 110 3.72 -23.97 -12.67
C SER F 110 3.11 -23.82 -14.04
N ILE F 111 2.24 -24.75 -14.39
CA ILE F 111 1.57 -24.74 -15.68
C ILE F 111 0.10 -25.04 -15.44
N HIS F 112 -0.78 -24.26 -16.07
CA HIS F 112 -2.21 -24.46 -15.91
C HIS F 112 -2.97 -24.72 -17.23
N LEU F 113 -3.78 -25.78 -17.24
CA LEU F 113 -4.56 -26.14 -18.41
C LEU F 113 -6.04 -26.12 -18.10
N GLY F 114 -6.82 -25.73 -19.08
CA GLY F 114 -8.26 -25.70 -18.87
C GLY F 114 -8.99 -25.46 -20.17
N GLY F 115 -10.17 -26.09 -20.30
CA GLY F 115 -10.96 -25.92 -21.50
C GLY F 115 -12.31 -26.62 -21.40
N VAL F 116 -13.19 -26.34 -22.34
CA VAL F 116 -14.49 -26.98 -22.32
C VAL F 116 -14.49 -28.08 -23.38
N PHE F 117 -14.79 -29.30 -22.97
CA PHE F 117 -14.79 -30.41 -23.91
C PHE F 117 -16.00 -31.34 -23.79
N GLU F 118 -16.33 -31.99 -24.90
CA GLU F 118 -17.47 -32.90 -24.91
C GLU F 118 -17.01 -34.30 -24.52
N LEU F 119 -17.47 -34.75 -23.35
CA LEU F 119 -17.12 -36.09 -22.90
C LEU F 119 -18.29 -37.07 -22.96
N GLN F 120 -18.06 -38.24 -23.58
CA GLN F 120 -19.08 -39.27 -23.68
C GLN F 120 -18.85 -40.22 -22.50
N PRO F 121 -19.89 -40.98 -22.09
CA PRO F 121 -19.83 -41.92 -20.98
C PRO F 121 -18.68 -42.89 -21.04
N GLY F 122 -18.00 -43.06 -19.92
CA GLY F 122 -16.89 -43.98 -19.86
C GLY F 122 -15.60 -43.39 -20.36
N ALA F 123 -15.63 -42.11 -20.72
CA ALA F 123 -14.45 -41.42 -21.21
C ALA F 123 -13.60 -41.01 -20.02
N SER F 124 -12.28 -41.09 -20.21
CA SER F 124 -11.33 -40.77 -19.15
C SER F 124 -10.38 -39.69 -19.61
N VAL F 125 -9.95 -38.87 -18.66
CA VAL F 125 -9.01 -37.81 -18.94
C VAL F 125 -7.79 -38.01 -18.03
N PHE F 126 -6.64 -37.55 -18.50
CA PHE F 126 -5.45 -37.67 -17.67
C PHE F 126 -4.34 -36.71 -18.10
N VAL F 127 -3.45 -36.40 -17.16
CA VAL F 127 -2.33 -35.50 -17.41
C VAL F 127 -1.13 -36.37 -17.62
N ASN F 128 -0.39 -36.08 -18.69
CA ASN F 128 0.80 -36.82 -19.05
C ASN F 128 1.94 -35.84 -19.32
N VAL F 129 2.94 -35.84 -18.44
CA VAL F 129 4.07 -34.94 -18.57
C VAL F 129 5.32 -35.57 -19.16
N THR F 130 6.26 -34.73 -19.54
CA THR F 130 7.50 -35.19 -20.12
C THR F 130 8.53 -35.66 -19.09
N ASP F 131 8.57 -35.01 -17.94
CA ASP F 131 9.53 -35.34 -16.87
C ASP F 131 8.77 -35.58 -15.59
N PRO F 132 8.11 -36.72 -15.44
CA PRO F 132 7.38 -36.90 -14.19
C PRO F 132 8.23 -36.85 -12.93
N SER F 133 9.55 -36.95 -13.07
CA SER F 133 10.41 -36.91 -11.88
C SER F 133 10.71 -35.49 -11.42
N GLN F 134 10.04 -34.50 -12.04
CA GLN F 134 10.25 -33.09 -11.70
C GLN F 134 9.00 -32.43 -11.10
N VAL F 135 7.83 -32.98 -11.40
CA VAL F 135 6.62 -32.41 -10.87
C VAL F 135 6.69 -32.38 -9.35
N SER F 136 6.59 -31.19 -8.78
CA SER F 136 6.63 -31.02 -7.34
C SER F 136 5.27 -31.36 -6.75
N HIS F 137 5.25 -32.16 -5.69
CA HIS F 137 3.99 -32.57 -5.09
C HIS F 137 3.58 -31.82 -3.82
N GLY F 138 4.34 -30.78 -3.50
CA GLY F 138 4.03 -29.98 -2.32
C GLY F 138 2.58 -29.57 -2.24
N THR F 139 2.04 -29.54 -1.01
CA THR F 139 0.65 -29.18 -0.79
C THR F 139 0.21 -28.03 -1.63
N GLY F 140 -0.76 -28.27 -2.50
CA GLY F 140 -1.29 -27.20 -3.34
C GLY F 140 -0.55 -26.84 -4.63
N PHE F 141 0.51 -27.58 -4.95
CA PHE F 141 1.27 -27.29 -6.16
C PHE F 141 0.75 -27.96 -7.41
N THR F 142 0.35 -29.23 -7.30
CA THR F 142 -0.16 -29.93 -8.47
C THR F 142 -1.49 -30.58 -8.29
N SER F 143 -2.48 -30.12 -9.05
CA SER F 143 -3.83 -30.65 -8.93
C SER F 143 -4.41 -31.05 -10.27
N PHE F 144 -5.62 -31.58 -10.28
CA PHE F 144 -6.27 -32.00 -11.50
C PHE F 144 -7.77 -32.08 -11.23
N GLY F 145 -8.60 -31.71 -12.20
CA GLY F 145 -10.03 -31.75 -11.95
C GLY F 145 -10.92 -31.38 -13.13
N LEU F 146 -12.22 -31.50 -12.94
CA LEU F 146 -13.21 -31.20 -13.98
C LEU F 146 -14.55 -30.87 -13.34
N LEU F 147 -15.46 -30.29 -14.10
CA LEU F 147 -16.78 -29.97 -13.58
C LEU F 147 -17.68 -30.04 -14.80
N LYS F 148 -18.93 -30.46 -14.60
CA LYS F 148 -19.87 -30.57 -15.72
C LYS F 148 -20.73 -29.33 -15.90
N LEU F 149 -20.74 -28.80 -17.12
CA LEU F 149 -21.53 -27.61 -17.43
C LEU F 149 -23.04 -27.91 -17.38
N CYS G 6 2.58 -16.30 33.71
CA CYS G 6 2.96 -17.72 33.84
C CYS G 6 4.46 -17.94 33.96
N ARG G 7 5.09 -18.46 32.91
CA ARG G 7 6.53 -18.69 32.96
C ARG G 7 7.24 -18.17 31.72
N GLU G 8 8.57 -18.22 31.73
CA GLU G 8 9.37 -17.70 30.63
C GLU G 8 8.91 -18.16 29.25
N LYS G 9 9.19 -17.33 28.25
CA LYS G 9 8.79 -17.58 26.86
C LYS G 9 7.28 -17.80 26.78
N GLN G 10 6.55 -16.83 27.32
CA GLN G 10 5.09 -16.80 27.36
C GLN G 10 4.69 -15.76 28.38
N TYR G 11 3.67 -14.98 28.08
CA TYR G 11 3.19 -13.91 28.98
C TYR G 11 1.73 -14.17 29.33
N LEU G 12 1.15 -13.31 30.19
CA LEU G 12 -0.26 -13.47 30.59
C LEU G 12 -1.17 -12.29 30.18
N ILE G 13 -2.45 -12.59 29.94
CA ILE G 13 -3.41 -11.55 29.56
C ILE G 13 -4.58 -11.43 30.53
N ASN G 14 -5.79 -11.56 29.98
CA ASN G 14 -7.02 -11.44 30.75
C ASN G 14 -7.16 -12.56 31.78
N SER G 15 -6.65 -13.74 31.43
CA SER G 15 -6.73 -14.88 32.34
C SER G 15 -5.98 -16.08 31.78
N GLN G 16 -5.79 -16.09 30.46
CA GLN G 16 -5.08 -17.18 29.81
C GLN G 16 -3.67 -16.70 29.51
N CYS G 17 -2.74 -17.64 29.41
CA CYS G 17 -1.36 -17.29 29.11
C CYS G 17 -1.01 -17.64 27.68
N CYS G 18 -0.59 -16.60 26.95
CA CYS G 18 -0.17 -16.79 25.58
C CYS G 18 1.34 -16.80 25.66
N SER G 19 1.98 -17.43 24.69
CA SER G 19 3.42 -17.48 24.70
C SER G 19 3.97 -16.30 23.93
N LEU G 20 5.19 -15.89 24.25
CA LEU G 20 5.80 -14.78 23.55
C LEU G 20 6.00 -15.15 22.09
N CYS G 21 6.81 -14.36 21.40
CA CYS G 21 7.13 -14.65 20.02
C CYS G 21 8.65 -14.74 19.95
N GLN G 22 9.14 -15.62 19.09
CA GLN G 22 10.57 -15.82 18.93
C GLN G 22 11.25 -14.51 18.53
N PRO G 23 12.50 -14.33 18.98
CA PRO G 23 13.27 -13.13 18.68
C PRO G 23 13.47 -12.95 17.17
N GLY G 24 12.55 -12.25 16.53
CA GLY G 24 12.63 -12.03 15.10
C GLY G 24 11.23 -11.98 14.51
N GLN G 25 10.25 -11.84 15.38
CA GLN G 25 8.84 -11.77 14.97
C GLN G 25 8.00 -10.90 15.91
N LYS G 26 7.38 -9.86 15.37
CA LYS G 26 6.53 -8.99 16.14
C LYS G 26 5.30 -9.77 16.53
N LEU G 27 4.44 -9.19 17.36
CA LEU G 27 3.21 -9.86 17.79
C LEU G 27 2.03 -9.32 16.99
N VAL G 28 1.14 -10.23 16.59
CA VAL G 28 -0.02 -9.84 15.82
C VAL G 28 -1.33 -9.92 16.60
N SER G 29 -1.65 -11.09 17.13
CA SER G 29 -2.88 -11.25 17.89
C SER G 29 -2.66 -12.17 19.09
N ASP G 30 -3.37 -11.91 20.17
CA ASP G 30 -3.24 -12.70 21.39
C ASP G 30 -3.94 -14.03 21.25
N CYS G 31 -3.75 -14.92 22.22
CA CYS G 31 -4.38 -16.24 22.15
C CYS G 31 -5.73 -16.25 22.88
N THR G 32 -6.54 -17.27 22.57
CA THR G 32 -7.87 -17.41 23.17
C THR G 32 -8.19 -18.84 23.62
N GLU G 33 -9.44 -19.25 23.40
CA GLU G 33 -9.90 -20.59 23.79
C GLU G 33 -10.09 -21.47 22.55
N PHE G 34 -9.48 -21.09 21.45
CA PHE G 34 -9.59 -21.88 20.23
C PHE G 34 -8.30 -21.76 19.40
N THR G 35 -7.60 -20.63 19.55
CA THR G 35 -6.34 -20.38 18.82
C THR G 35 -5.36 -19.58 19.68
N GLU G 36 -4.06 -19.81 19.51
CA GLU G 36 -3.07 -19.09 20.31
C GLU G 36 -2.40 -17.88 19.66
N THR G 37 -1.49 -17.25 20.39
CA THR G 37 -0.78 -16.07 19.92
C THR G 37 -0.05 -16.33 18.61
N GLU G 38 -0.27 -15.45 17.63
CA GLU G 38 0.36 -15.60 16.32
C GLU G 38 1.25 -14.39 15.98
N CYS G 39 2.38 -14.64 15.31
CA CYS G 39 3.29 -13.55 14.96
C CYS G 39 3.95 -13.68 13.59
N LEU G 40 4.13 -12.53 12.93
CA LEU G 40 4.76 -12.41 11.61
C LEU G 40 6.16 -11.85 11.82
N PRO G 41 7.10 -12.16 10.92
CA PRO G 41 8.47 -11.66 11.05
C PRO G 41 8.65 -10.16 10.86
N CYS G 42 9.78 -9.66 11.36
CA CYS G 42 10.16 -8.27 11.26
C CYS G 42 10.68 -7.96 9.89
N GLY G 43 10.33 -6.77 9.41
CA GLY G 43 10.77 -6.34 8.09
C GLY G 43 12.22 -6.56 7.73
N GLU G 44 12.57 -6.09 6.55
CA GLU G 44 13.92 -6.23 6.05
C GLU G 44 14.67 -4.95 6.32
N SER G 45 14.51 -4.46 7.55
CA SER G 45 15.16 -3.25 8.03
C SER G 45 14.82 -3.07 9.51
N GLU G 46 13.99 -3.99 10.00
CA GLU G 46 13.55 -4.00 11.38
C GLU G 46 14.19 -5.21 12.07
N PHE G 47 13.84 -5.41 13.35
CA PHE G 47 14.36 -6.54 14.13
C PHE G 47 13.76 -6.54 15.54
N LEU G 48 13.96 -7.64 16.24
CA LEU G 48 13.52 -7.82 17.62
C LEU G 48 14.48 -8.84 18.23
N ASP G 49 15.37 -8.36 19.09
CA ASP G 49 16.37 -9.21 19.72
C ASP G 49 15.92 -9.74 21.06
N THR G 50 14.74 -10.35 21.12
CA THR G 50 14.27 -10.87 22.40
C THR G 50 12.86 -11.43 22.33
N TRP G 51 12.64 -12.54 23.05
CA TRP G 51 11.32 -13.15 23.12
C TRP G 51 10.40 -12.05 23.59
N ASN G 52 9.78 -11.36 22.64
CA ASN G 52 8.90 -10.23 22.95
C ASN G 52 7.42 -10.51 22.76
N ARG G 53 6.65 -9.47 22.96
CA ARG G 53 5.20 -9.49 22.82
C ARG G 53 4.90 -8.10 22.31
N GLU G 54 5.82 -7.59 21.50
CA GLU G 54 5.72 -6.24 20.91
C GLU G 54 4.90 -6.27 19.64
N THR G 55 4.24 -5.16 19.34
CA THR G 55 3.39 -5.05 18.14
C THR G 55 4.11 -4.39 16.98
N HIS G 56 5.22 -3.74 17.28
CA HIS G 56 6.03 -3.10 16.24
C HIS G 56 7.47 -3.48 16.53
N CYS G 57 8.18 -3.89 15.49
CA CYS G 57 9.58 -4.28 15.64
C CYS G 57 10.37 -2.98 15.82
N HIS G 58 11.69 -3.09 15.99
CA HIS G 58 12.54 -1.93 16.13
C HIS G 58 13.20 -1.74 14.78
N GLN G 59 13.48 -0.50 14.40
CA GLN G 59 14.13 -0.28 13.12
C GLN G 59 15.62 -0.31 13.30
N HIS G 60 16.32 -0.91 12.33
CA HIS G 60 17.77 -1.01 12.39
C HIS G 60 18.40 0.35 12.62
N LYS G 61 19.34 0.40 13.56
CA LYS G 61 20.04 1.62 13.91
C LYS G 61 20.57 2.27 12.63
N TYR G 62 20.69 3.58 12.62
CA TYR G 62 21.15 4.28 11.43
C TYR G 62 22.56 4.85 11.65
N CYS G 63 23.47 4.52 10.74
CA CYS G 63 24.84 5.00 10.83
C CYS G 63 24.94 6.24 9.96
N ASP G 64 24.21 7.29 10.34
CA ASP G 64 24.18 8.53 9.58
C ASP G 64 25.58 9.02 9.18
N PRO G 65 25.90 9.02 7.87
CA PRO G 65 27.22 9.46 7.41
C PRO G 65 27.53 10.92 7.76
N ASN G 66 26.50 11.77 7.83
CA ASN G 66 26.68 13.19 8.15
C ASN G 66 27.38 13.33 9.48
N LEU G 67 27.22 12.33 10.32
CA LEU G 67 27.84 12.35 11.65
C LEU G 67 29.22 11.67 11.64
N GLY G 68 29.58 11.06 10.52
CA GLY G 68 30.88 10.42 10.43
C GLY G 68 30.86 8.97 10.88
N LEU G 69 29.78 8.27 10.60
CA LEU G 69 29.67 6.87 10.97
C LEU G 69 29.64 5.97 9.76
N ARG G 70 29.62 4.66 9.99
CA ARG G 70 29.58 3.69 8.92
C ARG G 70 29.00 2.38 9.38
N VAL G 71 28.30 1.70 8.48
CA VAL G 71 27.70 0.41 8.77
C VAL G 71 28.85 -0.55 9.04
N GLN G 72 29.02 -0.93 10.30
CA GLN G 72 30.09 -1.84 10.63
C GLN G 72 29.59 -3.26 10.40
N GLN G 73 28.33 -3.50 10.77
CA GLN G 73 27.74 -4.83 10.63
C GLN G 73 26.24 -4.69 10.50
N LYS G 74 25.69 -5.18 9.38
CA LYS G 74 24.25 -5.11 9.17
C LYS G 74 23.50 -5.70 10.37
N GLY G 75 22.18 -5.70 10.29
CA GLY G 75 21.38 -6.23 11.35
C GLY G 75 20.43 -7.27 10.80
N THR G 76 20.31 -8.40 11.49
CA THR G 76 19.41 -9.46 11.05
C THR G 76 18.03 -9.16 11.62
N SER G 77 17.09 -10.11 11.47
CA SER G 77 15.76 -9.89 12.02
C SER G 77 15.75 -10.16 13.52
N GLU G 78 16.94 -10.23 14.12
CA GLU G 78 17.05 -10.46 15.55
C GLU G 78 18.27 -9.84 16.18
N THR G 79 18.89 -8.90 15.46
CA THR G 79 20.06 -8.19 15.93
C THR G 79 20.08 -6.83 15.27
N ASP G 80 20.31 -5.79 16.06
CA ASP G 80 20.35 -4.45 15.51
C ASP G 80 21.66 -4.25 14.75
N THR G 81 21.71 -3.25 13.89
CA THR G 81 22.92 -2.98 13.13
C THR G 81 23.98 -2.41 14.08
N ILE G 82 25.25 -2.52 13.70
CA ILE G 82 26.34 -2.00 14.51
C ILE G 82 27.08 -0.91 13.70
N CYS G 83 27.20 0.28 14.28
CA CYS G 83 27.89 1.39 13.61
C CYS G 83 29.26 1.59 14.23
N THR G 84 30.11 2.33 13.50
CA THR G 84 31.46 2.69 13.94
C THR G 84 31.87 3.89 13.11
N CYS G 85 32.89 4.61 13.57
CA CYS G 85 33.35 5.79 12.88
C CYS G 85 33.97 5.48 11.53
N GLU G 86 34.24 6.53 10.76
CA GLU G 86 34.88 6.39 9.47
C GLU G 86 36.39 6.44 9.69
N GLU G 87 37.17 5.76 8.85
CA GLU G 87 38.62 5.79 9.03
C GLU G 87 39.07 7.25 9.03
N GLY G 88 39.70 7.66 10.11
CA GLY G 88 40.14 9.03 10.21
C GLY G 88 39.24 9.80 11.15
N TRP G 89 38.28 9.10 11.75
CA TRP G 89 37.34 9.70 12.70
C TRP G 89 37.30 8.90 14.01
N HIS G 90 36.72 9.49 15.06
CA HIS G 90 36.64 8.81 16.35
C HIS G 90 35.37 9.22 17.11
N CYS G 91 34.96 8.40 18.08
CA CYS G 91 33.76 8.70 18.86
C CYS G 91 33.97 9.91 19.76
N THR G 92 32.87 10.57 20.14
CA THR G 92 32.93 11.74 21.00
C THR G 92 32.50 11.42 22.44
N SER G 93 32.59 10.15 22.82
CA SER G 93 32.22 9.73 24.17
C SER G 93 32.21 8.20 24.21
N GLU G 94 31.81 7.65 25.35
CA GLU G 94 31.74 6.19 25.49
C GLU G 94 30.95 5.68 24.27
N ALA G 95 29.65 5.96 24.25
CA ALA G 95 28.77 5.57 23.14
C ALA G 95 29.18 6.38 21.91
N CYS G 96 29.51 5.67 20.84
CA CYS G 96 29.93 6.29 19.60
C CYS G 96 28.80 7.02 18.90
N GLU G 97 28.27 8.06 19.54
CA GLU G 97 27.17 8.83 18.97
C GLU G 97 27.57 9.54 17.70
N SER G 98 28.59 10.39 17.79
CA SER G 98 29.08 11.14 16.64
C SER G 98 30.59 10.97 16.51
N CYS G 99 31.11 11.21 15.30
CA CYS G 99 32.54 11.08 15.07
C CYS G 99 33.08 12.40 14.56
N VAL G 100 34.37 12.61 14.78
CA VAL G 100 35.03 13.83 14.35
C VAL G 100 36.28 13.48 13.52
N LEU G 101 36.69 14.40 12.66
CA LEU G 101 37.86 14.18 11.82
C LEU G 101 39.14 14.23 12.63
N HIS G 102 40.02 13.26 12.37
CA HIS G 102 41.32 13.13 13.04
C HIS G 102 42.18 14.40 13.07
N ARG G 103 42.19 15.10 14.20
CA ARG G 103 43.00 16.32 14.32
C ARG G 103 44.49 16.09 14.03
N SER G 104 45.02 16.84 13.07
CA SER G 104 46.42 16.75 12.65
C SER G 104 47.22 18.03 12.97
N CYS G 105 48.51 18.04 12.61
CA CYS G 105 49.39 19.19 12.88
C CYS G 105 50.50 19.37 11.85
N LYS G 112 52.77 13.12 17.87
CA LYS G 112 53.11 12.00 18.75
C LYS G 112 52.31 10.75 18.36
N GLN G 113 51.49 10.26 19.30
CA GLN G 113 50.67 9.08 19.08
C GLN G 113 49.45 9.39 18.21
N ILE G 114 49.21 8.54 17.20
CA ILE G 114 48.08 8.72 16.29
C ILE G 114 46.74 8.46 17.00
N ALA G 115 45.68 8.27 16.21
CA ALA G 115 44.35 8.00 16.76
C ALA G 115 43.78 6.70 16.20
N THR G 116 42.63 6.28 16.76
CA THR G 116 41.98 5.05 16.32
C THR G 116 40.46 5.25 16.26
N GLY G 117 39.74 4.17 15.98
CA GLY G 117 38.29 4.22 15.90
C GLY G 117 37.65 5.04 17.01
N VAL G 118 38.26 4.98 18.18
CA VAL G 118 37.76 5.74 19.33
C VAL G 118 38.89 6.60 19.88
N SER G 119 40.12 6.27 19.50
CA SER G 119 41.25 7.02 19.98
C SER G 119 41.42 8.31 19.22
N ASP G 120 41.98 9.29 19.89
CA ASP G 120 42.24 10.57 19.28
C ASP G 120 43.76 10.68 19.14
N THR G 121 44.22 11.57 18.27
CA THR G 121 45.65 11.76 18.06
C THR G 121 46.25 12.74 19.06
N ILE G 122 47.58 12.71 19.18
CA ILE G 122 48.30 13.62 20.07
C ILE G 122 49.57 14.11 19.35
N CYS G 123 49.66 15.42 19.16
CA CYS G 123 50.80 16.02 18.46
C CYS G 123 52.02 16.27 19.35
N GLU G 124 53.03 16.93 18.78
CA GLU G 124 54.27 17.25 19.48
C GLU G 124 55.30 17.75 18.47
N PRO G 125 56.30 18.53 18.95
CA PRO G 125 57.39 19.10 18.14
C PRO G 125 58.23 18.08 17.36
N GLU H 1 -35.70 54.57 38.25
CA GLU H 1 -35.28 53.26 37.66
C GLU H 1 -34.91 52.29 38.77
N PRO H 2 -35.08 50.98 38.51
CA PRO H 2 -34.77 49.90 39.46
C PRO H 2 -33.27 49.57 39.56
N PRO H 3 -32.85 49.02 40.69
CA PRO H 3 -31.43 48.69 40.80
C PRO H 3 -31.12 47.65 39.74
N THR H 4 -30.66 48.08 38.57
CA THR H 4 -30.36 47.18 37.44
C THR H 4 -28.94 46.58 37.34
N ALA H 5 -28.39 46.13 38.46
CA ALA H 5 -27.04 45.59 38.39
C ALA H 5 -26.56 44.96 39.66
N CYS H 6 -25.62 44.02 39.50
CA CYS H 6 -25.02 43.23 40.58
C CYS H 6 -24.17 44.08 41.50
N ARG H 7 -23.53 43.46 42.48
CA ARG H 7 -22.71 44.20 43.42
C ARG H 7 -21.27 44.32 42.92
N GLU H 8 -20.42 44.91 43.75
CA GLU H 8 -19.01 45.11 43.42
C GLU H 8 -18.30 43.81 43.10
N LYS H 9 -18.27 42.92 44.09
CA LYS H 9 -17.60 41.64 43.92
C LYS H 9 -18.58 40.55 43.51
N GLN H 10 -19.23 40.76 42.37
CA GLN H 10 -20.16 39.78 41.84
C GLN H 10 -19.99 39.61 40.34
N TYR H 11 -20.95 38.97 39.69
CA TYR H 11 -20.89 38.75 38.25
C TYR H 11 -22.18 38.13 37.78
N LEU H 12 -22.91 38.85 36.93
CA LEU H 12 -24.19 38.40 36.42
C LEU H 12 -24.03 37.22 35.47
N ILE H 13 -24.84 36.19 35.71
CA ILE H 13 -24.83 34.97 34.90
C ILE H 13 -26.11 34.17 35.14
N ASN H 14 -26.83 33.92 34.06
CA ASN H 14 -28.11 33.20 34.07
C ASN H 14 -29.17 34.09 34.72
N SER H 15 -29.18 35.35 34.30
CA SER H 15 -30.09 36.34 34.83
C SER H 15 -30.09 36.19 36.32
N GLN H 16 -28.90 35.96 36.87
CA GLN H 16 -28.75 35.79 38.30
C GLN H 16 -27.36 36.28 38.66
N CYS H 17 -27.27 37.15 39.66
CA CYS H 17 -25.98 37.66 40.12
C CYS H 17 -25.35 36.66 41.06
N CYS H 18 -24.08 36.36 40.84
CA CYS H 18 -23.38 35.45 41.72
C CYS H 18 -22.18 36.15 42.34
N SER H 19 -21.50 35.48 43.26
CA SER H 19 -20.37 36.07 43.94
C SER H 19 -19.12 35.63 43.21
N LEU H 20 -18.13 36.51 43.13
CA LEU H 20 -16.89 36.16 42.46
C LEU H 20 -16.12 35.36 43.47
N CYS H 21 -15.01 34.74 43.05
CA CYS H 21 -14.19 33.98 43.98
C CYS H 21 -13.14 34.93 44.47
N GLN H 22 -12.71 34.77 45.72
CA GLN H 22 -11.71 35.68 46.24
C GLN H 22 -10.30 35.37 45.76
N PRO H 23 -9.45 36.39 45.70
CA PRO H 23 -8.08 36.18 45.26
C PRO H 23 -7.53 34.99 46.01
N GLY H 24 -7.08 33.99 45.28
CA GLY H 24 -6.56 32.81 45.92
C GLY H 24 -7.43 31.59 45.67
N GLN H 25 -8.62 31.78 45.11
CA GLN H 25 -9.51 30.65 44.84
C GLN H 25 -10.04 30.68 43.41
N LYS H 26 -10.02 29.54 42.73
CA LYS H 26 -10.50 29.43 41.35
C LYS H 26 -11.96 28.95 41.33
N LEU H 27 -12.78 29.44 40.39
CA LEU H 27 -14.18 29.05 40.31
C LEU H 27 -14.34 27.61 39.87
N VAL H 28 -15.31 26.91 40.46
CA VAL H 28 -15.57 25.50 40.16
C VAL H 28 -16.94 25.22 39.56
N SER H 29 -17.93 26.00 39.94
CA SER H 29 -19.31 25.87 39.41
C SER H 29 -20.10 27.15 39.63
N ASP H 30 -20.83 27.61 38.60
CA ASP H 30 -21.59 28.84 38.74
C ASP H 30 -22.60 28.66 39.88
N CYS H 31 -23.27 29.75 40.25
CA CYS H 31 -24.23 29.72 41.35
C CYS H 31 -25.70 29.82 40.98
N THR H 32 -26.55 29.08 41.70
CA THR H 32 -27.99 29.11 41.47
C THR H 32 -28.58 30.18 42.40
N GLU H 33 -29.87 30.46 42.23
CA GLU H 33 -30.57 31.45 43.04
C GLU H 33 -30.18 31.29 44.51
N PHE H 34 -30.45 30.10 45.04
CA PHE H 34 -30.18 29.75 46.43
C PHE H 34 -28.73 29.42 46.83
N THR H 35 -28.13 28.44 46.14
CA THR H 35 -26.77 28.02 46.45
C THR H 35 -25.69 28.86 45.76
N GLU H 36 -24.89 29.58 46.56
CA GLU H 36 -23.85 30.45 46.05
C GLU H 36 -22.85 29.77 45.16
N THR H 37 -21.98 30.57 44.58
CA THR H 37 -20.94 30.09 43.69
C THR H 37 -19.82 29.34 44.43
N GLU H 38 -19.65 28.07 44.07
CA GLU H 38 -18.63 27.23 44.69
C GLU H 38 -17.26 27.42 44.04
N CYS H 39 -16.29 27.87 44.84
CA CYS H 39 -14.92 28.07 44.36
C CYS H 39 -14.02 27.06 45.04
N LEU H 40 -12.71 27.23 44.83
CA LEU H 40 -11.71 26.30 45.38
C LEU H 40 -10.29 26.89 45.28
N PRO H 41 -9.53 26.85 46.38
CA PRO H 41 -8.16 27.32 46.54
C PRO H 41 -7.16 26.88 45.51
N CYS H 42 -6.35 27.82 45.03
CA CYS H 42 -5.35 27.53 44.02
C CYS H 42 -4.32 26.55 44.52
N GLY H 43 -3.87 25.65 43.63
CA GLY H 43 -2.86 24.69 44.01
C GLY H 43 -1.55 25.35 44.41
N GLU H 44 -0.50 24.54 44.52
CA GLU H 44 0.84 25.02 44.88
C GLU H 44 1.48 25.42 43.55
N SER H 45 2.31 26.46 43.56
CA SER H 45 2.94 26.91 42.32
C SER H 45 1.96 27.83 41.60
N GLU H 46 0.67 27.74 41.93
CA GLU H 46 -0.36 28.57 41.28
C GLU H 46 -0.81 29.75 42.14
N PHE H 47 -1.77 30.52 41.65
CA PHE H 47 -2.30 31.68 42.36
C PHE H 47 -3.34 32.46 41.54
N LEU H 48 -4.00 33.42 42.16
CA LEU H 48 -4.99 34.25 41.48
C LEU H 48 -5.06 35.49 42.33
N ASP H 49 -4.55 36.59 41.83
CA ASP H 49 -4.53 37.82 42.59
C ASP H 49 -5.70 38.74 42.35
N THR H 50 -6.90 38.19 42.29
CA THR H 50 -8.06 39.02 42.04
C THR H 50 -9.38 38.29 42.10
N TRP H 51 -10.40 38.99 42.57
CA TRP H 51 -11.72 38.41 42.65
C TRP H 51 -12.05 37.95 41.24
N ASN H 52 -11.75 36.68 40.96
CA ASN H 52 -11.97 36.11 39.64
C ASN H 52 -13.14 35.17 39.51
N ARG H 53 -13.26 34.64 38.30
CA ARG H 53 -14.28 33.69 37.92
C ARG H 53 -13.57 32.83 36.89
N GLU H 54 -12.29 32.60 37.14
CA GLU H 54 -11.44 31.80 36.28
C GLU H 54 -11.51 30.32 36.64
N THR H 55 -11.32 29.44 35.66
CA THR H 55 -11.38 28.00 35.94
C THR H 55 -9.99 27.40 36.15
N HIS H 56 -8.94 28.11 35.73
CA HIS H 56 -7.57 27.65 35.94
C HIS H 56 -6.82 28.79 36.58
N CYS H 57 -6.03 28.49 37.61
CA CYS H 57 -5.23 29.50 38.30
C CYS H 57 -4.05 29.84 37.41
N HIS H 58 -3.24 30.80 37.81
CA HIS H 58 -2.04 31.15 37.04
C HIS H 58 -0.86 30.44 37.69
N GLN H 59 0.14 30.05 36.93
CA GLN H 59 1.26 29.39 37.58
C GLN H 59 2.26 30.45 38.02
N HIS H 60 2.88 30.24 39.19
CA HIS H 60 3.85 31.16 39.74
C HIS H 60 4.93 31.42 38.73
N LYS H 61 5.26 32.69 38.55
CA LYS H 61 6.30 33.12 37.61
C LYS H 61 7.54 32.27 37.84
N TYR H 62 8.33 32.08 36.79
CA TYR H 62 9.55 31.29 36.92
C TYR H 62 10.78 32.19 36.77
N CYS H 63 11.67 32.11 37.76
CA CYS H 63 12.90 32.89 37.77
C CYS H 63 14.03 32.01 37.25
N ASP H 64 13.89 31.58 36.00
CA ASP H 64 14.85 30.71 35.33
C ASP H 64 16.30 31.14 35.55
N PRO H 65 17.08 30.33 36.27
CA PRO H 65 18.48 30.65 36.54
C PRO H 65 19.32 30.77 35.28
N ASN H 66 18.92 30.05 34.24
CA ASN H 66 19.65 30.07 32.96
C ASN H 66 19.71 31.47 32.41
N LEU H 67 18.72 32.27 32.78
CA LEU H 67 18.65 33.64 32.31
C LEU H 67 19.34 34.58 33.27
N GLY H 68 19.63 34.08 34.47
CA GLY H 68 20.30 34.88 35.48
C GLY H 68 19.35 35.54 36.46
N LEU H 69 18.28 34.84 36.81
CA LEU H 69 17.33 35.39 37.77
C LEU H 69 17.35 34.59 39.05
N ARG H 70 16.58 35.04 40.03
CA ARG H 70 16.52 34.37 41.32
C ARG H 70 15.20 34.69 41.99
N VAL H 71 14.73 33.75 42.81
CA VAL H 71 13.46 33.90 43.54
C VAL H 71 13.60 34.97 44.60
N GLN H 72 13.15 36.17 44.29
CA GLN H 72 13.27 37.26 45.25
C GLN H 72 12.24 37.07 46.35
N GLN H 73 11.02 36.74 45.93
CA GLN H 73 9.93 36.57 46.88
C GLN H 73 8.97 35.50 46.37
N LYS H 74 8.79 34.43 47.14
CA LYS H 74 7.88 33.38 46.73
C LYS H 74 6.52 33.96 46.40
N GLY H 75 5.59 33.08 46.03
CA GLY H 75 4.27 33.53 45.68
C GLY H 75 3.27 32.75 46.52
N THR H 76 2.28 33.46 47.05
CA THR H 76 1.25 32.83 47.86
C THR H 76 0.13 32.43 46.89
N SER H 77 -0.99 31.95 47.40
CA SER H 77 -2.07 31.56 46.52
C SER H 77 -2.83 32.81 46.09
N GLU H 78 -2.25 33.98 46.31
CA GLU H 78 -2.89 35.23 45.89
C GLU H 78 -1.92 36.33 45.51
N THR H 79 -0.68 35.94 45.24
CA THR H 79 0.37 36.86 44.80
C THR H 79 1.39 36.05 44.00
N ASP H 80 1.74 36.55 42.82
CA ASP H 80 2.69 35.85 41.98
C ASP H 80 4.09 36.03 42.57
N THR H 81 5.00 35.15 42.17
CA THR H 81 6.37 35.22 42.65
C THR H 81 7.02 36.47 42.08
N ILE H 82 8.06 36.95 42.75
CA ILE H 82 8.78 38.13 42.32
C ILE H 82 10.23 37.75 42.04
N CYS H 83 10.70 38.00 40.83
CA CYS H 83 12.06 37.63 40.50
C CYS H 83 12.97 38.85 40.49
N THR H 84 14.28 38.62 40.45
CA THR H 84 15.31 39.66 40.40
C THR H 84 16.63 39.05 39.91
N CYS H 85 17.53 39.87 39.40
CA CYS H 85 18.81 39.36 38.89
C CYS H 85 19.68 38.77 39.97
N GLU H 86 20.73 38.08 39.56
CA GLU H 86 21.66 37.49 40.50
C GLU H 86 22.67 38.56 40.86
N GLU H 87 23.32 38.45 42.02
CA GLU H 87 24.29 39.47 42.39
C GLU H 87 25.35 39.47 41.33
N GLY H 88 25.56 40.63 40.72
CA GLY H 88 26.53 40.75 39.67
C GLY H 88 25.85 40.79 38.31
N TRP H 89 24.52 40.71 38.31
CA TRP H 89 23.77 40.76 37.06
C TRP H 89 22.74 41.87 37.12
N HIS H 90 22.25 42.29 35.97
CA HIS H 90 21.25 43.35 35.91
C HIS H 90 20.23 43.05 34.83
N CYS H 91 19.08 43.75 34.85
CA CYS H 91 18.03 43.54 33.87
C CYS H 91 18.38 44.14 32.51
N THR H 92 17.82 43.57 31.44
CA THR H 92 18.07 44.06 30.08
C THR H 92 16.86 44.88 29.66
N SER H 93 15.87 44.89 30.56
CA SER H 93 14.59 45.57 30.40
C SER H 93 14.09 46.13 31.74
N GLU H 94 13.20 47.12 31.65
CA GLU H 94 12.59 47.77 32.81
C GLU H 94 11.65 46.83 33.58
N ALA H 95 11.05 45.89 32.86
CA ALA H 95 10.15 44.92 33.46
C ALA H 95 10.98 43.81 34.11
N CYS H 96 12.21 43.67 33.60
CA CYS H 96 13.17 42.68 34.07
C CYS H 96 12.76 41.23 33.75
N GLU H 97 12.91 40.84 32.48
CA GLU H 97 12.58 39.48 32.06
C GLU H 97 13.84 38.63 31.92
N SER H 98 14.97 39.27 31.61
CA SER H 98 16.24 38.57 31.48
C SER H 98 17.36 39.41 32.07
N CYS H 99 18.33 38.77 32.68
CA CYS H 99 19.44 39.48 33.30
C CYS H 99 20.73 39.37 32.53
N VAL H 100 21.55 40.43 32.61
CA VAL H 100 22.83 40.47 31.92
C VAL H 100 24.04 40.28 32.85
N LEU H 101 24.80 41.36 33.08
CA LEU H 101 25.98 41.30 33.95
C LEU H 101 26.62 42.68 34.05
N HIS H 102 26.52 43.29 35.22
CA HIS H 102 27.06 44.62 35.49
C HIS H 102 28.32 44.90 34.66
N ARG H 103 28.21 45.89 33.78
CA ARG H 103 29.30 46.31 32.89
C ARG H 103 30.34 47.12 33.69
N SER H 104 31.62 46.76 33.59
CA SER H 104 32.64 47.52 34.33
C SER H 104 33.22 48.66 33.49
N CYS H 105 34.04 49.48 34.14
CA CYS H 105 34.68 50.64 33.52
C CYS H 105 35.64 51.28 34.54
N LYS H 112 29.51 56.64 37.21
CA LYS H 112 30.13 55.72 38.16
C LYS H 112 29.12 55.31 39.23
N GLN H 113 27.85 55.29 38.86
CA GLN H 113 26.78 54.92 39.78
C GLN H 113 26.66 53.40 39.84
N ILE H 114 27.06 52.80 40.96
CA ILE H 114 27.00 51.34 41.12
C ILE H 114 25.61 50.85 40.76
N ALA H 115 25.56 49.68 40.12
CA ALA H 115 24.27 49.12 39.71
C ALA H 115 23.55 48.44 40.86
N THR H 116 22.36 47.93 40.55
CA THR H 116 21.54 47.24 41.54
C THR H 116 20.77 46.12 40.85
N GLY H 117 21.32 45.64 39.74
CA GLY H 117 20.67 44.59 38.98
C GLY H 117 19.39 45.11 38.39
N VAL H 118 18.59 45.74 39.22
CA VAL H 118 17.33 46.33 38.80
C VAL H 118 17.68 47.68 38.18
N SER H 119 19.00 47.93 38.06
CA SER H 119 19.55 49.16 37.48
C SER H 119 20.89 48.85 36.82
N ASP H 120 21.72 49.87 36.59
CA ASP H 120 23.02 49.66 35.94
C ASP H 120 24.13 50.52 36.56
N THR H 121 25.36 50.33 36.09
CA THR H 121 26.52 51.08 36.59
C THR H 121 26.98 52.18 35.63
N ILE H 122 26.56 53.41 35.88
CA ILE H 122 26.93 54.54 35.03
C ILE H 122 28.44 54.77 35.03
N CYS H 123 28.94 55.53 34.06
CA CYS H 123 30.37 55.75 34.01
C CYS H 123 30.90 56.95 33.22
N GLU H 124 32.21 57.16 33.41
CA GLU H 124 32.99 58.22 32.77
C GLU H 124 34.44 58.12 33.26
N PRO H 125 35.40 58.70 32.51
CA PRO H 125 36.83 58.66 32.87
C PRO H 125 37.19 59.32 34.22
N CYS I 6 -30.05 6.57 -31.79
CA CYS I 6 -30.50 7.91 -32.24
C CYS I 6 -29.35 8.88 -32.53
N ARG I 7 -29.42 10.09 -31.96
CA ARG I 7 -28.36 11.06 -32.16
C ARG I 7 -27.49 11.11 -30.90
N GLU I 8 -26.29 11.68 -31.02
CA GLU I 8 -25.33 11.78 -29.93
C GLU I 8 -25.97 11.91 -28.53
N LYS I 9 -25.18 11.69 -27.48
CA LYS I 9 -25.69 11.77 -26.10
C LYS I 9 -26.98 10.97 -25.99
N GLN I 10 -27.14 9.98 -26.85
CA GLN I 10 -28.32 9.13 -26.87
C GLN I 10 -27.97 7.85 -27.63
N TYR I 11 -28.42 6.71 -27.12
CA TYR I 11 -28.13 5.43 -27.76
C TYR I 11 -29.44 4.66 -28.02
N LEU I 12 -29.54 4.01 -29.17
CA LEU I 12 -30.74 3.26 -29.52
C LEU I 12 -31.04 2.15 -28.53
N ILE I 13 -32.33 1.92 -28.25
CA ILE I 13 -32.74 0.88 -27.32
C ILE I 13 -34.21 0.48 -27.45
N ASN I 14 -34.43 -0.79 -27.80
CA ASN I 14 -35.78 -1.33 -27.96
C ASN I 14 -36.77 -0.42 -28.68
N SER I 15 -37.91 -0.21 -28.03
CA SER I 15 -38.97 0.61 -28.57
C SER I 15 -38.73 2.07 -28.24
N GLN I 16 -37.48 2.42 -27.97
CA GLN I 16 -37.19 3.80 -27.61
C GLN I 16 -35.74 4.20 -27.82
N CYS I 17 -35.45 5.44 -27.43
CA CYS I 17 -34.11 6.01 -27.50
C CYS I 17 -33.82 6.66 -26.17
N CYS I 18 -32.76 6.21 -25.51
CA CYS I 18 -32.41 6.74 -24.20
C CYS I 18 -31.25 7.72 -24.14
N SER I 19 -31.15 8.38 -22.99
CA SER I 19 -30.11 9.37 -22.70
C SER I 19 -28.80 8.60 -22.48
N LEU I 20 -27.69 9.21 -22.88
CA LEU I 20 -26.39 8.55 -22.77
C LEU I 20 -25.55 9.07 -21.59
N CYS I 21 -25.48 8.30 -20.50
CA CYS I 21 -24.71 8.69 -19.32
C CYS I 21 -23.49 9.52 -19.69
N GLN I 22 -23.35 10.66 -19.03
CA GLN I 22 -22.27 11.59 -19.30
C GLN I 22 -20.91 11.16 -18.75
N PRO I 23 -19.82 11.85 -19.16
CA PRO I 23 -18.49 11.49 -18.66
C PRO I 23 -18.54 11.22 -17.15
N GLY I 24 -17.73 10.26 -16.69
CA GLY I 24 -17.70 9.95 -15.28
C GLY I 24 -18.94 9.23 -14.75
N GLN I 25 -19.91 9.00 -15.62
CA GLN I 25 -21.11 8.32 -15.20
C GLN I 25 -21.15 6.93 -15.80
N LYS I 26 -21.45 5.95 -14.96
CA LYS I 26 -21.56 4.58 -15.41
C LYS I 26 -23.03 4.24 -15.48
N LEU I 27 -23.44 3.73 -16.64
CA LEU I 27 -24.83 3.35 -16.90
C LEU I 27 -25.31 2.19 -16.01
N VAL I 28 -26.51 2.34 -15.46
CA VAL I 28 -27.11 1.33 -14.59
C VAL I 28 -28.58 1.13 -14.95
N SER I 29 -29.32 2.24 -14.98
CA SER I 29 -30.74 2.21 -15.27
C SER I 29 -31.08 2.57 -16.72
N ASP I 30 -31.15 1.54 -17.58
CA ASP I 30 -31.52 1.74 -18.97
C ASP I 30 -32.93 2.31 -18.95
N CYS I 31 -33.09 3.55 -19.43
CA CYS I 31 -34.38 4.24 -19.44
C CYS I 31 -35.56 3.46 -19.97
N THR I 32 -36.73 3.69 -19.38
CA THR I 32 -37.94 3.01 -19.80
C THR I 32 -38.83 4.01 -20.52
N GLU I 33 -40.00 3.56 -20.96
CA GLU I 33 -40.96 4.42 -21.67
C GLU I 33 -41.11 5.80 -21.00
N PHE I 34 -41.49 5.80 -19.71
CA PHE I 34 -41.70 7.04 -18.95
C PHE I 34 -40.57 7.38 -17.97
N THR I 35 -39.33 6.99 -18.30
CA THR I 35 -38.18 7.26 -17.41
C THR I 35 -36.85 7.30 -18.17
N GLU I 36 -36.06 8.35 -17.91
CA GLU I 36 -34.74 8.53 -18.54
C GLU I 36 -33.72 7.60 -17.89
N THR I 37 -32.68 7.27 -18.65
CA THR I 37 -31.63 6.37 -18.18
C THR I 37 -30.88 6.94 -16.98
N GLU I 38 -30.67 6.10 -15.97
CA GLU I 38 -29.96 6.54 -14.77
C GLU I 38 -28.49 6.11 -14.73
N CYS I 39 -27.66 6.90 -14.06
CA CYS I 39 -26.24 6.60 -13.98
C CYS I 39 -25.71 6.61 -12.54
N LEU I 40 -24.41 6.33 -12.39
CA LEU I 40 -23.75 6.26 -11.10
C LEU I 40 -22.33 6.78 -11.32
N PRO I 41 -21.75 7.52 -10.35
CA PRO I 41 -20.39 8.07 -10.45
C PRO I 41 -19.24 7.06 -10.45
N CYS I 42 -18.25 7.31 -11.31
CA CYS I 42 -17.10 6.43 -11.37
C CYS I 42 -16.44 6.43 -10.00
N GLY I 43 -15.39 5.63 -9.87
CA GLY I 43 -14.71 5.50 -8.60
C GLY I 43 -13.69 6.56 -8.31
N GLU I 44 -13.03 6.37 -7.16
CA GLU I 44 -11.98 7.26 -6.71
C GLU I 44 -10.72 6.75 -7.41
N SER I 45 -10.88 5.64 -8.12
CA SER I 45 -9.79 5.02 -8.88
C SER I 45 -10.27 4.54 -10.25
N GLU I 46 -11.34 5.15 -10.74
CA GLU I 46 -11.92 4.81 -12.04
C GLU I 46 -12.15 6.11 -12.83
N PHE I 47 -12.75 5.99 -14.01
CA PHE I 47 -13.03 7.15 -14.85
C PHE I 47 -13.70 6.74 -16.15
N LEU I 48 -14.20 7.74 -16.88
CA LEU I 48 -14.86 7.52 -18.17
C LEU I 48 -14.74 8.83 -18.95
N ASP I 49 -13.80 8.89 -19.89
CA ASP I 49 -13.58 10.10 -20.66
C ASP I 49 -14.42 10.22 -21.90
N THR I 50 -15.73 10.07 -21.77
CA THR I 50 -16.62 10.19 -22.94
C THR I 50 -18.05 9.89 -22.64
N TRP I 51 -18.94 10.60 -23.31
CA TRP I 51 -20.37 10.37 -23.11
C TRP I 51 -20.64 8.92 -23.44
N ASN I 52 -20.60 8.07 -22.42
CA ASN I 52 -20.78 6.64 -22.62
C ASN I 52 -22.11 6.06 -22.22
N ARG I 53 -22.18 4.74 -22.34
CA ARG I 53 -23.35 3.96 -22.01
C ARG I 53 -22.78 2.66 -21.46
N GLU I 54 -21.61 2.77 -20.86
CA GLU I 54 -20.89 1.64 -20.29
C GLU I 54 -21.38 1.28 -18.87
N THR I 55 -21.30 0.01 -18.52
CA THR I 55 -21.75 -0.42 -17.21
C THR I 55 -20.61 -0.47 -16.19
N HIS I 56 -19.38 -0.47 -16.68
CA HIS I 56 -18.21 -0.47 -15.79
C HIS I 56 -17.29 0.66 -16.23
N CYS I 57 -16.77 1.44 -15.29
CA CYS I 57 -15.87 2.52 -15.65
C CYS I 57 -14.54 1.89 -16.02
N HIS I 58 -13.54 2.71 -16.34
CA HIS I 58 -12.21 2.19 -16.67
C HIS I 58 -11.35 2.44 -15.45
N GLN I 59 -10.42 1.56 -15.15
CA GLN I 59 -9.59 1.83 -13.98
C GLN I 59 -8.42 2.70 -14.39
N HIS I 60 -8.05 3.63 -13.52
CA HIS I 60 -6.94 4.54 -13.81
C HIS I 60 -5.71 3.74 -14.17
N LYS I 61 -4.99 4.20 -15.20
CA LYS I 61 -3.77 3.56 -15.67
C LYS I 61 -2.83 3.35 -14.49
N TYR I 62 -2.04 2.29 -14.51
CA TYR I 62 -1.11 2.07 -13.40
C TYR I 62 0.32 2.37 -13.81
N CYS I 63 1.01 3.19 -13.04
CA CYS I 63 2.38 3.51 -13.37
C CYS I 63 3.30 2.62 -12.53
N ASP I 64 3.24 1.32 -12.80
CA ASP I 64 4.04 0.31 -12.11
C ASP I 64 5.50 0.70 -11.97
N PRO I 65 5.94 1.07 -10.76
CA PRO I 65 7.32 1.46 -10.55
C PRO I 65 8.31 0.40 -10.95
N ASN I 66 7.96 -0.87 -10.79
CA ASN I 66 8.87 -1.95 -11.16
C ASN I 66 9.36 -1.75 -12.57
N LEU I 67 8.51 -1.18 -13.42
CA LEU I 67 8.87 -0.96 -14.82
C LEU I 67 9.60 0.34 -15.04
N GLY I 68 9.72 1.15 -13.99
CA GLY I 68 10.43 2.40 -14.11
C GLY I 68 9.54 3.58 -14.45
N LEU I 69 8.30 3.55 -14.02
CA LEU I 69 7.41 4.67 -14.30
C LEU I 69 7.06 5.46 -13.04
N ARG I 70 6.24 6.48 -13.21
CA ARG I 70 5.84 7.35 -12.11
C ARG I 70 4.57 8.08 -12.49
N VAL I 71 3.76 8.39 -11.49
CA VAL I 71 2.51 9.10 -11.70
C VAL I 71 2.86 10.52 -12.12
N GLN I 72 2.63 10.85 -13.38
CA GLN I 72 2.95 12.19 -13.85
C GLN I 72 1.77 13.09 -13.56
N GLN I 73 0.57 12.55 -13.74
CA GLN I 73 -0.63 13.32 -13.50
C GLN I 73 -1.77 12.40 -13.12
N LYS I 74 -2.35 12.62 -11.94
CA LYS I 74 -3.45 11.79 -11.48
C LYS I 74 -4.57 11.78 -12.48
N GLY I 75 -5.60 11.02 -12.19
CA GLY I 75 -6.72 10.95 -13.11
C GLY I 75 -7.99 11.31 -12.41
N THR I 76 -8.79 12.18 -13.02
CA THR I 76 -10.05 12.57 -12.44
C THR I 76 -11.06 11.54 -12.81
N SER I 77 -12.34 11.85 -12.61
CA SER I 77 -13.39 10.91 -12.94
C SER I 77 -13.78 11.05 -14.40
N GLU I 78 -12.91 11.70 -15.17
CA GLU I 78 -13.15 11.84 -16.59
C GLU I 78 -11.89 11.97 -17.43
N THR I 79 -10.77 11.54 -16.85
CA THR I 79 -9.49 11.55 -17.54
C THR I 79 -8.63 10.46 -16.89
N ASP I 80 -7.97 9.65 -17.70
CA ASP I 80 -7.12 8.59 -17.16
C ASP I 80 -5.85 9.21 -16.62
N THR I 81 -5.11 8.45 -15.82
CA THR I 81 -3.87 8.93 -15.24
C THR I 81 -2.82 9.02 -16.35
N ILE I 82 -1.78 9.82 -16.13
CA ILE I 82 -0.71 9.97 -17.12
C ILE I 82 0.61 9.55 -16.46
N CYS I 83 1.30 8.56 -17.05
CA CYS I 83 2.57 8.09 -16.50
C CYS I 83 3.74 8.59 -17.33
N THR I 84 4.95 8.53 -16.78
CA THR I 84 6.17 8.94 -17.49
C THR I 84 7.30 8.17 -16.83
N CYS I 85 8.51 8.24 -17.38
CA CYS I 85 9.59 7.50 -16.76
C CYS I 85 10.13 8.18 -15.52
N GLU I 86 11.01 7.47 -14.81
CA GLU I 86 11.66 7.99 -13.61
C GLU I 86 12.88 8.78 -14.06
N GLU I 87 13.26 9.81 -13.30
CA GLU I 87 14.41 10.60 -13.69
C GLU I 87 15.58 9.65 -13.84
N GLY I 88 16.12 9.59 -15.06
CA GLY I 88 17.24 8.73 -15.34
C GLY I 88 16.81 7.57 -16.21
N TRP I 89 15.52 7.47 -16.45
CA TRP I 89 14.97 6.39 -17.27
C TRP I 89 14.31 6.96 -18.53
N HIS I 90 14.10 6.12 -19.52
CA HIS I 90 13.50 6.53 -20.78
C HIS I 90 12.58 5.44 -21.32
N CYS I 91 11.66 5.80 -22.20
CA CYS I 91 10.74 4.83 -22.77
C CYS I 91 11.42 3.86 -23.73
N THR I 92 10.85 2.67 -23.89
CA THR I 92 11.40 1.65 -24.79
C THR I 92 10.59 1.60 -26.09
N SER I 93 9.80 2.63 -26.33
CA SER I 93 8.96 2.73 -27.52
C SER I 93 8.04 3.88 -27.17
N GLU I 94 7.60 4.67 -28.14
CA GLU I 94 6.73 5.79 -27.82
C GLU I 94 5.47 5.38 -27.06
N ALA I 95 5.47 4.15 -26.55
CA ALA I 95 4.33 3.62 -25.80
C ALA I 95 4.61 3.65 -24.29
N CYS I 96 5.85 3.96 -23.94
CA CYS I 96 6.31 4.01 -22.54
C CYS I 96 5.66 2.95 -21.71
N GLU I 97 5.50 1.75 -22.25
CA GLU I 97 4.91 0.70 -21.44
C GLU I 97 6.01 0.23 -20.47
N SER I 98 7.19 0.83 -20.60
CA SER I 98 8.33 0.50 -19.75
C SER I 98 9.37 1.61 -19.81
N CYS I 99 10.45 1.47 -19.07
CA CYS I 99 11.52 2.47 -19.05
C CYS I 99 12.80 1.78 -18.62
N VAL I 100 13.95 2.31 -19.02
CA VAL I 100 15.24 1.75 -18.65
C VAL I 100 16.23 2.86 -18.31
N LEU I 101 17.11 2.59 -17.36
CA LEU I 101 18.08 3.61 -16.98
C LEU I 101 18.84 4.03 -18.22
N HIS I 102 19.43 5.22 -18.17
CA HIS I 102 20.23 5.73 -19.28
C HIS I 102 21.57 5.00 -19.22
N ARG I 103 22.15 4.71 -20.38
CA ARG I 103 23.43 4.02 -20.43
C ARG I 103 24.56 5.02 -20.59
N SER I 104 25.59 4.91 -19.76
CA SER I 104 26.74 5.81 -19.87
C SER I 104 28.05 5.09 -19.53
N CYS I 105 29.07 5.88 -19.14
CA CYS I 105 30.40 5.36 -18.82
C CYS I 105 31.26 6.41 -18.13
N LYS I 112 27.23 11.27 -28.18
CA LYS I 112 26.72 12.27 -29.13
C LYS I 112 25.51 13.00 -28.58
N GLN I 113 24.42 12.28 -28.38
CA GLN I 113 23.19 12.88 -27.85
C GLN I 113 22.80 12.25 -26.51
N ILE I 114 22.62 13.11 -25.50
CA ILE I 114 22.25 12.68 -24.14
C ILE I 114 20.89 11.96 -24.12
N ALA I 115 20.41 11.65 -22.91
CA ALA I 115 19.14 10.94 -22.75
C ALA I 115 17.99 11.79 -22.19
N THR I 116 16.76 11.31 -22.37
CA THR I 116 15.57 11.99 -21.88
C THR I 116 14.38 11.04 -21.83
N GLY I 117 13.32 11.46 -21.14
CA GLY I 117 12.11 10.66 -21.00
C GLY I 117 11.81 9.68 -22.13
N VAL I 118 11.98 10.13 -23.38
CA VAL I 118 11.75 9.29 -24.55
C VAL I 118 13.05 9.09 -25.32
N SER I 119 14.09 9.80 -24.91
CA SER I 119 15.41 9.77 -25.55
C SER I 119 16.26 8.52 -25.32
N ASP I 120 17.48 8.75 -24.86
CA ASP I 120 18.47 7.72 -24.55
C ASP I 120 19.92 8.15 -24.83
N THR I 121 20.74 8.16 -23.77
CA THR I 121 22.14 8.51 -23.90
C THR I 121 22.79 7.53 -24.87
N ILE I 122 24.06 7.76 -25.18
CA ILE I 122 24.82 6.90 -26.10
C ILE I 122 26.33 6.96 -25.78
N CYS I 123 26.69 6.70 -24.51
CA CYS I 123 28.08 6.77 -24.05
C CYS I 123 29.09 6.30 -25.08
N GLU I 124 30.18 7.07 -25.18
CA GLU I 124 31.29 6.85 -26.11
C GLU I 124 32.52 6.18 -25.47
N PRO I 125 33.02 5.10 -26.12
CA PRO I 125 34.18 4.31 -25.68
C PRO I 125 35.48 5.12 -25.50
N GLU J 1 -20.09 -72.78 -32.97
CA GLU J 1 -20.93 -71.62 -32.57
C GLU J 1 -21.29 -70.79 -33.81
N PRO J 2 -22.30 -69.90 -33.70
CA PRO J 2 -22.71 -69.05 -34.84
C PRO J 2 -21.91 -67.75 -34.83
N PRO J 3 -22.11 -66.89 -35.83
CA PRO J 3 -21.32 -65.66 -35.78
C PRO J 3 -21.58 -64.92 -34.46
N THR J 4 -20.67 -64.05 -34.06
CA THR J 4 -20.79 -63.28 -32.83
C THR J 4 -20.27 -61.86 -33.04
N ALA J 5 -19.04 -61.79 -33.54
CA ALA J 5 -18.40 -60.52 -33.81
C ALA J 5 -18.89 -59.97 -35.13
N CYS J 6 -18.85 -58.64 -35.24
CA CYS J 6 -19.27 -57.90 -36.43
C CYS J 6 -18.23 -58.03 -37.52
N ARG J 7 -18.55 -57.52 -38.71
CA ARG J 7 -17.63 -57.57 -39.83
C ARG J 7 -16.39 -56.84 -39.41
N GLU J 8 -15.65 -56.35 -40.41
CA GLU J 8 -14.42 -55.62 -40.18
C GLU J 8 -14.69 -54.14 -40.04
N LYS J 9 -15.21 -53.51 -41.10
CA LYS J 9 -15.49 -52.07 -41.06
C LYS J 9 -16.74 -51.74 -40.25
N GLN J 10 -17.14 -52.66 -39.39
CA GLN J 10 -18.30 -52.42 -38.54
C GLN J 10 -17.81 -52.30 -37.12
N TYR J 11 -18.57 -51.62 -36.28
CA TYR J 11 -18.21 -51.48 -34.88
C TYR J 11 -19.46 -51.87 -34.11
N LEU J 12 -19.32 -52.64 -33.04
CA LEU J 12 -20.49 -53.06 -32.28
C LEU J 12 -21.11 -51.95 -31.48
N ILE J 13 -22.43 -51.89 -31.49
CA ILE J 13 -23.16 -50.90 -30.72
C ILE J 13 -24.55 -51.40 -30.35
N ASN J 14 -24.73 -51.58 -29.04
CA ASN J 14 -25.97 -52.05 -28.45
C ASN J 14 -26.82 -52.98 -29.32
N SER J 15 -26.38 -54.24 -29.40
CA SER J 15 -27.08 -55.26 -30.16
C SER J 15 -26.94 -55.09 -31.67
N GLN J 16 -26.44 -53.94 -32.10
CA GLN J 16 -26.30 -53.70 -33.52
C GLN J 16 -24.86 -53.57 -33.97
N CYS J 17 -24.63 -53.88 -35.24
CA CYS J 17 -23.31 -53.75 -35.83
C CYS J 17 -23.41 -52.66 -36.86
N CYS J 18 -22.91 -51.48 -36.55
CA CYS J 18 -22.97 -50.42 -37.52
C CYS J 18 -21.71 -50.48 -38.35
N SER J 19 -21.56 -49.54 -39.27
CA SER J 19 -20.36 -49.52 -40.09
C SER J 19 -19.58 -48.33 -39.58
N LEU J 20 -18.27 -48.46 -39.48
CA LEU J 20 -17.43 -47.34 -39.02
C LEU J 20 -17.40 -46.33 -40.16
N CYS J 21 -16.93 -45.11 -39.89
CA CYS J 21 -16.85 -44.13 -40.96
C CYS J 21 -15.49 -44.28 -41.64
N GLN J 22 -15.50 -44.23 -42.96
CA GLN J 22 -14.28 -44.36 -43.71
C GLN J 22 -13.28 -43.24 -43.40
N PRO J 23 -11.97 -43.52 -43.53
CA PRO J 23 -10.91 -42.55 -43.28
C PRO J 23 -11.12 -41.23 -43.99
N GLY J 24 -11.69 -40.25 -43.29
CA GLY J 24 -11.93 -38.96 -43.89
C GLY J 24 -13.23 -38.38 -43.41
N GLN J 25 -14.05 -39.21 -42.78
CA GLN J 25 -15.33 -38.75 -42.28
C GLN J 25 -15.47 -39.10 -40.80
N LYS J 26 -16.08 -38.20 -40.04
CA LYS J 26 -16.28 -38.44 -38.61
C LYS J 26 -17.70 -38.87 -38.36
N LEU J 27 -17.90 -39.75 -37.38
CA LEU J 27 -19.22 -40.25 -37.05
C LEU J 27 -20.12 -39.12 -36.60
N VAL J 28 -21.32 -39.06 -37.17
CA VAL J 28 -22.26 -38.02 -36.82
C VAL J 28 -23.45 -38.63 -36.12
N SER J 29 -23.69 -39.93 -36.36
CA SER J 29 -24.82 -40.62 -35.71
C SER J 29 -24.78 -42.12 -36.00
N ASP J 30 -24.78 -42.93 -34.94
CA ASP J 30 -24.74 -44.38 -35.08
C ASP J 30 -25.87 -44.82 -36.00
N CYS J 31 -25.86 -46.08 -36.41
CA CYS J 31 -26.89 -46.60 -37.30
C CYS J 31 -28.07 -47.19 -36.57
N THR J 32 -29.00 -47.75 -37.34
CA THR J 32 -30.18 -48.39 -36.79
C THR J 32 -30.35 -49.69 -37.59
N GLU J 33 -31.57 -50.20 -37.64
CA GLU J 33 -31.84 -51.43 -38.36
C GLU J 33 -32.15 -51.18 -39.83
N PHE J 34 -32.37 -49.92 -40.19
CA PHE J 34 -32.68 -49.60 -41.59
C PHE J 34 -31.93 -48.40 -42.15
N THR J 35 -31.28 -47.63 -41.28
CA THR J 35 -30.54 -46.44 -41.71
C THR J 35 -29.07 -46.52 -41.29
N GLU J 36 -28.17 -46.40 -42.27
CA GLU J 36 -26.73 -46.52 -42.02
C GLU J 36 -26.11 -45.48 -41.10
N THR J 37 -24.92 -45.81 -40.59
CA THR J 37 -24.16 -44.91 -39.74
C THR J 37 -24.09 -43.67 -40.57
N GLU J 38 -23.97 -42.51 -39.92
CA GLU J 38 -23.89 -41.23 -40.63
C GLU J 38 -22.56 -40.54 -40.37
N CYS J 39 -21.92 -40.03 -41.41
CA CYS J 39 -20.65 -39.36 -41.21
C CYS J 39 -20.60 -38.07 -42.01
N LEU J 40 -19.47 -37.37 -41.91
CA LEU J 40 -19.25 -36.13 -42.64
C LEU J 40 -17.75 -35.94 -42.74
N PRO J 41 -17.25 -35.59 -43.94
CA PRO J 41 -15.82 -35.38 -44.19
C PRO J 41 -15.19 -34.37 -43.22
N CYS J 42 -13.88 -34.49 -42.99
CA CYS J 42 -13.22 -33.55 -42.09
C CYS J 42 -13.11 -32.17 -42.72
N GLY J 43 -12.74 -31.17 -41.92
CA GLY J 43 -12.60 -29.82 -42.43
C GLY J 43 -11.36 -29.57 -43.27
N GLU J 44 -11.13 -28.28 -43.55
CA GLU J 44 -10.00 -27.85 -44.38
C GLU J 44 -8.64 -28.06 -43.73
N SER J 45 -8.59 -28.39 -42.44
CA SER J 45 -7.30 -28.59 -41.77
C SER J 45 -7.29 -29.82 -40.88
N GLU J 46 -8.35 -30.61 -41.00
CA GLU J 46 -8.50 -31.81 -40.21
C GLU J 46 -8.23 -33.07 -41.03
N PHE J 47 -8.51 -34.23 -40.45
CA PHE J 47 -8.30 -35.51 -41.12
C PHE J 47 -8.55 -36.68 -40.17
N LEU J 48 -8.66 -37.86 -40.73
CA LEU J 48 -8.87 -39.08 -39.96
C LEU J 48 -8.31 -40.16 -40.86
N ASP J 49 -7.20 -40.76 -40.44
CA ASP J 49 -6.55 -41.79 -41.25
C ASP J 49 -6.94 -43.20 -40.79
N THR J 50 -8.22 -43.44 -40.65
CA THR J 50 -8.67 -44.76 -40.23
C THR J 50 -10.16 -44.89 -40.05
N TRP J 51 -10.66 -46.06 -40.41
CA TRP J 51 -12.08 -46.34 -40.26
C TRP J 51 -12.38 -46.10 -38.80
N ASN J 52 -12.83 -44.89 -38.50
CA ASN J 52 -13.13 -44.52 -37.13
C ASN J 52 -14.60 -44.46 -36.79
N ARG J 53 -14.83 -43.97 -35.57
CA ARG J 53 -16.16 -43.78 -35.04
C ARG J 53 -15.97 -42.60 -34.11
N GLU J 54 -15.06 -41.70 -34.52
CA GLU J 54 -14.71 -40.51 -33.75
C GLU J 54 -15.65 -39.36 -34.04
N THR J 55 -15.89 -38.50 -33.06
CA THR J 55 -16.82 -37.40 -33.27
C THR J 55 -16.11 -36.13 -33.70
N HIS J 56 -14.81 -36.08 -33.45
CA HIS J 56 -14.00 -34.92 -33.84
C HIS J 56 -12.84 -35.46 -34.64
N CYS J 57 -12.50 -34.79 -35.75
CA CYS J 57 -11.36 -35.20 -36.56
C CYS J 57 -10.10 -34.76 -35.83
N HIS J 58 -8.94 -35.08 -36.39
CA HIS J 58 -7.69 -34.65 -35.78
C HIS J 58 -7.26 -33.41 -36.55
N GLN J 59 -6.47 -32.53 -35.96
CA GLN J 59 -6.07 -31.37 -36.75
C GLN J 59 -4.72 -31.64 -37.39
N HIS J 60 -4.56 -31.19 -38.64
CA HIS J 60 -3.32 -31.39 -39.38
C HIS J 60 -2.13 -30.93 -38.57
N LYS J 61 -1.14 -31.80 -38.44
CA LYS J 61 0.08 -31.47 -37.68
C LYS J 61 0.57 -30.07 -38.01
N TYR J 62 1.27 -29.43 -37.08
CA TYR J 62 1.77 -28.07 -37.34
C TYR J 62 3.30 -28.06 -37.45
N CYS J 63 3.81 -27.54 -38.55
CA CYS J 63 5.26 -27.45 -38.75
C CYS J 63 5.69 -26.05 -38.33
N ASP J 64 5.52 -25.74 -37.04
CA ASP J 64 5.86 -24.43 -36.46
C ASP J 64 7.24 -23.94 -36.90
N PRO J 65 7.29 -22.90 -37.75
CA PRO J 65 8.57 -22.38 -38.23
C PRO J 65 9.52 -21.93 -37.11
N ASN J 66 8.95 -21.38 -36.03
CA ASN J 66 9.73 -20.93 -34.88
C ASN J 66 10.66 -22.02 -34.40
N LEU J 67 10.24 -23.28 -34.58
CA LEU J 67 11.04 -24.40 -34.16
C LEU J 67 11.98 -24.85 -35.28
N GLY J 68 11.79 -24.27 -36.46
CA GLY J 68 12.65 -24.62 -37.57
C GLY J 68 12.15 -25.76 -38.43
N LEU J 69 10.83 -25.82 -38.62
CA LEU J 69 10.27 -26.87 -39.42
C LEU J 69 9.66 -26.31 -40.70
N ARG J 70 9.14 -27.19 -41.53
CA ARG J 70 8.54 -26.79 -42.78
C ARG J 70 7.56 -27.83 -43.27
N VAL J 71 6.50 -27.37 -43.91
CA VAL J 71 5.49 -28.27 -44.45
C VAL J 71 6.16 -29.09 -45.55
N GLN J 72 6.40 -30.37 -45.28
CA GLN J 72 7.05 -31.25 -46.27
C GLN J 72 5.97 -31.78 -47.22
N GLN J 73 4.82 -32.11 -46.64
CA GLN J 73 3.73 -32.65 -47.43
C GLN J 73 2.42 -32.34 -46.74
N LYS J 74 1.55 -31.58 -47.41
CA LYS J 74 0.26 -31.23 -46.81
C LYS J 74 -0.45 -32.47 -46.33
N GLY J 75 -1.67 -32.26 -45.87
CA GLY J 75 -2.47 -33.36 -45.38
C GLY J 75 -3.83 -33.40 -46.05
N THR J 76 -4.24 -34.59 -46.42
CA THR J 76 -5.53 -34.78 -47.07
C THR J 76 -6.52 -35.02 -45.95
N SER J 77 -7.78 -35.29 -46.30
CA SER J 77 -8.76 -35.54 -45.27
C SER J 77 -8.61 -36.96 -44.77
N GLU J 78 -7.48 -37.59 -45.06
CA GLU J 78 -7.23 -38.94 -44.61
C GLU J 78 -5.76 -39.26 -44.37
N THR J 79 -4.94 -38.20 -44.29
CA THR J 79 -3.51 -38.35 -44.03
C THR J 79 -3.04 -37.08 -43.33
N ASP J 80 -2.27 -37.21 -42.25
CA ASP J 80 -1.81 -36.03 -41.54
C ASP J 80 -0.72 -35.33 -42.35
N THR J 81 -0.41 -34.10 -42.00
CA THR J 81 0.63 -33.36 -42.68
C THR J 81 1.98 -33.92 -42.25
N ILE J 82 2.97 -33.80 -43.13
CA ILE J 82 4.32 -34.28 -42.82
C ILE J 82 5.27 -33.09 -42.73
N CYS J 83 6.02 -33.01 -41.62
CA CYS J 83 6.97 -31.92 -41.43
C CYS J 83 8.41 -32.41 -41.57
N THR J 84 9.33 -31.47 -41.74
CA THR J 84 10.77 -31.74 -41.84
C THR J 84 11.49 -30.43 -41.52
N CYS J 85 12.79 -30.52 -41.23
CA CYS J 85 13.55 -29.33 -40.92
C CYS J 85 13.76 -28.42 -42.12
N GLU J 86 14.26 -27.23 -41.83
CA GLU J 86 14.54 -26.26 -42.87
C GLU J 86 15.94 -26.56 -43.37
N GLU J 87 16.21 -26.24 -44.62
CA GLU J 87 17.54 -26.50 -45.17
C GLU J 87 18.54 -25.82 -44.25
N GLY J 88 19.45 -26.62 -43.70
CA GLY J 88 20.45 -26.07 -42.81
C GLY J 88 20.15 -26.44 -41.38
N TRP J 89 19.01 -27.06 -41.16
CA TRP J 89 18.61 -27.46 -39.82
C TRP J 89 18.43 -28.96 -39.77
N HIS J 90 18.41 -29.51 -38.57
CA HIS J 90 18.26 -30.96 -38.40
C HIS J 90 17.46 -31.28 -37.15
N CYS J 91 16.90 -32.49 -37.08
CA CYS J 91 16.11 -32.89 -35.92
C CYS J 91 16.95 -33.05 -34.66
N THR J 92 16.31 -32.93 -33.50
CA THR J 92 16.98 -33.04 -32.20
C THR J 92 16.73 -34.41 -31.58
N SER J 93 16.06 -35.28 -32.33
CA SER J 93 15.76 -36.63 -31.90
C SER J 93 14.87 -37.22 -32.97
N GLU J 94 14.88 -38.55 -33.05
CA GLU J 94 14.10 -39.26 -34.06
C GLU J 94 12.67 -38.74 -34.26
N ALA J 95 11.95 -38.55 -33.16
CA ALA J 95 10.58 -38.05 -33.26
C ALA J 95 10.59 -36.86 -34.23
N CYS J 96 11.59 -36.01 -34.05
CA CYS J 96 11.80 -34.81 -34.86
C CYS J 96 10.77 -33.70 -34.61
N GLU J 97 10.57 -33.37 -33.33
CA GLU J 97 9.61 -32.32 -32.97
C GLU J 97 10.22 -30.94 -33.15
N SER J 98 11.52 -30.83 -32.93
CA SER J 98 12.20 -29.55 -33.09
C SER J 98 13.41 -29.71 -33.99
N CYS J 99 13.88 -28.61 -34.55
CA CYS J 99 15.03 -28.66 -35.42
C CYS J 99 16.12 -27.78 -34.85
N VAL J 100 17.37 -28.11 -35.15
CA VAL J 100 18.52 -27.33 -34.69
C VAL J 100 19.43 -27.00 -35.88
N LEU J 101 20.03 -25.80 -35.86
CA LEU J 101 20.92 -25.35 -36.94
C LEU J 101 22.15 -26.26 -37.08
N HIS J 102 22.34 -26.80 -38.28
CA HIS J 102 23.46 -27.69 -38.58
C HIS J 102 24.77 -27.34 -37.87
N ARG J 103 25.53 -28.37 -37.52
CA ARG J 103 26.79 -28.23 -36.81
C ARG J 103 27.99 -28.17 -37.77
N SER J 104 28.58 -26.98 -37.95
CA SER J 104 29.73 -26.81 -38.85
C SER J 104 31.08 -26.88 -38.11
N CYS J 105 32.18 -26.83 -38.86
CA CYS J 105 33.54 -26.89 -38.28
C CYS J 105 34.60 -26.31 -39.20
N LYS J 112 33.52 -34.98 -41.91
CA LYS J 112 33.72 -35.34 -43.31
C LYS J 112 32.40 -35.63 -44.00
N GLN J 113 31.45 -36.21 -43.27
CA GLN J 113 30.14 -36.56 -43.81
C GLN J 113 29.15 -35.40 -43.68
N ILE J 114 28.52 -35.01 -44.78
CA ILE J 114 27.56 -33.90 -44.79
C ILE J 114 26.37 -34.15 -43.87
N ALA J 115 25.50 -33.15 -43.74
CA ALA J 115 24.29 -33.23 -42.91
C ALA J 115 23.07 -33.41 -43.83
N THR J 116 22.20 -34.37 -43.50
CA THR J 116 21.03 -34.60 -44.34
C THR J 116 19.75 -33.91 -43.83
N GLY J 117 19.80 -33.35 -42.64
CA GLY J 117 18.62 -32.70 -42.11
C GLY J 117 18.09 -33.56 -40.98
N VAL J 118 17.48 -34.69 -41.33
CA VAL J 118 16.97 -35.60 -40.30
C VAL J 118 18.20 -36.16 -39.60
N SER J 119 19.36 -35.77 -40.11
CA SER J 119 20.64 -36.20 -39.58
C SER J 119 21.50 -34.97 -39.30
N ASP J 120 22.77 -35.18 -38.96
CA ASP J 120 23.66 -34.06 -38.69
C ASP J 120 24.93 -34.05 -39.52
N THR J 121 25.91 -33.24 -39.10
CA THR J 121 27.20 -33.12 -39.79
C THR J 121 28.33 -33.63 -38.90
N ILE J 122 28.90 -34.77 -39.28
CA ILE J 122 29.99 -35.39 -38.54
C ILE J 122 31.35 -34.90 -39.00
N CYS J 123 31.98 -34.09 -38.15
CA CYS J 123 33.28 -33.55 -38.46
C CYS J 123 34.31 -34.49 -37.92
N GLU J 124 35.34 -34.76 -38.72
CA GLU J 124 36.41 -35.65 -38.30
C GLU J 124 37.67 -34.81 -38.06
N PRO J 125 37.96 -34.51 -36.78
CA PRO J 125 39.15 -33.71 -36.50
C PRO J 125 40.38 -34.40 -37.05
C1 NAG K . 0.35 40.65 22.93
C2 NAG K . 1.63 41.47 23.26
C3 NAG K . 1.47 42.35 24.51
C4 NAG K . 0.18 43.14 24.42
C5 NAG K . -0.95 42.11 24.32
C6 NAG K . -2.36 42.63 24.42
C7 NAG K . 3.05 40.09 24.66
C8 NAG K . 2.11 39.04 25.27
N2 NAG K . 2.73 40.55 23.45
O3 NAG K . 2.59 43.23 24.62
O4 NAG K . 0.03 43.95 25.59
O5 NAG K . -0.84 41.44 23.06
O6 NAG K . -3.29 41.62 24.04
O7 NAG K . 4.03 40.47 25.29
C1 NAG L . 10.49 19.82 -4.64
C2 NAG L . 11.72 20.64 -4.19
C3 NAG L . 12.35 21.29 -5.43
C4 NAG L . 12.59 20.27 -6.57
C5 NAG L . 11.34 19.39 -6.83
C6 NAG L . 11.68 18.21 -7.74
C7 NAG L . 12.16 22.13 -2.31
C8 NAG L . 13.35 22.98 -2.74
N2 NAG L . 11.32 21.69 -3.25
O3 NAG L . 13.60 21.87 -5.07
O4 NAG L . 12.92 20.97 -7.76
O5 NAG L . 10.87 18.82 -5.60
O6 NAG L . 12.22 17.11 -7.01
O7 NAG L . 11.97 21.93 -1.10
C1 NAG M . 16.86 9.31 28.20
C2 NAG M . 17.79 8.40 28.99
C3 NAG M . 19.10 8.32 28.21
C4 NAG M . 18.87 7.89 26.74
C5 NAG M . 17.65 8.59 26.06
C6 NAG M . 17.16 7.83 24.81
C7 NAG M . 17.75 8.19 31.39
C8 NAG M . 18.83 7.21 31.88
N2 NAG M . 18.04 8.93 30.32
O3 NAG M . 19.97 7.39 28.84
O4 NAG M . 20.04 8.20 25.99
O5 NAG M . 16.52 8.67 26.97
O6 NAG M . 15.83 7.32 24.95
O7 NAG M . 16.69 8.27 32.00
C1 NAG N . 0.83 -16.77 3.00
C2 NAG N . 2.36 -16.60 3.20
C3 NAG N . 2.91 -17.58 4.27
C4 NAG N . 2.25 -18.97 4.14
C5 NAG N . 0.71 -18.88 4.16
C6 NAG N . 0.15 -19.48 5.44
C7 NAG N . 4.29 -16.34 1.77
C8 NAG N . 5.46 -17.26 2.12
N2 NAG N . 3.06 -16.81 1.94
O3 NAG N . 2.70 -17.07 5.57
O4 NAG N . 2.69 -19.61 2.94
O5 NAG N . 0.26 -17.50 4.11
O6 NAG N . 1.10 -19.38 6.50
O7 NAG N . 4.51 -15.21 1.35
C1 NAG O . -3.98 -5.32 -29.63
C2 NAG O . -4.62 -4.09 -30.23
C3 NAG O . -3.75 -2.91 -29.87
C4 NAG O . -3.84 -2.75 -28.34
C5 NAG O . -3.58 -4.07 -27.55
C6 NAG O . -4.26 -4.02 -26.18
C7 NAG O . -5.94 -4.72 -32.13
C8 NAG O . -5.89 -5.38 -33.50
N2 NAG O . -4.79 -4.24 -31.66
O3 NAG O . -4.24 -1.74 -30.52
O4 NAG O . -2.93 -1.74 -27.91
O5 NAG O . -4.12 -5.26 -28.20
O6 NAG O . -5.68 -4.24 -26.28
O7 NAG O . -7.01 -4.64 -31.51
C1 NAG P . 1.73 -39.01 -23.06
C2 NAG P . 3.14 -39.45 -23.56
C3 NAG P . 3.01 -40.47 -24.69
C4 NAG P . 2.18 -39.88 -25.84
C5 NAG P . 0.88 -39.19 -25.31
C6 NAG P . -0.41 -39.58 -26.07
C7 NAG P . 3.96 -37.20 -23.27
C8 NAG P . 2.98 -36.08 -23.55
N2 NAG P . 3.88 -38.30 -24.02
O3 NAG P . 2.40 -41.67 -24.21
O4 NAG P . 2.97 -38.91 -26.53
O5 NAG P . 0.69 -39.53 -23.91
O6 NAG P . -1.06 -38.46 -26.65
O7 NAG P . 4.79 -37.08 -22.37
#